data_5HP1
#
_entry.id   5HP1
#
_cell.length_a   90.325
_cell.length_b   129.069
_cell.length_c   131.542
_cell.angle_alpha   90.00
_cell.angle_beta   101.00
_cell.angle_gamma   90.00
#
_symmetry.space_group_name_H-M   'P 1 21 1'
#
loop_
_entity.id
_entity.type
_entity.pdbx_description
1 polymer 'HIV-1 REVERSE TRANSCRIPTASE P66 SUBUNIT'
2 polymer 'HIV-1 REVERSE TRANSCRIPTASE P51 SUBUNIT'
3 polymer 'DNA (38-MER)'
4 branched beta-D-fructofuranose-(2-1)-alpha-D-glucopyranose
5 non-polymer 'MAGNESIUM ION'
6 non-polymer 'PHOSPHONOFORMIC ACID'
7 non-polymer 'SULFATE ION'
8 non-polymer GLYCEROL
9 non-polymer "3'-AZIDO-3'-DEOXYTHYMIDINE-5'-MONOPHOSPHATE"
10 water water
#
loop_
_entity_poly.entity_id
_entity_poly.type
_entity_poly.pdbx_seq_one_letter_code
_entity_poly.pdbx_strand_id
1 'polypeptide(L)'
;PISPIETVPVKLKPGMDGPKVKQWPLTEEKIKALVEICTEMEKEGKISKIGPENPYNTPVFAIKKKDSTKWRKLVDFREL
NKRTQDFWEVQLGIPHPAGLKKKKSVTVLDVGDAYFSVPLDEDFRKYTAFTIPSINNETPGIRYQYNVLPQGWKGSPAIF
QSSMTKILEPFKKQNPDIVIYQYMDDLYVGSDLEIGQHRTKIEELRQHLLRWGLTTPDKKHQKEPPFLWMGYELHPDKWT
VQPIVLPEKDSWTVNDIQKLVGKLNWASQIYPGIKVRQLSKLLRGTKALTEVIPLTEEAELELAENREILKEPVHGVYYD
PSKDLIAEIQKQGQGQWTYQIYQEPFKNLKTGKYARMRGAHTNDVKQLTEAVQKITTESIVIWGKTPKFKLPIQKETWET
WWTEYWQATWIPEWEFVNTPPLVKLWYQLEKEPIVGAETFYVDGAANRETKLGKAGYVTNKGRQKVVPLTNTTNQKTELQ
AIYLALQDSGLEVNIVTDSQYALGIIQAQPDKSESELVNQIIEQLIKKEKVYLAWVPAHKGIGGNEQVDKLVSAG
;
A,C
2 'polypeptide(L)'
;MAHHHHHHALEVLFQGPISPIETVPVKLKPGMDGPKVKQWPLTEEKIKALVEICTEMEKEGKISKIGPENPYNTPVFAIK
KKDSTKWRKLVDFRELNKRTQDFWEVQLGIPHPAGLKKKKSVTVLDVGDAYFSVPLDEDFRKYTAFTIPSINNETPGIRY
QYNVLPQGWKGSPAIFQSSMTKILEPFKKQNPDIVIYQYMDDLYVGSDLEIGQHRTKIEELRQHLLRWGLTTPDKKHQKE
PPFLWMGYELHPDKWTVQPIVLPEKDSWTVNDIQKLVGKLNWASQIYPGIKVRQLSKLLRGTKALTEVIPLTEEAELELA
ENREILKEPVHGVYYDPSKDLIAEIQKQGQGQWTYQIYQEPFKNLKTGKYARMRGAHTNDVKQLTEAVQKITTESIVIWG
KTPKFKLPIQKETWETWWTEYWQATWIPEWEFVNTPPLVKLWYQ
;
B,D
3 'polydeoxyribonucleotide'
;(DT)(DA)(DA)(DT)(DA)(DC)(OMC)(DC)(OMC)(DC)(DC)(DC)(DT)(DT)(DC)(DG)(DG)(DT)(DG)
(DC)(DT)(DT)(DT)(DG)(DC)(DA)(DC)(DC)(DG)(DA)(DA)(DG)(DG)(DG)(DG)(DG)(DG)(DG)
;
F,E
#
loop_
_chem_comp.id
_chem_comp.type
_chem_comp.name
_chem_comp.formula
ATM DNA linking 3'-AZIDO-3'-DEOXYTHYMIDINE-5'-MONOPHOSPHATE 'C10 H14 N5 O7 P'
DA DNA linking 2'-DEOXYADENOSINE-5'-MONOPHOSPHATE 'C10 H14 N5 O6 P'
DC DNA linking 2'-DEOXYCYTIDINE-5'-MONOPHOSPHATE 'C9 H14 N3 O7 P'
DG DNA linking 2'-DEOXYGUANOSINE-5'-MONOPHOSPHATE 'C10 H14 N5 O7 P'
DT DNA linking THYMIDINE-5'-MONOPHOSPHATE 'C10 H15 N2 O8 P'
FRU D-saccharide, beta linking beta-D-fructofuranose 'C6 H12 O6'
GLC D-saccharide, alpha linking alpha-D-glucopyranose 'C6 H12 O6'
GOL non-polymer GLYCEROL 'C3 H8 O3'
MG non-polymer 'MAGNESIUM ION' 'Mg 2'
OMC RNA linking O2'-METHYLYCYTIDINE-5'-MONOPHOSPHATE 'C10 H16 N3 O8 P'
PPF non-polymer 'PHOSPHONOFORMIC ACID' 'C H3 O5 P'
SO4 non-polymer 'SULFATE ION' 'O4 S -2'
#
# COMPACT_ATOMS: atom_id res chain seq x y z
N PRO A 1 -31.68 -3.63 -55.37
CA PRO A 1 -31.60 -2.48 -54.44
C PRO A 1 -30.89 -2.88 -53.16
N ILE A 2 -29.58 -2.63 -53.10
CA ILE A 2 -28.78 -3.12 -51.98
C ILE A 2 -28.99 -2.26 -50.74
N SER A 3 -28.91 -2.91 -49.59
CA SER A 3 -28.77 -2.33 -48.26
C SER A 3 -27.29 -2.02 -48.09
N PRO A 4 -26.88 -0.77 -47.99
CA PRO A 4 -25.46 -0.47 -48.12
C PRO A 4 -24.73 -0.78 -46.83
N ILE A 5 -23.46 -1.17 -46.99
CA ILE A 5 -22.62 -1.58 -45.88
C ILE A 5 -22.23 -0.34 -45.08
N GLU A 6 -22.62 -0.34 -43.80
CA GLU A 6 -22.27 0.76 -42.90
C GLU A 6 -20.77 0.97 -42.88
N THR A 7 -20.38 2.24 -42.73
CA THR A 7 -18.99 2.63 -42.86
C THR A 7 -18.25 2.28 -41.57
N VAL A 8 -16.93 2.29 -41.65
CA VAL A 8 -16.10 2.04 -40.48
C VAL A 8 -15.38 3.33 -40.13
N PRO A 9 -15.66 3.94 -38.98
CA PRO A 9 -15.02 5.21 -38.60
C PRO A 9 -13.51 5.09 -38.53
N VAL A 10 -12.82 5.84 -39.39
CA VAL A 10 -11.37 5.74 -39.48
C VAL A 10 -10.80 7.16 -39.39
N LYS A 11 -9.80 7.34 -38.54
CA LYS A 11 -9.16 8.61 -38.27
C LYS A 11 -7.69 8.57 -38.70
N LEU A 12 -7.08 9.75 -38.75
CA LEU A 12 -5.64 9.83 -38.93
C LEU A 12 -4.97 9.88 -37.57
N LYS A 13 -3.68 9.58 -37.54
CA LYS A 13 -2.92 9.70 -36.31
C LYS A 13 -2.98 11.13 -35.78
N PRO A 14 -3.34 11.32 -34.49
CA PRO A 14 -3.46 12.67 -33.90
C PRO A 14 -2.47 13.72 -34.38
N GLY A 15 -2.99 14.84 -34.86
CA GLY A 15 -2.16 15.94 -35.30
C GLY A 15 -1.31 15.68 -36.53
N MET A 16 -1.74 14.77 -37.39
CA MET A 16 -1.11 14.59 -38.70
C MET A 16 -2.15 14.82 -39.78
N ASP A 17 -1.67 15.23 -40.95
CA ASP A 17 -2.54 15.63 -42.05
C ASP A 17 -2.32 14.71 -43.23
N GLY A 18 -3.23 14.78 -44.20
CA GLY A 18 -3.23 13.89 -45.34
C GLY A 18 -1.97 13.91 -46.19
N PRO A 19 -1.90 12.98 -47.15
CA PRO A 19 -0.72 12.87 -48.01
C PRO A 19 -0.66 13.96 -49.07
N LYS A 20 0.55 14.43 -49.36
CA LYS A 20 0.83 15.38 -50.44
C LYS A 20 2.09 14.91 -51.17
N VAL A 21 1.96 13.85 -51.96
CA VAL A 21 3.05 13.27 -52.74
C VAL A 21 2.64 13.23 -54.21
N LYS A 22 3.36 13.98 -55.05
CA LYS A 22 2.95 14.16 -56.44
C LYS A 22 3.35 12.96 -57.31
N GLN A 23 2.52 12.70 -58.32
CA GLN A 23 2.63 11.56 -59.20
C GLN A 23 3.98 11.50 -59.93
N TRP A 24 4.69 10.35 -59.82
CA TRP A 24 5.92 10.16 -60.57
C TRP A 24 5.56 9.96 -62.05
N PRO A 25 6.49 10.23 -62.97
CA PRO A 25 6.17 10.05 -64.40
C PRO A 25 5.74 8.62 -64.74
N LEU A 26 4.68 8.54 -65.55
CA LEU A 26 4.05 7.30 -66.00
C LEU A 26 4.37 7.02 -67.47
N THR A 27 4.88 5.82 -67.76
CA THR A 27 5.07 5.42 -69.15
C THR A 27 3.74 5.30 -69.89
N GLU A 28 3.80 5.61 -71.20
CA GLU A 28 2.62 5.77 -72.06
C GLU A 28 1.60 4.64 -71.92
N GLU A 29 2.00 3.41 -72.25
CA GLU A 29 1.11 2.24 -72.22
C GLU A 29 0.27 2.22 -70.95
N LYS A 30 0.89 2.49 -69.80
CA LYS A 30 0.11 2.47 -68.56
C LYS A 30 -0.93 3.59 -68.59
N ILE A 31 -0.51 4.82 -68.92
CA ILE A 31 -1.40 5.98 -68.88
C ILE A 31 -2.72 5.71 -69.56
N LYS A 32 -2.73 4.90 -70.63
CA LYS A 32 -3.99 4.72 -71.36
C LYS A 32 -4.86 3.76 -70.57
N ALA A 33 -4.40 2.54 -70.36
CA ALA A 33 -5.18 1.56 -69.61
C ALA A 33 -5.64 2.16 -68.30
N LEU A 34 -4.77 2.97 -67.67
CA LEU A 34 -5.13 3.72 -66.47
C LEU A 34 -6.38 4.59 -66.67
N VAL A 35 -6.41 5.40 -67.73
CA VAL A 35 -7.55 6.29 -67.94
C VAL A 35 -8.84 5.51 -68.13
N GLU A 36 -8.80 4.44 -68.91
CA GLU A 36 -10.02 3.66 -69.14
C GLU A 36 -10.51 3.01 -67.85
N ILE A 37 -9.60 2.46 -67.04
CA ILE A 37 -10.00 1.89 -65.75
C ILE A 37 -10.63 2.94 -64.85
N CYS A 38 -10.04 4.14 -64.81
CA CYS A 38 -10.63 5.26 -64.08
C CYS A 38 -12.08 5.52 -64.47
N THR A 39 -12.32 5.71 -65.78
CA THR A 39 -13.67 6.03 -66.25
C THR A 39 -14.68 4.96 -65.87
N GLU A 40 -14.32 3.68 -65.99
CA GLU A 40 -15.19 2.62 -65.52
C GLU A 40 -15.59 2.86 -64.07
N MET A 41 -14.60 2.99 -63.19
CA MET A 41 -14.84 3.24 -61.78
C MET A 41 -15.75 4.44 -61.59
N GLU A 42 -15.54 5.47 -62.43
CA GLU A 42 -16.36 6.68 -62.34
C GLU A 42 -17.82 6.41 -62.66
N LYS A 43 -18.08 5.61 -63.70
CA LYS A 43 -19.45 5.22 -64.02
C LYS A 43 -20.07 4.43 -62.89
N GLU A 44 -19.29 3.52 -62.30
CA GLU A 44 -19.78 2.65 -61.24
C GLU A 44 -20.06 3.39 -59.93
N GLY A 45 -19.47 4.57 -59.73
CA GLY A 45 -19.61 5.26 -58.47
C GLY A 45 -18.49 4.94 -57.50
N LYS A 46 -17.51 4.15 -57.94
CA LYS A 46 -16.41 3.70 -57.10
C LYS A 46 -15.45 4.83 -56.76
N ILE A 47 -15.43 5.91 -57.55
CA ILE A 47 -14.53 7.04 -57.34
C ILE A 47 -15.29 8.30 -57.74
N SER A 48 -15.23 9.32 -56.89
CA SER A 48 -15.89 10.58 -57.18
C SER A 48 -14.93 11.58 -57.82
N LYS A 49 -15.49 12.43 -58.68
CA LYS A 49 -14.73 13.26 -59.60
C LYS A 49 -14.10 14.48 -58.95
N ILE A 50 -14.70 14.99 -57.86
CA ILE A 50 -14.31 16.28 -57.32
C ILE A 50 -12.81 16.36 -57.07
N GLY A 51 -12.22 17.49 -57.46
CA GLY A 51 -10.83 17.78 -57.16
C GLY A 51 -10.37 19.23 -57.02
N PRO A 52 -11.27 20.23 -56.97
CA PRO A 52 -10.74 21.60 -56.83
C PRO A 52 -10.26 21.88 -55.43
N GLU A 53 -10.98 21.36 -54.44
CA GLU A 53 -10.90 21.78 -53.04
C GLU A 53 -10.01 20.89 -52.17
N ASN A 54 -9.49 19.79 -52.69
CA ASN A 54 -8.71 18.89 -51.83
C ASN A 54 -7.22 18.91 -52.15
N PRO A 55 -6.39 19.43 -51.25
CA PRO A 55 -4.96 19.64 -51.56
C PRO A 55 -4.17 18.35 -51.75
N TYR A 56 -4.75 17.19 -51.48
CA TYR A 56 -3.99 15.95 -51.33
C TYR A 56 -3.83 15.21 -52.65
N ASN A 57 -2.67 14.57 -52.82
CA ASN A 57 -2.44 13.63 -53.91
C ASN A 57 -1.56 12.48 -53.45
N THR A 58 -1.87 11.28 -53.94
CA THR A 58 -1.04 10.08 -53.81
C THR A 58 -0.72 9.48 -55.17
N PRO A 59 0.53 9.06 -55.39
CA PRO A 59 0.89 8.41 -56.66
C PRO A 59 0.09 7.14 -56.93
N VAL A 60 -0.24 6.91 -58.19
CA VAL A 60 -0.91 5.69 -58.64
C VAL A 60 -0.05 4.97 -59.69
N PHE A 61 -0.28 3.65 -59.81
CA PHE A 61 0.33 2.85 -60.86
C PHE A 61 -0.63 1.72 -61.22
N ALA A 62 -0.21 0.84 -62.14
CA ALA A 62 -1.09 -0.22 -62.65
C ALA A 62 -0.33 -1.48 -63.01
N ILE A 63 -0.83 -2.64 -62.58
CA ILE A 63 -0.24 -3.94 -62.96
C ILE A 63 -1.34 -4.93 -63.32
N LYS A 64 -1.00 -5.87 -64.21
CA LYS A 64 -1.93 -6.89 -64.68
C LYS A 64 -2.32 -7.89 -63.60
N LYS A 65 -3.56 -8.37 -63.63
CA LYS A 65 -3.93 -9.49 -62.76
C LYS A 65 -3.11 -10.72 -63.09
N LYS A 66 -3.12 -11.67 -62.16
CA LYS A 66 -2.36 -12.90 -62.34
C LYS A 66 -3.01 -13.75 -63.44
N ASP A 67 -2.25 -14.01 -64.50
CA ASP A 67 -2.67 -14.82 -65.64
C ASP A 67 -3.90 -14.24 -66.35
N SER A 68 -4.15 -12.95 -66.25
CA SER A 68 -5.35 -12.36 -66.83
C SER A 68 -4.99 -11.24 -67.80
N THR A 69 -5.95 -10.95 -68.69
CA THR A 69 -5.76 -9.94 -69.73
C THR A 69 -5.82 -8.53 -69.16
N LYS A 70 -6.35 -8.36 -67.95
CA LYS A 70 -6.81 -7.07 -67.47
C LYS A 70 -5.71 -6.30 -66.75
N TRP A 71 -5.95 -5.00 -66.59
CA TRP A 71 -5.05 -4.05 -65.92
C TRP A 71 -5.68 -3.60 -64.60
N ARG A 72 -4.88 -3.62 -63.54
CA ARG A 72 -5.40 -3.36 -62.21
C ARG A 72 -4.75 -2.11 -61.61
N LYS A 73 -5.57 -1.26 -60.99
CA LYS A 73 -5.13 0.01 -60.42
C LYS A 73 -4.62 -0.20 -59.01
N LEU A 74 -3.41 0.31 -58.74
CA LEU A 74 -2.84 0.25 -57.41
C LEU A 74 -2.46 1.67 -56.99
N VAL A 75 -2.75 1.99 -55.73
CA VAL A 75 -2.45 3.29 -55.14
C VAL A 75 -1.31 3.13 -54.14
N ASP A 76 -0.29 3.97 -54.26
CA ASP A 76 0.82 4.00 -53.32
C ASP A 76 0.42 4.90 -52.16
N PHE A 77 -0.01 4.27 -51.06
CA PHE A 77 -0.60 4.97 -49.93
C PHE A 77 0.28 4.98 -48.69
N ARG A 78 1.56 4.59 -48.81
CA ARG A 78 2.41 4.42 -47.63
C ARG A 78 2.46 5.67 -46.77
N GLU A 79 2.33 6.85 -47.39
CA GLU A 79 2.33 8.09 -46.61
C GLU A 79 1.06 8.18 -45.79
N LEU A 80 -0.10 8.04 -46.45
CA LEU A 80 -1.36 7.92 -45.73
C LEU A 80 -1.28 6.82 -44.68
N ASN A 81 -0.66 5.69 -45.03
CA ASN A 81 -0.51 4.57 -44.10
C ASN A 81 0.16 5.01 -42.80
N LYS A 82 1.28 5.73 -42.89
CA LYS A 82 1.94 6.24 -41.70
C LYS A 82 1.04 7.17 -40.90
N ARG A 83 0.23 7.98 -41.60
CA ARG A 83 -0.59 8.97 -40.92
C ARG A 83 -1.92 8.40 -40.44
N THR A 84 -2.34 7.23 -40.93
CA THR A 84 -3.59 6.61 -40.53
C THR A 84 -3.45 5.87 -39.21
N GLN A 85 -4.53 5.89 -38.43
CA GLN A 85 -4.66 5.09 -37.21
C GLN A 85 -4.23 3.65 -37.45
N ASP A 86 -3.63 3.04 -36.43
CA ASP A 86 -3.35 1.62 -36.50
C ASP A 86 -4.66 0.83 -36.49
N PHE A 87 -4.60 -0.37 -37.06
CA PHE A 87 -5.73 -1.30 -37.06
C PHE A 87 -5.32 -2.60 -36.40
N TRP A 88 -6.28 -3.30 -35.82
CA TRP A 88 -6.04 -4.67 -35.35
C TRP A 88 -6.51 -5.65 -36.42
N GLU A 89 -5.59 -6.47 -36.92
CA GLU A 89 -5.88 -7.36 -38.03
C GLU A 89 -6.66 -8.57 -37.55
N VAL A 90 -7.75 -8.90 -38.25
CA VAL A 90 -8.59 -10.04 -37.88
C VAL A 90 -8.19 -11.33 -38.58
N GLN A 91 -7.27 -11.28 -39.55
CA GLN A 91 -6.75 -12.46 -40.21
C GLN A 91 -5.61 -13.06 -39.39
N LEU A 92 -5.90 -14.13 -38.66
CA LEU A 92 -4.99 -14.63 -37.62
C LEU A 92 -4.08 -15.73 -38.14
N GLY A 93 -4.51 -16.46 -39.18
CA GLY A 93 -3.73 -17.57 -39.71
C GLY A 93 -4.29 -17.91 -41.09
N ILE A 94 -3.72 -18.95 -41.67
CA ILE A 94 -4.09 -19.38 -43.02
C ILE A 94 -4.77 -20.74 -42.95
N PRO A 95 -5.97 -20.89 -43.51
CA PRO A 95 -6.62 -22.20 -43.57
C PRO A 95 -5.74 -23.22 -44.27
N HIS A 96 -5.77 -24.46 -43.81
CA HIS A 96 -4.95 -25.51 -44.42
C HIS A 96 -5.85 -26.67 -44.84
N PRO A 97 -5.66 -27.19 -46.05
CA PRO A 97 -6.53 -28.26 -46.56
C PRO A 97 -6.67 -29.45 -45.62
N ALA A 98 -5.66 -29.76 -44.81
CA ALA A 98 -5.72 -30.94 -43.98
C ALA A 98 -6.60 -30.75 -42.75
N GLY A 99 -7.11 -29.55 -42.55
CA GLY A 99 -8.07 -29.28 -41.50
C GLY A 99 -9.52 -29.44 -41.95
N LEU A 100 -9.75 -29.39 -43.26
CA LEU A 100 -11.09 -29.64 -43.80
C LEU A 100 -11.53 -31.08 -43.60
N LYS A 101 -12.80 -31.26 -43.25
CA LYS A 101 -13.48 -32.54 -43.35
C LYS A 101 -13.95 -32.79 -44.78
N LYS A 102 -14.30 -34.04 -45.05
CA LYS A 102 -14.75 -34.41 -46.39
C LYS A 102 -16.19 -33.97 -46.59
N LYS A 103 -16.48 -33.35 -47.73
CA LYS A 103 -17.83 -32.91 -48.02
C LYS A 103 -18.31 -33.60 -49.29
N LYS A 104 -19.57 -34.05 -49.27
CA LYS A 104 -20.24 -34.55 -50.47
C LYS A 104 -20.25 -33.51 -51.58
N SER A 105 -20.67 -32.28 -51.28
CA SER A 105 -20.81 -31.22 -52.26
C SER A 105 -19.95 -30.02 -51.84
N VAL A 106 -19.21 -29.48 -52.80
CA VAL A 106 -18.27 -28.38 -52.54
C VAL A 106 -18.41 -27.35 -53.65
N THR A 107 -18.36 -26.06 -53.26
CA THR A 107 -18.28 -24.98 -54.23
C THR A 107 -17.17 -24.03 -53.78
N VAL A 108 -16.50 -23.43 -54.77
CA VAL A 108 -15.53 -22.36 -54.55
C VAL A 108 -15.88 -21.18 -55.44
N LEU A 109 -16.21 -20.04 -54.85
CA LEU A 109 -16.52 -18.86 -55.62
C LEU A 109 -15.78 -17.68 -54.99
N ASP A 110 -15.48 -16.68 -55.82
CA ASP A 110 -14.80 -15.47 -55.38
C ASP A 110 -15.69 -14.25 -55.54
N VAL A 111 -15.64 -13.36 -54.55
CA VAL A 111 -16.28 -12.06 -54.68
C VAL A 111 -15.52 -11.23 -55.70
N GLY A 112 -16.25 -10.55 -56.58
CA GLY A 112 -15.64 -9.77 -57.65
C GLY A 112 -15.54 -8.30 -57.28
N ASP A 113 -14.36 -7.73 -57.54
CA ASP A 113 -14.00 -6.37 -57.12
C ASP A 113 -14.38 -6.14 -55.66
N ALA A 114 -13.61 -6.80 -54.78
CA ALA A 114 -13.92 -6.83 -53.36
C ALA A 114 -13.85 -5.45 -52.73
N TYR A 115 -12.66 -4.83 -52.75
CA TYR A 115 -12.46 -3.56 -52.07
C TYR A 115 -13.40 -2.48 -52.57
N PHE A 116 -13.74 -2.50 -53.85
CA PHE A 116 -14.55 -1.45 -54.45
C PHE A 116 -16.04 -1.63 -54.20
N SER A 117 -16.44 -2.68 -53.49
CA SER A 117 -17.83 -2.88 -53.11
C SER A 117 -18.12 -2.50 -51.66
N VAL A 118 -17.14 -1.93 -50.95
CA VAL A 118 -17.36 -1.57 -49.55
C VAL A 118 -17.09 -0.09 -49.36
N PRO A 119 -18.12 0.70 -49.01
CA PRO A 119 -17.98 2.16 -48.94
C PRO A 119 -17.02 2.63 -47.85
N LEU A 120 -16.00 3.37 -48.27
CA LEU A 120 -15.07 4.03 -47.36
C LEU A 120 -15.81 4.95 -46.39
N ASP A 121 -15.16 5.22 -45.25
CA ASP A 121 -15.67 6.22 -44.32
C ASP A 121 -15.77 7.58 -45.00
N GLU A 122 -16.94 8.22 -44.87
CA GLU A 122 -17.23 9.47 -45.55
C GLU A 122 -16.12 10.51 -45.37
N ASP A 123 -15.76 10.82 -44.12
CA ASP A 123 -14.79 11.88 -43.88
C ASP A 123 -13.40 11.53 -44.38
N PHE A 124 -13.03 10.25 -44.36
CA PHE A 124 -11.68 9.85 -44.75
C PHE A 124 -11.46 9.91 -46.26
N ARG A 125 -12.56 9.92 -47.04
CA ARG A 125 -12.47 9.80 -48.50
C ARG A 125 -11.53 10.83 -49.12
N LYS A 126 -11.63 12.08 -48.65
CA LYS A 126 -10.81 13.18 -49.18
C LYS A 126 -9.30 12.91 -49.14
N TYR A 127 -8.83 12.08 -48.20
CA TYR A 127 -7.40 11.83 -48.11
C TYR A 127 -6.90 10.82 -49.14
N THR A 128 -7.80 10.05 -49.74
CA THR A 128 -7.44 9.10 -50.78
C THR A 128 -7.19 9.78 -52.12
N ALA A 129 -7.32 11.11 -52.17
CA ALA A 129 -7.24 11.87 -53.41
C ALA A 129 -5.97 11.55 -54.19
N PHE A 130 -6.12 11.49 -55.51
CA PHE A 130 -5.01 11.20 -56.41
C PHE A 130 -5.27 11.89 -57.74
N THR A 131 -4.24 11.93 -58.58
CA THR A 131 -4.23 12.68 -59.83
C THR A 131 -3.65 11.75 -60.88
N ILE A 132 -4.30 11.68 -62.03
CA ILE A 132 -3.79 10.90 -63.15
C ILE A 132 -3.55 11.78 -64.38
N PRO A 133 -2.34 11.78 -64.93
CA PRO A 133 -2.04 12.63 -66.10
C PRO A 133 -2.89 12.22 -67.28
N SER A 134 -3.73 13.15 -67.75
CA SER A 134 -4.75 12.85 -68.75
C SER A 134 -4.05 12.21 -69.94
N ILE A 135 -3.09 12.90 -70.55
CA ILE A 135 -2.33 12.34 -71.66
C ILE A 135 -0.84 12.62 -71.57
N ASN A 136 -0.17 11.90 -70.67
CA ASN A 136 1.28 11.95 -70.47
C ASN A 136 1.77 13.37 -70.17
N ASN A 137 1.10 14.02 -69.22
CA ASN A 137 1.48 15.37 -68.77
C ASN A 137 1.39 16.38 -69.90
N GLU A 138 0.51 16.11 -70.86
CA GLU A 138 0.15 17.09 -71.88
C GLU A 138 -0.83 18.09 -71.30
N THR A 139 -1.95 17.62 -70.77
CA THR A 139 -2.93 18.47 -70.13
C THR A 139 -2.90 18.19 -68.62
N PRO A 140 -3.51 19.07 -67.79
CA PRO A 140 -3.45 18.88 -66.32
C PRO A 140 -3.72 17.47 -65.81
N GLY A 141 -4.80 16.86 -66.27
CA GLY A 141 -5.30 15.63 -65.71
C GLY A 141 -6.45 15.89 -64.75
N ILE A 142 -7.03 14.81 -64.25
CA ILE A 142 -8.20 14.91 -63.38
C ILE A 142 -7.87 14.37 -61.99
N ARG A 143 -8.37 15.07 -60.98
CA ARG A 143 -8.25 14.72 -59.57
C ARG A 143 -9.41 13.80 -59.22
N TYR A 144 -9.19 12.86 -58.29
CA TYR A 144 -10.26 11.93 -57.97
C TYR A 144 -10.11 11.51 -56.52
N GLN A 145 -11.22 11.06 -55.93
CA GLN A 145 -11.22 10.47 -54.61
C GLN A 145 -11.96 9.14 -54.59
N TYR A 146 -11.52 8.27 -53.69
CA TYR A 146 -12.11 6.94 -53.56
C TYR A 146 -13.38 6.99 -52.73
N ASN A 147 -14.37 6.20 -53.14
CA ASN A 147 -15.66 6.08 -52.47
C ASN A 147 -15.74 4.79 -51.70
N VAL A 148 -14.74 3.93 -51.85
CA VAL A 148 -14.68 2.60 -51.27
C VAL A 148 -13.25 2.36 -50.80
N LEU A 149 -13.00 1.18 -50.26
CA LEU A 149 -11.67 0.79 -49.80
C LEU A 149 -10.69 0.76 -50.97
N PRO A 150 -9.63 1.56 -50.95
CA PRO A 150 -8.67 1.56 -52.06
C PRO A 150 -7.53 0.58 -51.85
N GLN A 151 -7.17 -0.11 -52.94
CA GLN A 151 -5.96 -0.93 -52.96
C GLN A 151 -4.73 -0.10 -52.64
N GLY A 152 -3.90 -0.58 -51.71
CA GLY A 152 -2.71 0.12 -51.28
C GLY A 152 -2.80 0.75 -49.91
N TRP A 153 -4.01 0.91 -49.38
CA TRP A 153 -4.22 1.47 -48.05
C TRP A 153 -4.14 0.37 -47.00
N LYS A 154 -3.37 0.63 -45.93
CA LYS A 154 -3.10 -0.42 -44.95
C LYS A 154 -4.36 -0.87 -44.22
N GLY A 155 -5.43 -0.07 -44.29
CA GLY A 155 -6.64 -0.37 -43.58
C GLY A 155 -7.69 -1.01 -44.45
N SER A 156 -7.38 -1.27 -45.72
CA SER A 156 -8.35 -1.82 -46.65
C SER A 156 -8.58 -3.30 -46.39
N PRO A 157 -7.53 -4.13 -46.24
CA PRO A 157 -7.79 -5.54 -45.93
C PRO A 157 -8.63 -5.76 -44.68
N ALA A 158 -8.20 -5.17 -43.56
CA ALA A 158 -8.93 -5.35 -42.29
C ALA A 158 -10.39 -4.92 -42.40
N ILE A 159 -10.66 -3.79 -43.07
CA ILE A 159 -12.03 -3.30 -43.12
C ILE A 159 -12.90 -4.19 -44.02
N PHE A 160 -12.39 -4.56 -45.19
CA PHE A 160 -13.14 -5.47 -46.05
C PHE A 160 -13.39 -6.80 -45.36
N GLN A 161 -12.31 -7.40 -44.84
CA GLN A 161 -12.38 -8.67 -44.15
C GLN A 161 -13.44 -8.65 -43.04
N SER A 162 -13.45 -7.59 -42.23
CA SER A 162 -14.41 -7.53 -41.13
C SER A 162 -15.84 -7.33 -41.65
N SER A 163 -16.01 -6.47 -42.67
CA SER A 163 -17.32 -6.28 -43.27
C SER A 163 -17.84 -7.58 -43.87
N MET A 164 -16.99 -8.26 -44.65
CA MET A 164 -17.33 -9.55 -45.24
C MET A 164 -17.91 -10.49 -44.19
N THR A 165 -17.28 -10.53 -43.01
CA THR A 165 -17.73 -11.43 -41.94
C THR A 165 -19.08 -11.03 -41.38
N LYS A 166 -19.32 -9.72 -41.22
CA LYS A 166 -20.62 -9.26 -40.73
C LYS A 166 -21.73 -9.59 -41.72
N ILE A 167 -21.44 -9.51 -43.02
CA ILE A 167 -22.43 -9.91 -44.03
C ILE A 167 -22.69 -11.41 -43.97
N LEU A 168 -21.61 -12.20 -43.93
CA LEU A 168 -21.77 -13.65 -43.86
C LEU A 168 -22.38 -14.13 -42.56
N GLU A 169 -22.28 -13.35 -41.48
CA GLU A 169 -22.71 -13.77 -40.14
C GLU A 169 -24.11 -14.37 -40.15
N PRO A 170 -25.15 -13.67 -40.61
CA PRO A 170 -26.50 -14.26 -40.50
C PRO A 170 -26.71 -15.46 -41.42
N PHE A 171 -26.04 -15.49 -42.58
CA PHE A 171 -26.20 -16.63 -43.48
C PHE A 171 -25.70 -17.92 -42.86
N LYS A 172 -24.59 -17.86 -42.13
CA LYS A 172 -24.09 -19.05 -41.43
C LYS A 172 -25.03 -19.47 -40.31
N LYS A 173 -25.48 -18.51 -39.51
CA LYS A 173 -26.30 -18.86 -38.35
C LYS A 173 -27.59 -19.54 -38.76
N GLN A 174 -28.15 -19.14 -39.91
CA GLN A 174 -29.46 -19.61 -40.32
C GLN A 174 -29.35 -20.72 -41.36
N ASN A 175 -28.13 -21.19 -41.62
CA ASN A 175 -27.86 -22.40 -42.38
C ASN A 175 -26.82 -23.25 -41.65
N PRO A 176 -27.13 -23.74 -40.46
CA PRO A 176 -26.10 -24.36 -39.61
C PRO A 176 -25.49 -25.64 -40.17
N ASP A 177 -25.93 -26.11 -41.34
CA ASP A 177 -25.42 -27.34 -41.93
C ASP A 177 -24.64 -27.05 -43.20
N ILE A 178 -24.10 -25.84 -43.28
CA ILE A 178 -23.13 -25.44 -44.29
C ILE A 178 -21.84 -25.03 -43.58
N VAL A 179 -20.72 -25.16 -44.29
CA VAL A 179 -19.43 -24.71 -43.80
C VAL A 179 -18.85 -23.76 -44.83
N ILE A 180 -18.53 -22.54 -44.39
CA ILE A 180 -17.95 -21.54 -45.27
C ILE A 180 -16.61 -21.08 -44.71
N TYR A 181 -15.56 -21.27 -45.52
CA TYR A 181 -14.21 -20.82 -45.20
C TYR A 181 -14.02 -19.52 -45.96
N GLN A 182 -14.01 -18.41 -45.25
CA GLN A 182 -13.74 -17.12 -45.88
C GLN A 182 -12.29 -16.70 -45.62
N TYR A 183 -11.56 -16.47 -46.70
CA TYR A 183 -10.23 -15.87 -46.67
C TYR A 183 -10.29 -14.60 -47.53
N MET A 184 -10.40 -13.44 -46.89
CA MET A 184 -10.63 -12.18 -47.59
C MET A 184 -11.92 -12.26 -48.41
N ASP A 185 -11.80 -12.39 -49.73
CA ASP A 185 -12.95 -12.48 -50.62
C ASP A 185 -13.20 -13.89 -51.12
N ASP A 186 -12.28 -14.81 -50.90
CA ASP A 186 -12.42 -16.18 -51.39
C ASP A 186 -13.25 -16.99 -50.42
N LEU A 187 -14.30 -17.60 -50.94
CA LEU A 187 -15.21 -18.39 -50.13
C LEU A 187 -15.10 -19.84 -50.59
N TYR A 188 -14.98 -20.74 -49.64
CA TYR A 188 -15.14 -22.17 -49.86
C TYR A 188 -16.43 -22.57 -49.18
N VAL A 189 -17.24 -23.36 -49.88
CA VAL A 189 -18.55 -23.73 -49.38
C VAL A 189 -18.77 -25.22 -49.55
N GLY A 190 -18.97 -25.90 -48.44
CA GLY A 190 -19.06 -27.36 -48.45
C GLY A 190 -20.28 -27.79 -47.69
N SER A 191 -20.93 -28.84 -48.17
CA SER A 191 -22.11 -29.37 -47.50
C SER A 191 -22.19 -30.86 -47.75
N ASP A 192 -22.96 -31.53 -46.90
CA ASP A 192 -23.36 -32.91 -47.17
C ASP A 192 -24.80 -32.95 -47.68
N LEU A 193 -25.17 -31.93 -48.45
CA LEU A 193 -26.45 -31.82 -49.12
C LEU A 193 -26.42 -32.37 -50.53
N GLU A 194 -27.57 -32.85 -50.99
CA GLU A 194 -27.75 -33.23 -52.38
C GLU A 194 -27.43 -32.06 -53.29
N ILE A 195 -26.63 -32.32 -54.33
CA ILE A 195 -26.05 -31.28 -55.18
C ILE A 195 -27.12 -30.32 -55.68
N GLY A 196 -28.37 -30.76 -55.68
CA GLY A 196 -29.49 -29.89 -55.99
C GLY A 196 -29.67 -28.87 -54.89
N GLN A 197 -29.98 -29.35 -53.69
CA GLN A 197 -30.10 -28.46 -52.54
C GLN A 197 -28.82 -27.68 -52.30
N HIS A 198 -27.67 -28.22 -52.71
CA HIS A 198 -26.43 -27.49 -52.58
C HIS A 198 -26.40 -26.32 -53.55
N ARG A 199 -26.69 -26.57 -54.83
CA ARG A 199 -26.67 -25.49 -55.81
C ARG A 199 -27.64 -24.39 -55.41
N THR A 200 -28.76 -24.78 -54.80
CA THR A 200 -29.74 -23.82 -54.30
C THR A 200 -29.10 -22.92 -53.25
N LYS A 201 -28.63 -23.53 -52.16
CA LYS A 201 -27.96 -22.79 -51.09
C LYS A 201 -26.89 -21.86 -51.66
N ILE A 202 -26.06 -22.36 -52.57
CA ILE A 202 -25.09 -21.50 -53.24
C ILE A 202 -25.78 -20.28 -53.86
N GLU A 203 -26.83 -20.53 -54.65
CA GLU A 203 -27.55 -19.42 -55.28
C GLU A 203 -28.14 -18.48 -54.23
N GLU A 204 -28.61 -19.03 -53.11
CA GLU A 204 -29.07 -18.20 -52.01
C GLU A 204 -27.92 -17.35 -51.47
N LEU A 205 -26.71 -17.92 -51.44
CA LEU A 205 -25.55 -17.21 -50.93
C LEU A 205 -25.21 -16.03 -51.83
N ARG A 206 -25.20 -16.25 -53.15
CA ARG A 206 -24.84 -15.19 -54.08
C ARG A 206 -25.86 -14.05 -54.02
N GLN A 207 -27.14 -14.39 -53.82
CA GLN A 207 -28.16 -13.35 -53.75
C GLN A 207 -27.93 -12.48 -52.51
N HIS A 208 -27.93 -13.10 -51.33
CA HIS A 208 -27.53 -12.41 -50.10
C HIS A 208 -26.29 -11.55 -50.34
N LEU A 209 -25.28 -12.10 -51.00
CA LEU A 209 -24.06 -11.32 -51.23
C LEU A 209 -24.30 -10.18 -52.21
N LEU A 210 -25.11 -10.43 -53.24
CA LEU A 210 -25.38 -9.38 -54.22
C LEU A 210 -26.24 -8.31 -53.57
N ARG A 211 -27.13 -8.76 -52.68
CA ARG A 211 -27.89 -7.90 -51.81
C ARG A 211 -27.08 -6.88 -51.00
N TRP A 212 -25.82 -7.15 -50.71
CA TRP A 212 -24.98 -6.17 -50.01
C TRP A 212 -23.95 -5.55 -50.94
N GLY A 213 -24.17 -5.68 -52.25
CA GLY A 213 -23.32 -5.04 -53.22
C GLY A 213 -22.08 -5.84 -53.54
N LEU A 214 -22.05 -7.11 -53.16
CA LEU A 214 -20.91 -7.99 -53.36
C LEU A 214 -21.26 -8.95 -54.50
N THR A 215 -20.62 -8.76 -55.64
CA THR A 215 -20.88 -9.64 -56.77
C THR A 215 -20.05 -10.91 -56.65
N THR A 216 -20.54 -11.98 -57.29
CA THR A 216 -19.80 -13.23 -57.42
C THR A 216 -19.83 -13.63 -58.89
N PRO A 217 -18.90 -13.08 -59.68
CA PRO A 217 -18.89 -13.36 -61.13
C PRO A 217 -18.80 -14.84 -61.44
N ASP A 218 -19.42 -15.23 -62.57
CA ASP A 218 -19.43 -16.63 -62.96
C ASP A 218 -18.02 -17.11 -63.31
N LYS A 219 -17.16 -16.19 -63.78
CA LYS A 219 -15.82 -16.53 -64.19
C LYS A 219 -14.99 -17.09 -63.03
N LYS A 220 -15.37 -16.75 -61.80
CA LYS A 220 -14.70 -17.20 -60.59
C LYS A 220 -15.49 -18.27 -59.85
N HIS A 221 -16.58 -18.75 -60.44
CA HIS A 221 -17.49 -19.69 -59.77
C HIS A 221 -17.10 -21.10 -60.20
N GLN A 222 -16.29 -21.77 -59.38
CA GLN A 222 -15.91 -23.15 -59.63
C GLN A 222 -17.01 -24.10 -59.16
N LYS A 223 -17.36 -25.05 -60.01
CA LYS A 223 -18.44 -25.97 -59.69
C LYS A 223 -17.98 -27.41 -59.82
N GLU A 224 -16.96 -27.65 -60.67
CA GLU A 224 -16.42 -28.98 -60.88
C GLU A 224 -15.00 -29.09 -60.36
N PRO A 225 -14.67 -30.14 -59.60
CA PRO A 225 -13.30 -30.48 -59.16
C PRO A 225 -12.37 -30.68 -60.37
N PRO A 226 -11.06 -30.43 -60.22
CA PRO A 226 -10.40 -30.02 -58.98
C PRO A 226 -10.54 -28.53 -58.66
N PHE A 227 -11.04 -28.25 -57.47
CA PHE A 227 -11.20 -26.87 -57.04
C PHE A 227 -9.85 -26.22 -56.75
N LEU A 228 -9.64 -25.04 -57.30
CA LEU A 228 -8.41 -24.29 -57.07
C LEU A 228 -8.66 -23.36 -55.89
N TRP A 229 -7.85 -23.52 -54.84
CA TRP A 229 -8.17 -22.88 -53.56
C TRP A 229 -6.91 -22.73 -52.74
N MET A 230 -6.51 -21.48 -52.47
CA MET A 230 -5.41 -21.18 -51.58
C MET A 230 -4.11 -21.80 -52.07
N GLY A 231 -4.00 -22.00 -53.37
CA GLY A 231 -2.79 -22.55 -53.96
C GLY A 231 -2.78 -24.06 -54.00
N TYR A 232 -3.88 -24.71 -53.61
CA TYR A 232 -4.04 -26.15 -53.64
C TYR A 232 -5.09 -26.57 -54.66
N GLU A 233 -5.18 -27.88 -54.87
CA GLU A 233 -6.18 -28.51 -55.73
C GLU A 233 -6.97 -29.47 -54.85
N LEU A 234 -8.25 -29.18 -54.66
CA LEU A 234 -9.14 -30.02 -53.85
C LEU A 234 -9.96 -30.98 -54.70
N HIS A 235 -9.73 -32.26 -54.50
CA HIS A 235 -10.50 -33.37 -55.03
C HIS A 235 -11.44 -33.87 -53.95
N PRO A 236 -12.36 -34.81 -54.24
CA PRO A 236 -13.38 -35.11 -53.23
C PRO A 236 -12.85 -35.96 -52.09
N ASP A 237 -11.80 -36.76 -52.32
CA ASP A 237 -11.27 -37.63 -51.28
C ASP A 237 -9.79 -37.41 -51.03
N LYS A 238 -9.15 -36.46 -51.71
CA LYS A 238 -7.74 -36.18 -51.53
C LYS A 238 -7.46 -34.75 -51.98
N TRP A 239 -6.39 -34.16 -51.44
CA TRP A 239 -5.96 -32.83 -51.83
C TRP A 239 -4.50 -32.90 -52.26
N THR A 240 -4.05 -31.85 -52.93
CA THR A 240 -2.62 -31.71 -53.22
C THR A 240 -2.34 -30.25 -53.55
N VAL A 241 -1.07 -29.96 -53.79
CA VAL A 241 -0.58 -28.61 -54.04
C VAL A 241 -0.64 -28.35 -55.54
N GLN A 242 -0.76 -27.08 -55.92
CA GLN A 242 -0.62 -26.73 -57.32
C GLN A 242 0.85 -26.81 -57.74
N PRO A 243 1.12 -27.33 -58.96
CA PRO A 243 2.50 -27.64 -59.40
C PRO A 243 3.61 -26.72 -58.92
N ILE A 244 4.71 -27.33 -58.48
CA ILE A 244 5.89 -26.62 -58.02
C ILE A 244 6.86 -26.53 -59.19
N VAL A 245 7.32 -25.31 -59.49
CA VAL A 245 8.28 -25.07 -60.56
C VAL A 245 9.66 -24.90 -59.94
N LEU A 246 10.53 -25.89 -60.14
CA LEU A 246 11.90 -25.84 -59.62
C LEU A 246 12.82 -25.25 -60.68
N PRO A 247 13.42 -24.08 -60.43
CA PRO A 247 14.47 -23.60 -61.34
C PRO A 247 15.55 -24.65 -61.52
N GLU A 248 15.90 -24.93 -62.78
CA GLU A 248 16.92 -25.92 -63.09
C GLU A 248 18.20 -25.27 -63.58
N LYS A 249 18.25 -23.93 -63.55
CA LYS A 249 19.40 -23.13 -63.96
C LYS A 249 20.73 -23.75 -63.53
N ASP A 250 21.71 -23.70 -64.43
CA ASP A 250 23.04 -24.22 -64.10
C ASP A 250 23.86 -23.19 -63.33
N SER A 251 23.62 -21.90 -63.57
CA SER A 251 24.25 -20.82 -62.82
C SER A 251 23.28 -20.33 -61.75
N TRP A 252 23.72 -20.33 -60.51
CA TRP A 252 22.91 -19.91 -59.37
C TRP A 252 23.49 -18.63 -58.77
N THR A 253 22.64 -17.62 -58.59
CA THR A 253 23.03 -16.46 -57.80
C THR A 253 22.60 -16.68 -56.36
N VAL A 254 22.69 -15.62 -55.53
CA VAL A 254 22.09 -15.69 -54.20
C VAL A 254 20.58 -15.83 -54.33
N ASN A 255 19.97 -14.94 -55.12
CA ASN A 255 18.52 -14.88 -55.25
C ASN A 255 17.94 -16.19 -55.79
N ASP A 256 18.68 -16.87 -56.68
CA ASP A 256 18.22 -18.17 -57.18
C ASP A 256 18.11 -19.19 -56.04
N ILE A 257 19.07 -19.17 -55.11
CA ILE A 257 19.06 -20.15 -54.04
C ILE A 257 17.97 -19.81 -53.03
N GLN A 258 17.79 -18.52 -52.74
CA GLN A 258 16.71 -18.07 -51.88
C GLN A 258 15.35 -18.52 -52.43
N LYS A 259 15.05 -18.16 -53.67
CA LYS A 259 13.80 -18.63 -54.29
C LYS A 259 13.69 -20.14 -54.20
N LEU A 260 14.78 -20.84 -54.56
CA LEU A 260 14.78 -22.30 -54.53
C LEU A 260 14.46 -22.84 -53.15
N VAL A 261 15.20 -22.38 -52.13
CA VAL A 261 14.97 -22.83 -50.76
C VAL A 261 13.56 -22.50 -50.29
N GLY A 262 13.07 -21.30 -50.63
CA GLY A 262 11.70 -20.96 -50.30
C GLY A 262 10.70 -21.93 -50.89
N LYS A 263 10.86 -22.26 -52.18
CA LYS A 263 9.92 -23.16 -52.83
C LYS A 263 9.94 -24.53 -52.17
N LEU A 264 11.14 -25.02 -51.81
CA LEU A 264 11.25 -26.30 -51.12
C LEU A 264 10.53 -26.27 -49.78
N ASN A 265 10.74 -25.19 -49.01
CA ASN A 265 9.96 -24.96 -47.80
C ASN A 265 8.47 -25.16 -48.06
N TRP A 266 7.93 -24.45 -49.06
CA TRP A 266 6.51 -24.58 -49.39
C TRP A 266 6.13 -26.00 -49.76
N ALA A 267 7.06 -26.74 -50.39
CA ALA A 267 6.77 -28.12 -50.75
C ALA A 267 6.79 -29.07 -49.55
N SER A 268 7.54 -28.71 -48.51
CA SER A 268 7.72 -29.61 -47.37
C SER A 268 6.41 -29.95 -46.65
N GLN A 269 5.35 -29.17 -46.87
CA GLN A 269 4.10 -29.41 -46.16
C GLN A 269 3.39 -30.70 -46.59
N ILE A 270 3.76 -31.29 -47.72
CA ILE A 270 3.11 -32.54 -48.12
C ILE A 270 4.10 -33.52 -48.73
N TYR A 271 5.18 -33.03 -49.32
CA TYR A 271 6.27 -33.87 -49.82
C TYR A 271 7.24 -34.29 -48.72
N PRO A 272 7.08 -35.48 -48.15
CA PRO A 272 7.91 -35.87 -46.99
C PRO A 272 9.40 -35.86 -47.32
N GLY A 273 10.20 -35.45 -46.33
CA GLY A 273 11.64 -35.62 -46.41
C GLY A 273 12.43 -34.47 -47.00
N ILE A 274 11.79 -33.36 -47.37
CA ILE A 274 12.52 -32.22 -47.92
C ILE A 274 13.57 -31.74 -46.93
N LYS A 275 14.79 -31.53 -47.44
CA LYS A 275 15.90 -31.00 -46.66
C LYS A 275 16.46 -29.75 -47.33
N VAL A 276 16.81 -28.75 -46.53
CA VAL A 276 17.34 -27.49 -47.05
C VAL A 276 18.63 -27.04 -46.37
N ARG A 277 19.18 -27.82 -45.44
CA ARG A 277 20.36 -27.38 -44.68
C ARG A 277 21.53 -27.00 -45.58
N GLN A 278 21.96 -27.92 -46.45
CA GLN A 278 23.10 -27.62 -47.32
C GLN A 278 22.82 -26.41 -48.21
N LEU A 279 21.64 -26.38 -48.83
CA LEU A 279 21.30 -25.25 -49.68
C LEU A 279 21.30 -23.95 -48.88
N SER A 280 20.77 -24.00 -47.66
CA SER A 280 20.71 -22.81 -46.82
C SER A 280 22.10 -22.36 -46.42
N LYS A 281 23.01 -23.32 -46.17
CA LYS A 281 24.39 -22.98 -45.83
C LYS A 281 25.01 -22.15 -46.95
N LEU A 282 24.85 -22.60 -48.20
CA LEU A 282 25.29 -21.81 -49.34
C LEU A 282 24.85 -20.35 -49.22
N LEU A 283 23.61 -20.13 -48.78
CA LEU A 283 23.10 -18.77 -48.63
C LEU A 283 23.80 -17.98 -47.52
N ARG A 284 24.38 -18.64 -46.52
CA ARG A 284 24.85 -17.92 -45.36
C ARG A 284 26.12 -17.15 -45.72
N GLY A 285 26.08 -15.83 -45.53
CA GLY A 285 27.22 -14.99 -45.80
C GLY A 285 26.77 -13.61 -46.21
N THR A 286 27.76 -12.73 -46.39
CA THR A 286 27.51 -11.36 -46.81
C THR A 286 27.25 -11.23 -48.29
N LYS A 287 27.25 -12.34 -49.04
CA LYS A 287 27.09 -12.31 -50.48
C LYS A 287 25.80 -11.59 -50.87
N ALA A 288 25.91 -10.65 -51.80
CA ALA A 288 24.76 -9.89 -52.27
C ALA A 288 23.96 -10.73 -53.28
N LEU A 289 22.73 -10.26 -53.54
CA LEU A 289 21.76 -11.07 -54.28
C LEU A 289 22.27 -11.50 -55.65
N THR A 290 23.12 -10.69 -56.28
CA THR A 290 23.53 -10.92 -57.66
C THR A 290 24.64 -11.96 -57.79
N GLU A 291 25.56 -12.01 -56.83
CA GLU A 291 26.75 -12.86 -56.97
C GLU A 291 26.39 -14.34 -57.15
N VAL A 292 27.09 -14.98 -58.09
CA VAL A 292 26.85 -16.37 -58.46
C VAL A 292 27.60 -17.27 -57.50
N ILE A 293 27.01 -18.43 -57.16
CA ILE A 293 27.54 -19.28 -56.11
C ILE A 293 27.56 -20.74 -56.54
N PRO A 294 28.72 -21.39 -56.59
CA PRO A 294 28.80 -22.79 -57.00
C PRO A 294 28.23 -23.71 -55.92
N LEU A 295 27.47 -24.72 -56.35
CA LEU A 295 26.86 -25.62 -55.38
C LEU A 295 27.92 -26.55 -54.82
N THR A 296 27.93 -26.65 -53.49
CA THR A 296 28.79 -27.62 -52.80
C THR A 296 28.39 -29.05 -53.19
N GLU A 297 29.38 -29.94 -53.20
CA GLU A 297 29.14 -31.35 -53.48
C GLU A 297 27.96 -31.88 -52.67
N GLU A 298 28.01 -31.71 -51.35
CA GLU A 298 26.91 -32.16 -50.50
C GLU A 298 25.65 -31.31 -50.70
N ALA A 299 25.80 -30.06 -51.14
CA ALA A 299 24.64 -29.23 -51.43
C ALA A 299 23.84 -29.74 -52.62
N GLU A 300 24.51 -30.15 -53.71
CA GLU A 300 23.77 -30.67 -54.85
C GLU A 300 23.35 -32.13 -54.69
N LEU A 301 23.92 -32.85 -53.71
CA LEU A 301 23.34 -34.13 -53.31
C LEU A 301 21.95 -33.92 -52.71
N GLU A 302 21.81 -32.91 -51.84
CA GLU A 302 20.51 -32.57 -51.28
C GLU A 302 19.50 -32.26 -52.37
N LEU A 303 19.85 -31.34 -53.28
CA LEU A 303 18.98 -31.00 -54.40
C LEU A 303 18.56 -32.24 -55.18
N ALA A 304 19.47 -33.19 -55.36
CA ALA A 304 19.13 -34.41 -56.09
C ALA A 304 18.13 -35.25 -55.31
N GLU A 305 18.35 -35.46 -54.01
CA GLU A 305 17.38 -36.18 -53.19
C GLU A 305 16.03 -35.47 -53.20
N ASN A 306 16.04 -34.14 -53.22
CA ASN A 306 14.81 -33.35 -53.32
C ASN A 306 14.04 -33.66 -54.60
N ARG A 307 14.71 -33.53 -55.76
CA ARG A 307 14.13 -33.95 -57.04
C ARG A 307 13.48 -35.33 -56.94
N GLU A 308 14.20 -36.31 -56.40
CA GLU A 308 13.65 -37.66 -56.27
C GLU A 308 12.34 -37.64 -55.49
N ILE A 309 12.19 -36.71 -54.55
CA ILE A 309 10.94 -36.63 -53.80
C ILE A 309 9.89 -35.95 -54.67
N LEU A 310 10.26 -34.86 -55.34
CA LEU A 310 9.29 -34.13 -56.13
C LEU A 310 8.96 -34.84 -57.44
N LYS A 311 9.64 -35.95 -57.72
CA LYS A 311 9.35 -36.76 -58.91
C LYS A 311 7.95 -37.35 -58.84
N GLU A 312 7.68 -38.12 -57.78
CA GLU A 312 6.39 -38.71 -57.56
C GLU A 312 5.34 -37.60 -57.35
N PRO A 313 4.06 -37.91 -57.51
CA PRO A 313 3.04 -36.96 -57.07
C PRO A 313 2.34 -37.39 -55.79
N VAL A 314 2.43 -36.55 -54.77
CA VAL A 314 1.87 -36.87 -53.48
C VAL A 314 0.52 -36.18 -53.32
N HIS A 315 -0.29 -36.74 -52.44
CA HIS A 315 -1.62 -36.22 -52.12
C HIS A 315 -1.79 -36.34 -50.62
N GLY A 316 -2.54 -35.40 -50.04
CA GLY A 316 -2.94 -35.53 -48.66
C GLY A 316 -4.39 -35.97 -48.56
N VAL A 317 -4.75 -36.50 -47.40
CA VAL A 317 -6.16 -36.77 -47.13
C VAL A 317 -6.75 -35.67 -46.28
N TYR A 318 -8.03 -35.81 -45.92
CA TYR A 318 -8.78 -34.85 -45.13
C TYR A 318 -8.98 -35.42 -43.73
N TYR A 319 -9.56 -34.60 -42.85
CA TYR A 319 -9.54 -34.86 -41.42
C TYR A 319 -10.85 -35.52 -40.99
N ASP A 320 -10.73 -36.57 -40.18
CA ASP A 320 -11.87 -37.28 -39.61
C ASP A 320 -11.88 -37.07 -38.11
N PRO A 321 -12.62 -36.08 -37.59
CA PRO A 321 -12.58 -35.76 -36.14
C PRO A 321 -12.75 -36.95 -35.20
N SER A 322 -13.10 -38.11 -35.73
CA SER A 322 -13.40 -39.28 -34.91
C SER A 322 -12.18 -40.15 -34.69
N LYS A 323 -11.16 -39.99 -35.53
CA LYS A 323 -9.91 -40.72 -35.46
C LYS A 323 -8.84 -39.89 -34.76
N ASP A 324 -7.94 -40.57 -34.05
CA ASP A 324 -6.84 -39.88 -33.39
C ASP A 324 -5.95 -39.21 -34.42
N LEU A 325 -5.21 -38.19 -33.99
CA LEU A 325 -4.09 -37.70 -34.79
C LEU A 325 -2.79 -38.38 -34.38
N ILE A 326 -1.93 -38.64 -35.37
CA ILE A 326 -0.67 -39.31 -35.16
C ILE A 326 0.44 -38.49 -35.80
N ALA A 327 1.51 -38.22 -35.05
CA ALA A 327 2.68 -37.56 -35.58
C ALA A 327 3.88 -38.49 -35.46
N GLU A 328 4.63 -38.63 -36.54
CA GLU A 328 5.80 -39.50 -36.58
C GLU A 328 6.98 -38.67 -37.06
N ILE A 329 8.10 -38.76 -36.34
CA ILE A 329 9.29 -37.95 -36.63
C ILE A 329 10.44 -38.88 -36.98
N GLN A 330 11.26 -38.48 -37.96
CA GLN A 330 12.52 -39.15 -38.23
C GLN A 330 13.66 -38.13 -38.15
N LYS A 331 14.77 -38.56 -37.56
CA LYS A 331 16.01 -37.80 -37.61
C LYS A 331 16.63 -37.89 -39.01
N GLN A 332 17.00 -36.74 -39.58
CA GLN A 332 17.63 -36.73 -40.89
C GLN A 332 19.08 -36.29 -40.85
N GLY A 333 19.66 -36.15 -39.66
CA GLY A 333 21.06 -35.76 -39.54
C GLY A 333 21.35 -34.28 -39.68
N GLN A 334 22.39 -33.82 -38.97
CA GLN A 334 22.85 -32.43 -39.03
C GLN A 334 21.75 -31.48 -38.57
N GLY A 335 21.00 -31.89 -37.55
CA GLY A 335 19.94 -31.05 -37.02
C GLY A 335 18.76 -30.88 -37.96
N GLN A 336 18.44 -31.90 -38.75
CA GLN A 336 17.27 -31.87 -39.62
C GLN A 336 16.29 -32.94 -39.19
N TRP A 337 15.02 -32.57 -39.13
CA TRP A 337 13.96 -33.49 -38.76
C TRP A 337 12.80 -33.30 -39.70
N THR A 338 12.18 -34.39 -40.13
CA THR A 338 10.91 -34.32 -40.83
C THR A 338 9.87 -35.09 -40.03
N TYR A 339 8.60 -34.80 -40.30
CA TYR A 339 7.50 -35.48 -39.65
C TYR A 339 6.36 -35.67 -40.63
N GLN A 340 5.43 -36.54 -40.24
CA GLN A 340 4.19 -36.78 -40.94
C GLN A 340 3.08 -36.75 -39.91
N ILE A 341 1.96 -36.11 -40.24
CA ILE A 341 0.77 -36.18 -39.42
C ILE A 341 -0.30 -36.92 -40.22
N TYR A 342 -0.92 -37.90 -39.57
CA TYR A 342 -1.83 -38.82 -40.25
C TYR A 342 -2.72 -39.46 -39.21
N GLN A 343 -3.75 -40.14 -39.72
CA GLN A 343 -4.72 -40.85 -38.89
C GLN A 343 -4.81 -42.31 -39.28
N GLU A 344 -4.47 -42.63 -40.53
CA GLU A 344 -4.39 -43.99 -41.06
C GLU A 344 -3.07 -44.16 -41.81
N PRO A 345 -2.44 -45.32 -41.69
CA PRO A 345 -1.11 -45.55 -42.26
C PRO A 345 -0.97 -45.10 -43.72
N PHE A 346 0.13 -44.39 -43.99
CA PHE A 346 0.50 -43.97 -45.35
C PHE A 346 -0.52 -43.04 -46.00
N LYS A 347 -1.55 -42.65 -45.27
CA LYS A 347 -2.46 -41.59 -45.69
C LYS A 347 -2.15 -40.36 -44.84
N ASN A 348 -1.06 -39.67 -45.18
CA ASN A 348 -0.65 -38.46 -44.49
C ASN A 348 -1.68 -37.35 -44.69
N LEU A 349 -2.19 -36.80 -43.58
CA LEU A 349 -2.84 -35.50 -43.64
C LEU A 349 -1.89 -34.43 -44.18
N LYS A 350 -0.72 -34.31 -43.56
CA LYS A 350 0.32 -33.43 -44.07
C LYS A 350 1.66 -33.88 -43.54
N THR A 351 2.72 -33.24 -44.03
CA THR A 351 4.08 -33.46 -43.59
C THR A 351 4.69 -32.12 -43.19
N GLY A 352 5.92 -32.17 -42.69
CA GLY A 352 6.67 -30.94 -42.51
C GLY A 352 8.10 -31.25 -42.12
N LYS A 353 8.84 -30.18 -41.86
CA LYS A 353 10.23 -30.27 -41.40
C LYS A 353 10.49 -29.28 -40.28
N TYR A 354 11.34 -29.69 -39.34
CA TYR A 354 11.93 -28.79 -38.36
C TYR A 354 13.44 -28.91 -38.45
N ALA A 355 14.11 -27.77 -38.65
CA ALA A 355 15.55 -27.76 -38.81
C ALA A 355 16.20 -26.59 -38.09
N ARG A 356 15.43 -25.81 -37.33
CA ARG A 356 15.99 -24.66 -36.62
C ARG A 356 17.12 -25.10 -35.71
N MET A 357 18.28 -24.47 -35.86
CA MET A 357 19.42 -24.70 -34.98
C MET A 357 19.49 -23.49 -34.06
N ARG A 358 18.99 -23.65 -32.84
CA ARG A 358 19.06 -22.59 -31.84
C ARG A 358 20.04 -22.99 -30.75
N GLY A 359 20.93 -22.08 -30.38
CA GLY A 359 21.97 -22.38 -29.42
C GLY A 359 23.30 -22.75 -30.03
N ALA A 360 24.39 -22.30 -29.41
CA ALA A 360 25.73 -22.66 -29.89
C ALA A 360 26.01 -24.14 -29.65
N HIS A 361 25.47 -24.69 -28.57
CA HIS A 361 25.74 -26.06 -28.16
C HIS A 361 24.41 -26.70 -27.78
N THR A 362 24.07 -27.80 -28.45
CA THR A 362 22.79 -28.47 -28.21
C THR A 362 22.98 -29.96 -28.39
N ASN A 363 21.87 -30.70 -28.25
CA ASN A 363 21.87 -32.12 -28.57
C ASN A 363 20.57 -32.50 -29.27
N ASP A 364 20.51 -33.78 -29.68
CA ASP A 364 19.37 -34.26 -30.46
C ASP A 364 18.10 -34.26 -29.62
N VAL A 365 18.23 -34.56 -28.32
CA VAL A 365 17.07 -34.59 -27.45
C VAL A 365 16.41 -33.22 -27.36
N LYS A 366 17.22 -32.18 -27.14
CA LYS A 366 16.67 -30.83 -27.18
C LYS A 366 15.98 -30.56 -28.51
N GLN A 367 16.60 -30.98 -29.62
CA GLN A 367 16.05 -30.65 -30.93
C GLN A 367 14.75 -31.41 -31.15
N LEU A 368 14.70 -32.68 -30.74
CA LEU A 368 13.47 -33.44 -30.85
C LEU A 368 12.35 -32.81 -30.04
N THR A 369 12.66 -32.34 -28.82
CA THR A 369 11.64 -31.68 -28.01
C THR A 369 11.11 -30.44 -28.72
N GLU A 370 12.01 -29.64 -29.29
CA GLU A 370 11.58 -28.48 -30.06
C GLU A 370 10.68 -28.91 -31.22
N ALA A 371 11.11 -29.93 -31.98
CA ALA A 371 10.27 -30.42 -33.07
C ALA A 371 8.90 -30.86 -32.56
N VAL A 372 8.87 -31.56 -31.42
CA VAL A 372 7.58 -31.94 -30.83
C VAL A 372 6.76 -30.69 -30.55
N GLN A 373 7.40 -29.64 -30.05
CA GLN A 373 6.69 -28.44 -29.64
C GLN A 373 6.11 -27.72 -30.86
N LYS A 374 6.91 -27.59 -31.93
CA LYS A 374 6.38 -27.02 -33.16
C LYS A 374 5.20 -27.82 -33.68
N ILE A 375 5.30 -29.15 -33.64
CA ILE A 375 4.25 -29.98 -34.21
C ILE A 375 2.99 -29.90 -33.36
N THR A 376 3.15 -29.83 -32.04
CA THR A 376 1.99 -29.66 -31.16
C THR A 376 1.24 -28.38 -31.51
N THR A 377 1.97 -27.29 -31.73
CA THR A 377 1.35 -26.00 -31.97
C THR A 377 0.70 -25.95 -33.35
N GLU A 378 1.46 -26.35 -34.38
CA GLU A 378 0.89 -26.47 -35.72
C GLU A 378 -0.38 -27.31 -35.70
N SER A 379 -0.41 -28.37 -34.89
CA SER A 379 -1.58 -29.24 -34.84
C SER A 379 -2.76 -28.54 -34.20
N ILE A 380 -2.53 -27.79 -33.12
CA ILE A 380 -3.61 -27.07 -32.46
C ILE A 380 -4.17 -26.00 -33.40
N VAL A 381 -3.33 -25.43 -34.26
CA VAL A 381 -3.81 -24.44 -35.21
C VAL A 381 -4.75 -25.08 -36.23
N ILE A 382 -4.42 -26.27 -36.72
CA ILE A 382 -5.18 -26.86 -37.82
C ILE A 382 -6.33 -27.76 -37.33
N TRP A 383 -6.17 -28.41 -36.17
CA TRP A 383 -7.19 -29.33 -35.69
C TRP A 383 -7.64 -29.03 -34.27
N GLY A 384 -6.98 -28.14 -33.55
CA GLY A 384 -7.34 -27.85 -32.17
C GLY A 384 -7.09 -28.95 -31.17
N LYS A 385 -6.13 -29.84 -31.43
CA LYS A 385 -5.79 -30.87 -30.47
C LYS A 385 -4.35 -31.33 -30.70
N THR A 386 -3.79 -31.98 -29.68
CA THR A 386 -2.43 -32.50 -29.69
C THR A 386 -2.42 -33.90 -30.26
N PRO A 387 -1.60 -34.18 -31.27
CA PRO A 387 -1.49 -35.55 -31.78
C PRO A 387 -0.69 -36.47 -30.87
N LYS A 388 -1.06 -37.75 -30.92
CA LYS A 388 -0.21 -38.80 -30.38
C LYS A 388 1.09 -38.85 -31.18
N PHE A 389 2.22 -38.91 -30.48
CA PHE A 389 3.52 -38.86 -31.11
C PHE A 389 4.16 -40.24 -31.19
N LYS A 390 4.92 -40.45 -32.26
CA LYS A 390 5.73 -41.64 -32.48
C LYS A 390 7.16 -41.16 -32.71
N LEU A 391 8.06 -41.49 -31.79
CA LEU A 391 9.37 -40.86 -31.82
C LEU A 391 10.50 -41.89 -31.85
N PRO A 392 11.61 -41.55 -32.54
CA PRO A 392 12.79 -42.43 -32.62
C PRO A 392 13.68 -42.33 -31.38
N ILE A 393 13.08 -42.52 -30.21
CA ILE A 393 13.85 -42.40 -28.97
C ILE A 393 13.33 -43.39 -27.94
N GLN A 394 14.25 -44.08 -27.28
CA GLN A 394 13.88 -45.09 -26.29
C GLN A 394 13.23 -44.42 -25.08
N LYS A 395 12.23 -45.09 -24.50
CA LYS A 395 11.62 -44.58 -23.28
C LYS A 395 12.67 -44.33 -22.21
N GLU A 396 13.61 -45.25 -22.05
CA GLU A 396 14.68 -45.11 -21.07
C GLU A 396 15.52 -43.86 -21.32
N THR A 397 15.86 -43.59 -22.58
CA THR A 397 16.65 -42.41 -22.92
C THR A 397 15.96 -41.14 -22.46
N TRP A 398 14.69 -40.94 -22.87
CA TRP A 398 13.93 -39.78 -22.45
C TRP A 398 13.88 -39.65 -20.94
N GLU A 399 13.56 -40.75 -20.24
CA GLU A 399 13.50 -40.70 -18.79
C GLU A 399 14.81 -40.22 -18.19
N THR A 400 15.93 -40.76 -18.67
CA THR A 400 17.23 -40.36 -18.15
C THR A 400 17.51 -38.88 -18.42
N TRP A 401 17.23 -38.42 -19.63
CA TRP A 401 17.33 -37.00 -19.97
C TRP A 401 16.51 -36.08 -19.07
N TRP A 402 15.17 -36.19 -19.15
CA TRP A 402 14.32 -35.15 -18.56
C TRP A 402 14.38 -35.17 -17.04
N THR A 403 14.60 -36.34 -16.42
CA THR A 403 14.67 -36.35 -14.96
C THR A 403 15.96 -35.75 -14.45
N GLU A 404 17.04 -35.83 -15.23
CA GLU A 404 18.32 -35.31 -14.76
C GLU A 404 18.57 -33.87 -15.18
N TYR A 405 17.88 -33.40 -16.23
CA TYR A 405 18.13 -32.06 -16.72
C TYR A 405 17.64 -31.04 -15.71
N TRP A 406 18.29 -29.88 -15.68
CA TRP A 406 17.97 -28.92 -14.63
C TRP A 406 16.86 -27.95 -15.02
N GLN A 407 16.47 -27.91 -16.29
CA GLN A 407 15.28 -27.21 -16.70
C GLN A 407 14.08 -28.16 -16.79
N ALA A 408 12.90 -27.61 -16.53
CA ALA A 408 11.68 -28.37 -16.69
C ALA A 408 11.49 -28.68 -18.17
N THR A 409 11.21 -29.94 -18.48
CA THR A 409 10.93 -30.30 -19.85
C THR A 409 9.95 -31.47 -19.85
N TRP A 410 9.24 -31.63 -20.96
CA TRP A 410 8.19 -32.64 -21.03
C TRP A 410 7.81 -32.90 -22.47
N ILE A 411 7.26 -34.09 -22.70
CA ILE A 411 6.68 -34.45 -23.99
C ILE A 411 5.34 -35.13 -23.76
N PRO A 412 4.27 -34.72 -24.45
CA PRO A 412 2.97 -35.36 -24.26
C PRO A 412 2.94 -36.80 -24.75
N GLU A 413 1.79 -37.46 -24.63
CA GLU A 413 1.70 -38.91 -24.79
C GLU A 413 2.37 -39.36 -26.09
N TRP A 414 3.30 -40.31 -25.96
CA TRP A 414 4.11 -40.74 -27.09
C TRP A 414 4.54 -42.19 -26.88
N GLU A 415 4.98 -42.82 -27.97
CA GLU A 415 5.51 -44.17 -27.90
C GLU A 415 6.72 -44.29 -28.83
N PHE A 416 7.60 -45.23 -28.48
CA PHE A 416 8.83 -45.47 -29.23
C PHE A 416 8.52 -46.10 -30.59
N VAL A 417 9.06 -45.52 -31.66
CA VAL A 417 9.01 -46.15 -32.98
C VAL A 417 10.44 -46.51 -33.37
N ASN A 418 10.71 -47.80 -33.51
CA ASN A 418 12.07 -48.30 -33.73
C ASN A 418 12.52 -48.05 -35.16
N THR A 419 12.74 -46.79 -35.48
CA THR A 419 13.18 -46.41 -36.84
C THR A 419 14.49 -45.64 -36.76
N PRO A 420 15.64 -46.31 -37.01
CA PRO A 420 16.95 -45.65 -37.01
C PRO A 420 17.01 -44.46 -37.98
N PRO A 421 17.91 -43.49 -37.71
CA PRO A 421 18.82 -43.45 -36.57
C PRO A 421 18.11 -43.01 -35.29
N LEU A 422 18.27 -43.79 -34.22
CA LEU A 422 17.63 -43.45 -32.96
C LEU A 422 18.33 -42.29 -32.27
N VAL A 423 17.55 -41.49 -31.55
CA VAL A 423 18.08 -40.44 -30.70
C VAL A 423 18.55 -41.06 -29.39
N LYS A 424 19.77 -40.71 -28.98
CA LYS A 424 20.28 -41.19 -27.70
C LYS A 424 21.22 -40.14 -27.11
N LEU A 425 21.55 -40.34 -25.84
CA LEU A 425 22.52 -39.50 -25.15
C LEU A 425 23.89 -40.12 -25.35
N TRP A 426 24.87 -39.30 -25.71
CA TRP A 426 26.13 -39.87 -26.14
C TRP A 426 27.12 -40.07 -25.01
N TYR A 427 26.86 -39.50 -23.84
CA TYR A 427 27.70 -39.71 -22.66
C TYR A 427 26.92 -39.25 -21.44
N GLN A 428 27.36 -39.69 -20.27
CA GLN A 428 26.70 -39.30 -19.03
C GLN A 428 27.73 -39.01 -17.96
N LEU A 429 27.65 -37.83 -17.36
CA LEU A 429 28.58 -37.48 -16.31
C LEU A 429 28.24 -38.23 -15.04
N GLU A 430 29.25 -38.60 -14.27
CA GLU A 430 29.03 -39.29 -13.01
C GLU A 430 28.37 -38.37 -11.99
N LYS A 431 27.65 -38.99 -11.07
CA LYS A 431 27.01 -38.26 -9.98
C LYS A 431 27.94 -38.08 -8.80
N GLU A 432 28.87 -39.00 -8.60
CA GLU A 432 29.82 -39.00 -7.51
C GLU A 432 31.24 -39.12 -8.04
N PRO A 433 32.22 -38.54 -7.33
CA PRO A 433 33.62 -38.72 -7.71
C PRO A 433 34.00 -40.20 -7.81
N ILE A 434 34.89 -40.48 -8.76
CA ILE A 434 35.30 -41.86 -9.07
C ILE A 434 36.51 -42.25 -8.23
N VAL A 435 36.30 -43.23 -7.34
CA VAL A 435 37.38 -43.80 -6.55
C VAL A 435 38.44 -44.42 -7.46
N GLY A 436 39.70 -44.08 -7.23
CA GLY A 436 40.78 -44.63 -8.02
C GLY A 436 40.96 -44.03 -9.40
N ALA A 437 40.19 -43.01 -9.76
CA ALA A 437 40.48 -42.27 -10.99
C ALA A 437 41.33 -41.05 -10.69
N GLU A 438 42.24 -40.75 -11.61
CA GLU A 438 43.13 -39.61 -11.47
C GLU A 438 42.32 -38.32 -11.42
N THR A 439 42.61 -37.47 -10.43
CA THR A 439 41.97 -36.17 -10.33
C THR A 439 42.81 -35.10 -11.05
N PHE A 440 42.25 -34.51 -12.10
CA PHE A 440 42.85 -33.39 -12.82
C PHE A 440 42.27 -32.07 -12.37
N TYR A 441 43.05 -31.24 -11.69
CA TYR A 441 42.65 -29.86 -11.41
C TYR A 441 43.08 -28.97 -12.57
N VAL A 442 42.11 -28.49 -13.36
CA VAL A 442 42.39 -27.73 -14.58
C VAL A 442 42.17 -26.25 -14.31
N ASP A 443 42.89 -25.41 -15.07
CA ASP A 443 42.64 -23.98 -15.17
C ASP A 443 43.27 -23.41 -16.42
N GLY A 444 42.78 -22.24 -16.83
CA GLY A 444 43.22 -21.56 -18.02
C GLY A 444 43.09 -20.07 -17.82
N ALA A 445 44.02 -19.28 -18.36
CA ALA A 445 43.88 -17.84 -18.32
C ALA A 445 44.43 -17.23 -19.60
N ALA A 446 43.87 -16.08 -19.99
CA ALA A 446 44.35 -15.31 -21.11
C ALA A 446 44.60 -13.87 -20.68
N ASN A 447 45.49 -13.20 -21.40
CA ASN A 447 45.79 -11.79 -21.17
C ASN A 447 44.89 -10.91 -22.03
N ARG A 448 44.06 -10.09 -21.38
CA ARG A 448 43.03 -9.32 -22.08
C ARG A 448 43.61 -8.47 -23.20
N GLU A 449 44.84 -7.96 -23.02
CA GLU A 449 45.48 -7.10 -24.01
C GLU A 449 46.25 -7.89 -25.08
N THR A 450 47.14 -8.80 -24.66
CA THR A 450 47.91 -9.59 -25.61
C THR A 450 47.04 -10.57 -26.40
N LYS A 451 45.93 -11.03 -25.81
CA LYS A 451 45.17 -12.18 -26.31
C LYS A 451 46.04 -13.43 -26.36
N LEU A 452 47.03 -13.48 -25.48
CA LEU A 452 47.90 -14.65 -25.28
C LEU A 452 47.51 -15.34 -23.98
N GLY A 453 47.59 -16.68 -23.97
CA GLY A 453 47.10 -17.39 -22.81
C GLY A 453 47.84 -18.69 -22.54
N LYS A 454 47.46 -19.34 -21.44
CA LYS A 454 47.94 -20.68 -21.10
C LYS A 454 46.79 -21.55 -20.60
N ALA A 455 46.91 -22.85 -20.85
CA ALA A 455 46.00 -23.85 -20.31
C ALA A 455 46.82 -24.97 -19.72
N GLY A 456 46.39 -25.50 -18.58
CA GLY A 456 47.08 -26.65 -18.03
C GLY A 456 46.32 -27.33 -16.92
N TYR A 457 47.02 -28.20 -16.21
CA TYR A 457 46.46 -28.94 -15.09
C TYR A 457 47.57 -29.48 -14.19
N VAL A 458 47.19 -29.80 -12.96
CA VAL A 458 48.02 -30.58 -12.04
C VAL A 458 47.18 -31.73 -11.52
N THR A 459 47.85 -32.82 -11.14
CA THR A 459 47.19 -34.08 -10.88
C THR A 459 47.63 -34.60 -9.51
N ASN A 460 46.81 -35.46 -8.90
CA ASN A 460 47.13 -35.93 -7.56
C ASN A 460 48.33 -36.87 -7.54
N LYS A 461 48.79 -37.30 -8.71
CA LYS A 461 49.95 -38.18 -8.83
C LYS A 461 51.19 -37.42 -9.26
N GLY A 462 51.12 -36.10 -9.32
CA GLY A 462 52.23 -35.29 -9.75
C GLY A 462 52.22 -34.91 -11.22
N ARG A 463 51.34 -35.51 -12.02
CA ARG A 463 51.31 -35.19 -13.44
C ARG A 463 50.89 -33.74 -13.65
N GLN A 464 51.52 -33.09 -14.62
CA GLN A 464 51.37 -31.66 -14.83
C GLN A 464 51.56 -31.37 -16.30
N LYS A 465 50.97 -30.27 -16.76
CA LYS A 465 51.15 -29.77 -18.12
C LYS A 465 50.70 -28.32 -18.15
N VAL A 466 51.38 -27.53 -18.99
CA VAL A 466 50.99 -26.16 -19.32
C VAL A 466 51.24 -25.98 -20.81
N VAL A 467 50.28 -25.37 -21.50
CA VAL A 467 50.39 -25.18 -22.94
C VAL A 467 50.22 -23.70 -23.26
N PRO A 468 51.14 -23.11 -24.01
CA PRO A 468 50.94 -21.72 -24.46
C PRO A 468 49.92 -21.63 -25.59
N LEU A 469 49.09 -20.59 -25.52
CA LEU A 469 47.98 -20.42 -26.46
C LEU A 469 48.03 -18.99 -26.98
N THR A 470 47.70 -18.84 -28.25
CA THR A 470 47.66 -17.53 -28.91
C THR A 470 46.25 -17.21 -29.40
N ASN A 471 45.93 -15.92 -29.38
CA ASN A 471 44.71 -15.37 -29.97
C ASN A 471 43.47 -16.05 -29.37
N THR A 472 43.29 -15.80 -28.09
CA THR A 472 42.43 -16.60 -27.26
C THR A 472 41.73 -15.70 -26.24
N THR A 473 40.91 -16.31 -25.40
CA THR A 473 40.18 -15.61 -24.35
C THR A 473 40.19 -16.48 -23.10
N ASN A 474 39.88 -15.86 -21.96
CA ASN A 474 39.68 -16.62 -20.73
C ASN A 474 38.83 -17.87 -20.98
N GLN A 475 37.67 -17.68 -21.62
CA GLN A 475 36.71 -18.76 -21.71
C GLN A 475 37.23 -19.89 -22.60
N LYS A 476 37.86 -19.54 -23.73
CA LYS A 476 38.51 -20.55 -24.55
C LYS A 476 39.54 -21.33 -23.76
N THR A 477 40.36 -20.65 -22.95
CA THR A 477 41.43 -21.37 -22.26
C THR A 477 40.82 -22.32 -21.24
N GLU A 478 39.74 -21.89 -20.60
CA GLU A 478 39.02 -22.73 -19.64
C GLU A 478 38.54 -24.01 -20.29
N LEU A 479 37.93 -23.91 -21.48
CA LEU A 479 37.58 -25.11 -22.22
C LEU A 479 38.82 -25.91 -22.58
N GLN A 480 39.90 -25.22 -22.95
CA GLN A 480 41.12 -25.88 -23.39
C GLN A 480 41.67 -26.76 -22.27
N ALA A 481 41.76 -26.21 -21.06
CA ALA A 481 42.25 -26.98 -19.92
C ALA A 481 41.44 -28.26 -19.73
N ILE A 482 40.11 -28.18 -19.83
CA ILE A 482 39.30 -29.40 -19.72
C ILE A 482 39.65 -30.36 -20.85
N TYR A 483 39.82 -29.84 -22.06
CA TYR A 483 40.27 -30.67 -23.18
C TYR A 483 41.58 -31.38 -22.86
N LEU A 484 42.56 -30.65 -22.32
CA LEU A 484 43.84 -31.28 -21.98
C LEU A 484 43.65 -32.39 -20.96
N ALA A 485 42.84 -32.15 -19.93
CA ALA A 485 42.63 -33.19 -18.92
C ALA A 485 42.08 -34.44 -19.57
N LEU A 486 41.17 -34.28 -20.53
CA LEU A 486 40.50 -35.44 -21.09
C LEU A 486 41.45 -36.20 -22.01
N GLN A 487 42.24 -35.45 -22.79
CA GLN A 487 43.23 -36.03 -23.69
C GLN A 487 44.25 -36.89 -22.95
N ASP A 488 44.65 -36.47 -21.76
CA ASP A 488 45.79 -37.06 -21.06
C ASP A 488 45.39 -38.00 -19.93
N SER A 489 44.11 -38.30 -19.78
CA SER A 489 43.63 -39.16 -18.70
C SER A 489 43.28 -40.53 -19.24
N GLY A 490 43.19 -41.50 -18.33
CA GLY A 490 42.64 -42.78 -18.71
C GLY A 490 41.15 -42.74 -18.99
N LEU A 491 40.56 -43.94 -19.07
CA LEU A 491 39.15 -44.08 -19.39
C LEU A 491 38.23 -43.55 -18.30
N GLU A 492 38.76 -43.35 -17.09
CA GLU A 492 38.00 -42.83 -15.96
C GLU A 492 38.78 -41.66 -15.36
N VAL A 493 38.11 -40.53 -15.15
CA VAL A 493 38.83 -39.34 -14.72
C VAL A 493 37.91 -38.41 -13.93
N ASN A 494 38.48 -37.84 -12.88
CA ASN A 494 37.87 -36.76 -12.11
C ASN A 494 38.50 -35.45 -12.53
N ILE A 495 37.69 -34.44 -12.84
CA ILE A 495 38.20 -33.15 -13.28
C ILE A 495 37.56 -32.07 -12.41
N VAL A 496 38.40 -31.18 -11.87
CA VAL A 496 37.93 -30.08 -11.02
C VAL A 496 38.26 -28.76 -11.72
N THR A 497 37.23 -28.01 -12.09
CA THR A 497 37.41 -26.71 -12.69
C THR A 497 36.78 -25.63 -11.82
N ASP A 498 37.11 -24.39 -12.12
CA ASP A 498 36.42 -23.22 -11.58
C ASP A 498 35.70 -22.43 -12.65
N SER A 499 35.53 -22.99 -13.84
CA SER A 499 34.87 -22.29 -14.94
C SER A 499 33.38 -22.55 -14.95
N GLN A 500 32.61 -21.56 -14.47
CA GLN A 500 31.16 -21.64 -14.57
C GLN A 500 30.74 -21.76 -16.04
N TYR A 501 31.37 -20.94 -16.90
CA TYR A 501 31.16 -21.01 -18.33
C TYR A 501 31.33 -22.43 -18.88
N ALA A 502 32.43 -23.09 -18.55
CA ALA A 502 32.69 -24.39 -19.14
C ALA A 502 31.74 -25.44 -18.60
N LEU A 503 31.52 -25.46 -17.29
CA LEU A 503 30.67 -26.47 -16.69
C LEU A 503 29.23 -26.33 -17.17
N GLY A 504 28.77 -25.08 -17.33
CA GLY A 504 27.46 -24.85 -17.92
C GLY A 504 27.27 -25.56 -19.24
N ILE A 505 28.22 -25.38 -20.16
CA ILE A 505 28.10 -26.00 -21.48
C ILE A 505 28.14 -27.52 -21.37
N ILE A 506 29.18 -28.07 -20.73
CA ILE A 506 29.38 -29.52 -20.75
C ILE A 506 28.26 -30.24 -20.01
N GLN A 507 27.68 -29.63 -18.97
CA GLN A 507 26.73 -30.36 -18.15
C GLN A 507 25.39 -30.55 -18.86
N ALA A 508 25.12 -29.81 -19.92
CA ALA A 508 23.93 -30.00 -20.72
C ALA A 508 24.08 -31.10 -21.76
N GLN A 509 25.14 -31.91 -21.65
CA GLN A 509 25.38 -33.03 -22.56
C GLN A 509 25.22 -32.70 -24.04
N PRO A 510 25.85 -31.64 -24.54
CA PRO A 510 25.75 -31.37 -25.98
C PRO A 510 26.40 -32.50 -26.78
N ASP A 511 25.89 -32.68 -28.00
CA ASP A 511 26.43 -33.67 -28.92
C ASP A 511 26.88 -33.03 -30.22
N LYS A 512 26.71 -31.72 -30.33
CA LYS A 512 27.07 -30.95 -31.52
C LYS A 512 27.28 -29.52 -31.06
N SER A 513 28.23 -28.83 -31.70
CA SER A 513 28.49 -27.45 -31.30
C SER A 513 28.95 -26.64 -32.50
N GLU A 514 28.68 -25.34 -32.44
CA GLU A 514 29.21 -24.41 -33.43
C GLU A 514 30.69 -24.13 -33.19
N SER A 515 31.24 -24.53 -32.04
CA SER A 515 32.65 -24.34 -31.72
C SER A 515 33.43 -25.63 -31.90
N GLU A 516 34.47 -25.57 -32.74
CA GLU A 516 35.28 -26.75 -33.03
C GLU A 516 35.85 -27.36 -31.74
N LEU A 517 36.29 -26.50 -30.82
CA LEU A 517 36.89 -27.00 -29.58
C LEU A 517 35.87 -27.75 -28.73
N VAL A 518 34.66 -27.22 -28.60
CA VAL A 518 33.60 -27.92 -27.88
C VAL A 518 33.35 -29.28 -28.52
N ASN A 519 33.29 -29.32 -29.86
CA ASN A 519 33.15 -30.59 -30.57
C ASN A 519 34.27 -31.54 -30.20
N GLN A 520 35.49 -31.01 -30.02
CA GLN A 520 36.62 -31.87 -29.70
C GLN A 520 36.45 -32.46 -28.31
N ILE A 521 35.97 -31.65 -27.37
CA ILE A 521 35.71 -32.13 -26.01
C ILE A 521 34.62 -33.20 -26.02
N ILE A 522 33.54 -32.96 -26.78
CA ILE A 522 32.47 -33.95 -26.91
C ILE A 522 33.02 -35.28 -27.39
N GLU A 523 33.86 -35.25 -28.43
CA GLU A 523 34.47 -36.47 -28.96
C GLU A 523 35.26 -37.22 -27.90
N GLN A 524 36.03 -36.50 -27.08
CA GLN A 524 36.73 -37.15 -25.97
C GLN A 524 35.76 -37.74 -24.95
N LEU A 525 34.72 -36.99 -24.59
CA LEU A 525 33.75 -37.46 -23.62
C LEU A 525 33.08 -38.75 -24.06
N ILE A 526 32.76 -38.87 -25.35
CA ILE A 526 32.13 -40.08 -25.84
C ILE A 526 33.06 -41.29 -25.71
N LYS A 527 34.37 -41.10 -25.88
CA LYS A 527 35.29 -42.21 -25.72
C LYS A 527 35.48 -42.64 -24.27
N LYS A 528 35.12 -41.80 -23.30
CA LYS A 528 35.47 -42.14 -21.93
C LYS A 528 34.47 -43.14 -21.36
N GLU A 529 34.82 -43.71 -20.21
CA GLU A 529 33.92 -44.61 -19.51
C GLU A 529 33.27 -43.98 -18.28
N LYS A 530 33.98 -43.07 -17.60
CA LYS A 530 33.43 -42.36 -16.45
C LYS A 530 34.14 -41.02 -16.33
N VAL A 531 33.37 -39.95 -16.24
CA VAL A 531 33.90 -38.59 -16.12
C VAL A 531 33.14 -37.90 -15.01
N TYR A 532 33.85 -37.31 -14.05
CA TYR A 532 33.20 -36.56 -12.99
C TYR A 532 33.72 -35.14 -12.99
N LEU A 533 32.84 -34.19 -13.26
CA LEU A 533 33.15 -32.78 -13.24
C LEU A 533 32.72 -32.17 -11.92
N ALA A 534 33.57 -31.31 -11.35
CA ALA A 534 33.27 -30.69 -10.07
C ALA A 534 33.71 -29.25 -10.14
N TRP A 535 32.89 -28.35 -9.60
CA TRP A 535 33.19 -26.92 -9.61
C TRP A 535 33.68 -26.52 -8.22
N VAL A 536 34.65 -25.62 -8.19
CA VAL A 536 35.12 -25.00 -6.95
C VAL A 536 35.26 -23.51 -7.21
N PRO A 537 35.02 -22.66 -6.22
CA PRO A 537 35.20 -21.22 -6.46
C PRO A 537 36.67 -20.92 -6.68
N ALA A 538 36.94 -19.98 -7.58
CA ALA A 538 38.32 -19.60 -7.78
C ALA A 538 38.80 -18.70 -6.64
N HIS A 539 40.12 -18.63 -6.51
CA HIS A 539 40.81 -17.70 -5.61
C HIS A 539 40.56 -17.97 -4.13
N LYS A 540 40.02 -19.13 -3.78
CA LYS A 540 39.78 -19.47 -2.38
C LYS A 540 40.85 -20.41 -1.84
N GLY A 541 41.94 -20.59 -2.57
CA GLY A 541 43.03 -21.49 -2.21
C GLY A 541 42.55 -22.89 -1.91
N ILE A 542 41.98 -23.54 -2.93
CA ILE A 542 41.50 -24.92 -2.86
C ILE A 542 42.43 -25.80 -3.67
N GLY A 543 42.72 -26.99 -3.15
CA GLY A 543 43.22 -28.10 -3.95
C GLY A 543 44.40 -27.72 -4.80
N GLY A 544 44.55 -28.44 -5.90
CA GLY A 544 45.43 -28.00 -6.95
C GLY A 544 44.90 -26.82 -7.73
N ASN A 545 43.66 -26.41 -7.44
CA ASN A 545 43.07 -25.25 -8.09
C ASN A 545 43.88 -23.99 -7.82
N GLU A 546 44.35 -23.81 -6.59
CA GLU A 546 45.26 -22.70 -6.32
C GLU A 546 46.66 -22.99 -6.86
N GLN A 547 47.02 -24.27 -7.01
CA GLN A 547 48.33 -24.63 -7.55
C GLN A 547 48.38 -24.53 -9.07
N VAL A 548 47.26 -24.81 -9.75
CA VAL A 548 47.20 -24.64 -11.20
C VAL A 548 46.85 -23.21 -11.59
N ASP A 549 46.25 -22.44 -10.68
CA ASP A 549 45.95 -21.04 -10.97
C ASP A 549 47.23 -20.23 -11.13
N LYS A 550 48.29 -20.60 -10.41
CA LYS A 550 49.56 -19.89 -10.50
C LYS A 550 50.43 -20.37 -11.64
N LEU A 551 50.20 -21.59 -12.15
CA LEU A 551 50.89 -22.05 -13.34
C LEU A 551 50.52 -21.22 -14.56
N VAL A 552 49.24 -20.95 -14.76
CA VAL A 552 48.77 -20.37 -16.01
C VAL A 552 48.44 -18.88 -15.87
N SER A 553 48.74 -18.29 -14.72
CA SER A 553 48.68 -16.83 -14.60
C SER A 553 50.06 -16.20 -14.70
N PRO B 20 -29.09 2.27 -13.51
CA PRO B 20 -28.78 3.71 -13.52
C PRO B 20 -27.54 4.06 -12.71
N ILE B 21 -26.53 3.20 -12.77
CA ILE B 21 -25.29 3.39 -12.02
C ILE B 21 -24.31 4.21 -12.85
N GLU B 22 -23.68 5.19 -12.22
CA GLU B 22 -22.73 6.06 -12.90
C GLU B 22 -21.35 5.42 -12.95
N THR B 23 -20.72 5.47 -14.12
CA THR B 23 -19.46 4.80 -14.35
C THR B 23 -18.29 5.59 -13.77
N VAL B 24 -17.39 4.88 -13.09
CA VAL B 24 -16.17 5.47 -12.55
C VAL B 24 -15.16 5.69 -13.67
N PRO B 25 -14.80 6.94 -13.98
CA PRO B 25 -13.78 7.20 -15.01
C PRO B 25 -12.47 6.48 -14.70
N VAL B 26 -11.79 6.05 -15.76
CA VAL B 26 -10.52 5.33 -15.64
C VAL B 26 -9.59 5.81 -16.74
N LYS B 27 -8.33 6.04 -16.39
CA LYS B 27 -7.30 6.49 -17.32
C LYS B 27 -6.08 5.58 -17.24
N LEU B 28 -5.47 5.28 -18.38
CA LEU B 28 -4.18 4.61 -18.34
C LEU B 28 -3.12 5.56 -17.78
N LYS B 29 -2.00 4.98 -17.34
CA LYS B 29 -0.87 5.79 -16.91
C LYS B 29 -0.44 6.73 -18.04
N PRO B 30 -0.26 8.02 -17.76
CA PRO B 30 0.19 8.96 -18.79
C PRO B 30 1.44 8.48 -19.53
N GLY B 31 1.38 8.52 -20.86
CA GLY B 31 2.49 8.09 -21.67
C GLY B 31 2.53 6.61 -21.96
N MET B 32 1.39 5.93 -21.92
CA MET B 32 1.30 4.52 -22.26
C MET B 32 0.06 4.25 -23.10
N ASP B 33 0.24 3.44 -24.16
CA ASP B 33 -0.85 3.05 -25.01
C ASP B 33 -1.55 1.85 -24.40
N GLY B 34 -2.72 1.49 -24.94
CA GLY B 34 -3.39 0.29 -24.52
C GLY B 34 -2.64 -0.97 -24.94
N PRO B 35 -3.15 -2.12 -24.50
CA PRO B 35 -2.49 -3.40 -24.83
C PRO B 35 -2.71 -3.77 -26.28
N LYS B 36 -1.65 -4.30 -26.91
CA LYS B 36 -1.74 -4.84 -28.26
C LYS B 36 -1.09 -6.23 -28.29
N VAL B 37 -1.67 -7.18 -27.55
CA VAL B 37 -1.11 -8.52 -27.42
C VAL B 37 -1.88 -9.48 -28.31
N LYS B 38 -1.15 -10.25 -29.13
CA LYS B 38 -1.76 -11.15 -30.09
C LYS B 38 -2.44 -12.34 -29.40
N GLN B 39 -3.60 -12.74 -29.92
CA GLN B 39 -4.27 -13.94 -29.44
C GLN B 39 -3.48 -15.18 -29.83
N TRP B 40 -3.28 -16.10 -28.87
CA TRP B 40 -2.58 -17.33 -29.19
C TRP B 40 -3.56 -18.44 -29.55
N PRO B 41 -3.08 -19.48 -30.24
CA PRO B 41 -3.97 -20.58 -30.66
C PRO B 41 -4.64 -21.29 -29.50
N LEU B 42 -5.90 -21.67 -29.70
CA LEU B 42 -6.71 -22.33 -28.68
C LEU B 42 -7.13 -23.72 -29.15
N THR B 43 -7.15 -24.67 -28.22
CA THR B 43 -7.65 -26.01 -28.53
C THR B 43 -9.15 -25.97 -28.83
N GLU B 44 -9.63 -27.03 -29.50
CA GLU B 44 -11.03 -27.11 -29.90
C GLU B 44 -11.98 -26.96 -28.73
N GLU B 45 -11.72 -27.68 -27.64
CA GLU B 45 -12.61 -27.60 -26.48
C GLU B 45 -12.61 -26.21 -25.88
N LYS B 46 -11.46 -25.52 -25.90
CA LYS B 46 -11.38 -24.17 -25.36
C LYS B 46 -12.11 -23.17 -26.23
N ILE B 47 -11.97 -23.27 -27.56
CA ILE B 47 -12.71 -22.39 -28.47
C ILE B 47 -14.21 -22.59 -28.32
N LYS B 48 -14.66 -23.84 -28.16
CA LYS B 48 -16.08 -24.09 -27.99
C LYS B 48 -16.59 -23.44 -26.71
N ALA B 49 -15.85 -23.59 -25.61
CA ALA B 49 -16.25 -22.99 -24.34
C ALA B 49 -16.35 -21.48 -24.47
N LEU B 50 -15.39 -20.86 -25.16
CA LEU B 50 -15.39 -19.40 -25.27
C LEU B 50 -16.52 -18.91 -26.14
N VAL B 51 -16.81 -19.61 -27.24
CA VAL B 51 -17.90 -19.19 -28.12
C VAL B 51 -19.22 -19.23 -27.37
N GLU B 52 -19.49 -20.33 -26.66
CA GLU B 52 -20.70 -20.41 -25.86
C GLU B 52 -20.73 -19.33 -24.79
N ILE B 53 -19.65 -19.18 -24.03
CA ILE B 53 -19.60 -18.18 -22.96
C ILE B 53 -19.80 -16.78 -23.52
N CYS B 54 -19.11 -16.45 -24.62
CA CYS B 54 -19.25 -15.11 -25.18
C CYS B 54 -20.63 -14.89 -25.78
N THR B 55 -21.23 -15.94 -26.36
CA THR B 55 -22.59 -15.81 -26.86
C THR B 55 -23.54 -15.41 -25.72
N GLU B 56 -23.49 -16.18 -24.62
CA GLU B 56 -24.35 -15.89 -23.48
C GLU B 56 -24.06 -14.50 -22.90
N MET B 57 -22.78 -14.09 -22.91
CA MET B 57 -22.44 -12.79 -22.34
C MET B 57 -22.94 -11.67 -23.25
N GLU B 58 -22.95 -11.90 -24.56
CA GLU B 58 -23.38 -10.89 -25.51
C GLU B 58 -24.89 -10.66 -25.42
N LYS B 59 -25.66 -11.73 -25.26
CA LYS B 59 -27.10 -11.62 -25.05
C LYS B 59 -27.44 -10.78 -23.82
N GLU B 60 -26.53 -10.75 -22.83
CA GLU B 60 -26.78 -10.07 -21.57
C GLU B 60 -26.12 -8.70 -21.51
N GLY B 61 -25.53 -8.24 -22.61
CA GLY B 61 -24.94 -6.92 -22.67
C GLY B 61 -23.57 -6.82 -22.04
N LYS B 62 -23.04 -7.91 -21.49
CA LYS B 62 -21.76 -7.88 -20.79
C LYS B 62 -20.61 -7.52 -21.72
N ILE B 63 -20.68 -7.95 -22.98
CA ILE B 63 -19.70 -7.62 -24.00
C ILE B 63 -20.45 -7.21 -25.27
N SER B 64 -19.72 -6.61 -26.20
CA SER B 64 -20.32 -6.28 -27.49
C SER B 64 -19.29 -6.38 -28.62
N LYS B 65 -19.81 -6.67 -29.81
CA LYS B 65 -19.00 -6.91 -30.99
C LYS B 65 -18.31 -5.61 -31.43
N ILE B 66 -17.10 -5.74 -31.97
CA ILE B 66 -16.30 -4.59 -32.40
C ILE B 66 -15.57 -4.94 -33.69
N GLY B 67 -14.94 -3.93 -34.30
CA GLY B 67 -14.28 -4.11 -35.56
C GLY B 67 -12.77 -3.96 -35.50
N PRO B 68 -12.13 -3.87 -36.67
CA PRO B 68 -10.67 -3.73 -36.72
C PRO B 68 -10.16 -2.32 -36.46
N GLU B 69 -11.05 -1.36 -36.29
CA GLU B 69 -10.67 0.03 -36.05
C GLU B 69 -10.30 0.30 -34.60
N ASN B 70 -10.73 -0.55 -33.68
CA ASN B 70 -10.12 -0.57 -32.35
C ASN B 70 -8.78 -1.29 -32.42
N PRO B 71 -7.66 -0.60 -32.12
CA PRO B 71 -6.32 -1.16 -32.34
C PRO B 71 -5.81 -2.02 -31.19
N TYR B 72 -6.60 -2.25 -30.15
CA TYR B 72 -6.15 -2.92 -28.95
C TYR B 72 -6.57 -4.38 -28.95
N ASN B 73 -5.81 -5.20 -28.22
CA ASN B 73 -6.18 -6.61 -28.05
C ASN B 73 -5.50 -7.19 -26.83
N THR B 74 -6.24 -8.09 -26.15
CA THR B 74 -5.76 -8.79 -24.97
C THR B 74 -6.09 -10.27 -25.13
N PRO B 75 -5.12 -11.18 -24.92
CA PRO B 75 -5.41 -12.60 -25.14
C PRO B 75 -6.46 -13.12 -24.17
N VAL B 76 -7.28 -14.05 -24.67
CA VAL B 76 -8.25 -14.75 -23.84
C VAL B 76 -8.09 -16.25 -24.05
N PHE B 77 -8.40 -17.03 -23.02
CA PHE B 77 -8.49 -18.48 -23.12
C PHE B 77 -9.44 -18.97 -22.04
N ALA B 78 -9.38 -20.26 -21.71
CA ALA B 78 -10.32 -20.85 -20.77
C ALA B 78 -9.63 -21.90 -19.92
N ILE B 79 -10.12 -22.06 -18.68
CA ILE B 79 -9.54 -22.97 -17.71
C ILE B 79 -10.65 -23.68 -16.96
N LYS B 80 -10.27 -24.77 -16.30
CA LYS B 80 -11.12 -25.44 -15.30
C LYS B 80 -10.41 -25.34 -13.97
N LYS B 81 -11.10 -24.85 -12.95
CA LYS B 81 -10.47 -24.74 -11.65
C LYS B 81 -10.28 -26.13 -11.05
N LYS B 82 -9.56 -26.19 -9.93
CA LYS B 82 -9.28 -27.47 -9.29
C LYS B 82 -10.56 -28.23 -8.96
N ASP B 83 -10.64 -29.46 -9.45
CA ASP B 83 -11.77 -30.37 -9.21
C ASP B 83 -13.08 -29.76 -9.71
N SER B 84 -13.02 -29.06 -10.83
CA SER B 84 -14.20 -28.42 -11.41
C SER B 84 -14.37 -28.94 -12.83
N THR B 85 -15.62 -29.13 -13.25
CA THR B 85 -15.89 -29.67 -14.57
C THR B 85 -16.40 -28.63 -15.55
N LYS B 86 -16.62 -27.40 -15.09
CA LYS B 86 -17.19 -26.35 -15.93
C LYS B 86 -16.13 -25.32 -16.32
N TRP B 87 -16.03 -25.09 -17.63
CA TRP B 87 -15.12 -24.10 -18.21
C TRP B 87 -15.36 -22.70 -17.66
N ARG B 88 -14.26 -21.94 -17.56
CA ARG B 88 -14.27 -20.59 -16.99
C ARG B 88 -13.46 -19.72 -17.92
N LYS B 89 -14.04 -18.61 -18.36
CA LYS B 89 -13.31 -17.71 -19.24
C LYS B 89 -12.23 -17.01 -18.45
N LEU B 90 -11.05 -16.88 -19.06
CA LEU B 90 -9.93 -16.18 -18.43
C LEU B 90 -9.29 -15.26 -19.45
N VAL B 91 -9.21 -13.98 -19.12
CA VAL B 91 -8.54 -13.00 -19.95
C VAL B 91 -7.15 -12.72 -19.36
N ASP B 92 -6.13 -12.71 -20.21
CA ASP B 92 -4.77 -12.40 -19.78
C ASP B 92 -4.64 -10.88 -19.78
N PHE B 93 -5.19 -10.26 -18.74
CA PHE B 93 -5.13 -8.80 -18.63
C PHE B 93 -3.82 -8.28 -18.06
N ARG B 94 -2.74 -9.06 -18.11
CA ARG B 94 -1.50 -8.62 -17.48
C ARG B 94 -1.03 -7.30 -18.08
N GLU B 95 -1.04 -7.21 -19.41
CA GLU B 95 -0.65 -5.97 -20.10
C GLU B 95 -1.56 -4.81 -19.72
N LEU B 96 -2.88 -5.00 -19.83
CA LEU B 96 -3.82 -3.96 -19.42
C LEU B 96 -3.63 -3.57 -17.96
N ASN B 97 -3.43 -4.56 -17.08
CA ASN B 97 -3.23 -4.25 -15.66
C ASN B 97 -1.99 -3.39 -15.44
N LYS B 98 -0.90 -3.64 -16.16
CA LYS B 98 0.29 -2.83 -15.98
C LYS B 98 0.24 -1.51 -16.72
N ARG B 99 -0.78 -1.28 -17.54
CA ARG B 99 -0.97 0.00 -18.20
C ARG B 99 -2.11 0.82 -17.59
N THR B 100 -2.80 0.30 -16.59
CA THR B 100 -3.93 0.97 -16.00
C THR B 100 -3.49 1.71 -14.75
N GLN B 101 -4.01 2.93 -14.59
CA GLN B 101 -3.69 3.78 -13.45
C GLN B 101 -3.66 2.98 -12.15
N ASP B 102 -2.60 3.16 -11.38
CA ASP B 102 -2.59 2.54 -10.06
C ASP B 102 -3.69 3.20 -9.25
N PHE B 103 -4.50 2.39 -8.57
CA PHE B 103 -5.57 2.97 -7.79
C PHE B 103 -5.14 3.31 -6.37
N TRP B 104 -3.87 3.05 -6.03
CA TRP B 104 -3.34 3.50 -4.75
C TRP B 104 -3.35 5.01 -4.69
N GLU B 105 -2.98 5.64 -5.81
CA GLU B 105 -3.02 7.10 -5.94
C GLU B 105 -4.44 7.60 -5.81
N VAL B 106 -5.39 6.87 -6.40
CA VAL B 106 -6.80 7.25 -6.32
C VAL B 106 -7.32 7.11 -4.90
N GLN B 107 -6.74 6.21 -4.10
CA GLN B 107 -7.10 5.79 -2.74
C GLN B 107 -8.13 4.67 -2.78
N LEU B 108 -8.49 4.18 -3.97
CA LEU B 108 -9.36 3.02 -4.09
C LEU B 108 -8.70 1.72 -3.59
N GLY B 109 -7.37 1.62 -3.65
CA GLY B 109 -6.74 0.33 -3.40
C GLY B 109 -7.05 -0.24 -2.03
N ILE B 110 -7.16 -1.56 -2.00
CA ILE B 110 -7.52 -2.36 -0.82
C ILE B 110 -6.32 -2.48 0.11
N PRO B 111 -6.50 -2.28 1.42
CA PRO B 111 -5.41 -2.47 2.37
C PRO B 111 -5.25 -3.97 2.67
N HIS B 112 -4.04 -4.35 3.11
CA HIS B 112 -3.75 -5.77 3.35
C HIS B 112 -3.66 -6.12 4.82
N PRO B 113 -4.45 -7.09 5.29
CA PRO B 113 -4.48 -7.49 6.70
C PRO B 113 -3.37 -8.46 7.07
N ALA B 114 -2.44 -8.00 7.92
CA ALA B 114 -1.38 -8.86 8.43
C ALA B 114 -1.88 -10.11 9.14
N GLY B 115 -3.15 -10.14 9.56
CA GLY B 115 -3.67 -11.27 10.32
C GLY B 115 -4.13 -12.45 9.49
N LEU B 116 -4.47 -12.23 8.23
CA LEU B 116 -4.92 -13.30 7.34
C LEU B 116 -3.98 -14.51 7.37
N LYS B 117 -2.67 -14.27 7.22
CA LYS B 117 -1.71 -15.37 7.23
C LYS B 117 -1.66 -16.09 8.58
N LYS B 118 -2.15 -15.46 9.65
CA LYS B 118 -2.09 -16.06 10.98
C LYS B 118 -3.28 -16.95 11.29
N LYS B 119 -4.34 -16.89 10.48
CA LYS B 119 -5.54 -17.69 10.74
C LYS B 119 -5.31 -19.17 10.42
N LYS B 120 -6.08 -20.02 11.10
CA LYS B 120 -5.91 -21.46 10.98
C LYS B 120 -6.46 -21.98 9.66
N SER B 121 -7.54 -21.40 9.17
CA SER B 121 -8.12 -21.78 7.89
C SER B 121 -8.45 -20.53 7.10
N VAL B 122 -8.12 -20.55 5.81
CA VAL B 122 -8.44 -19.46 4.89
C VAL B 122 -9.09 -20.06 3.63
N THR B 123 -10.31 -19.64 3.35
CA THR B 123 -11.05 -20.14 2.19
C THR B 123 -11.04 -19.08 1.08
N VAL B 124 -10.87 -19.54 -0.15
CA VAL B 124 -10.79 -18.68 -1.33
C VAL B 124 -12.09 -18.82 -2.08
N LEU B 125 -12.77 -17.69 -2.29
CA LEU B 125 -14.08 -17.67 -2.93
C LEU B 125 -14.01 -16.90 -4.23
N ASP B 126 -14.59 -17.46 -5.29
CA ASP B 126 -14.65 -16.76 -6.56
C ASP B 126 -15.87 -15.85 -6.53
N VAL B 127 -15.65 -14.55 -6.68
CA VAL B 127 -16.74 -13.59 -6.60
C VAL B 127 -16.73 -12.71 -7.84
N GLY B 128 -15.92 -13.10 -8.83
CA GLY B 128 -15.82 -12.31 -10.05
C GLY B 128 -17.14 -12.04 -10.71
N ASP B 129 -18.11 -12.95 -10.53
CA ASP B 129 -19.40 -12.82 -11.19
C ASP B 129 -20.08 -11.51 -10.82
N ALA B 130 -20.04 -11.14 -9.54
CA ALA B 130 -20.49 -9.84 -9.05
C ALA B 130 -20.10 -8.69 -9.96
N TYR B 131 -18.85 -8.69 -10.46
CA TYR B 131 -18.36 -7.50 -11.16
C TYR B 131 -19.11 -7.21 -12.44
N PHE B 132 -19.86 -8.18 -12.96
CA PHE B 132 -20.56 -7.95 -14.22
C PHE B 132 -21.79 -7.08 -14.03
N SER B 133 -22.15 -6.76 -12.78
CA SER B 133 -23.29 -5.91 -12.47
C SER B 133 -23.02 -4.42 -12.68
N VAL B 134 -21.77 -4.00 -12.81
CA VAL B 134 -21.40 -2.59 -12.73
C VAL B 134 -20.93 -2.11 -14.10
N PRO B 135 -21.53 -1.05 -14.64
CA PRO B 135 -21.09 -0.52 -15.94
C PRO B 135 -19.65 -0.04 -15.92
N LEU B 136 -18.97 -0.20 -17.06
CA LEU B 136 -17.60 0.27 -17.25
C LEU B 136 -17.62 1.57 -18.05
N ASP B 137 -16.79 2.52 -17.62
CA ASP B 137 -16.62 3.81 -18.29
C ASP B 137 -16.47 3.65 -19.80
N GLU B 138 -17.42 4.25 -20.54
CA GLU B 138 -17.44 4.23 -22.00
C GLU B 138 -16.07 4.46 -22.64
N ASP B 139 -15.33 5.46 -22.16
CA ASP B 139 -14.07 5.80 -22.81
C ASP B 139 -12.98 4.76 -22.57
N PHE B 140 -13.17 3.86 -21.61
CA PHE B 140 -12.16 2.87 -21.25
C PHE B 140 -12.41 1.52 -21.91
N ARG B 141 -13.65 1.27 -22.32
CA ARG B 141 -14.06 -0.02 -22.85
C ARG B 141 -13.15 -0.50 -23.99
N LYS B 142 -12.72 0.41 -24.86
CA LYS B 142 -11.94 0.00 -26.03
C LYS B 142 -10.67 -0.76 -25.63
N TYR B 143 -10.16 -0.55 -24.42
CA TYR B 143 -8.93 -1.19 -23.99
C TYR B 143 -9.12 -2.65 -23.61
N THR B 144 -10.36 -3.13 -23.49
CA THR B 144 -10.63 -4.49 -23.07
C THR B 144 -10.90 -5.42 -24.26
N ALA B 145 -10.43 -5.05 -25.44
CA ALA B 145 -10.71 -5.81 -26.66
C ALA B 145 -10.01 -7.16 -26.63
N PHE B 146 -10.75 -8.22 -27.00
CA PHE B 146 -10.15 -9.52 -27.22
C PHE B 146 -10.73 -10.13 -28.50
N THR B 147 -10.02 -11.12 -29.04
CA THR B 147 -10.37 -11.77 -30.29
C THR B 147 -10.49 -13.28 -30.09
N ILE B 148 -11.69 -13.81 -30.22
CA ILE B 148 -11.85 -15.28 -30.27
C ILE B 148 -11.35 -15.81 -31.61
N PRO B 149 -10.44 -16.80 -31.62
CA PRO B 149 -9.93 -17.36 -32.88
C PRO B 149 -10.77 -18.54 -33.34
N SER B 150 -10.46 -19.15 -34.48
CA SER B 150 -11.23 -20.30 -34.94
C SER B 150 -10.29 -21.37 -35.45
N ILE B 151 -10.70 -22.63 -35.26
CA ILE B 151 -9.94 -23.78 -35.74
C ILE B 151 -9.68 -23.68 -37.23
N ASN B 152 -8.44 -23.96 -37.62
CA ASN B 152 -7.99 -23.93 -39.02
C ASN B 152 -8.30 -22.60 -39.70
N ASN B 153 -8.51 -21.55 -38.90
CA ASN B 153 -8.79 -20.22 -39.42
C ASN B 153 -9.95 -20.22 -40.41
N GLU B 154 -11.03 -20.90 -40.03
CA GLU B 154 -12.22 -20.92 -40.86
C GLU B 154 -12.78 -19.51 -41.04
N THR B 155 -12.66 -18.69 -40.02
CA THR B 155 -13.21 -17.35 -39.95
C THR B 155 -12.11 -16.42 -39.49
N PRO B 156 -12.15 -15.15 -39.88
CA PRO B 156 -11.32 -14.16 -39.20
C PRO B 156 -11.74 -14.06 -37.74
N GLY B 157 -10.89 -13.45 -36.92
CA GLY B 157 -11.17 -13.41 -35.51
C GLY B 157 -12.41 -12.59 -35.22
N ILE B 158 -13.12 -12.96 -34.16
CA ILE B 158 -14.32 -12.25 -33.76
C ILE B 158 -13.99 -11.44 -32.51
N ARG B 159 -14.03 -10.12 -32.66
CA ARG B 159 -13.57 -9.20 -31.62
C ARG B 159 -14.74 -8.73 -30.77
N TYR B 160 -14.57 -8.80 -29.46
CA TYR B 160 -15.52 -8.21 -28.53
C TYR B 160 -14.78 -7.17 -27.67
N GLN B 161 -15.56 -6.33 -26.99
CA GLN B 161 -15.02 -5.51 -25.92
C GLN B 161 -15.99 -5.53 -24.74
N TYR B 162 -15.52 -5.11 -23.58
CA TYR B 162 -16.33 -5.16 -22.37
C TYR B 162 -17.15 -3.90 -22.17
N ASN B 163 -18.38 -4.08 -21.71
CA ASN B 163 -19.26 -3.00 -21.26
C ASN B 163 -19.32 -2.89 -19.74
N VAL B 164 -19.08 -3.99 -19.03
CA VAL B 164 -19.11 -4.02 -17.58
C VAL B 164 -17.68 -4.27 -17.07
N LEU B 165 -17.53 -4.18 -15.75
CA LEU B 165 -16.29 -4.55 -15.08
C LEU B 165 -15.89 -5.98 -15.43
N PRO B 166 -14.76 -6.19 -16.12
CA PRO B 166 -14.38 -7.56 -16.50
C PRO B 166 -13.63 -8.27 -15.39
N GLN B 167 -13.92 -9.56 -15.23
CA GLN B 167 -13.08 -10.44 -14.42
C GLN B 167 -11.63 -10.38 -14.87
N GLY B 168 -10.71 -10.41 -13.89
CA GLY B 168 -9.30 -10.44 -14.18
C GLY B 168 -8.64 -9.09 -14.33
N TRP B 169 -9.40 -8.00 -14.36
CA TRP B 169 -8.83 -6.66 -14.47
C TRP B 169 -8.71 -6.05 -13.08
N LYS B 170 -7.53 -5.48 -12.80
CA LYS B 170 -7.26 -4.94 -11.47
C LYS B 170 -8.14 -3.74 -11.14
N GLY B 171 -8.73 -3.10 -12.15
CA GLY B 171 -9.66 -2.03 -11.90
C GLY B 171 -10.98 -2.48 -11.33
N SER B 172 -11.40 -3.72 -11.62
CA SER B 172 -12.74 -4.14 -11.22
C SER B 172 -12.90 -4.28 -9.71
N PRO B 173 -11.99 -4.91 -8.96
CA PRO B 173 -12.19 -4.94 -7.50
C PRO B 173 -12.10 -3.55 -6.88
N ALA B 174 -11.16 -2.72 -7.36
CA ALA B 174 -11.06 -1.33 -6.95
C ALA B 174 -12.41 -0.62 -7.02
N ILE B 175 -13.00 -0.59 -8.22
CA ILE B 175 -14.25 0.14 -8.44
C ILE B 175 -15.41 -0.52 -7.71
N PHE B 176 -15.37 -1.83 -7.52
CA PHE B 176 -16.46 -2.53 -6.85
C PHE B 176 -16.35 -2.50 -5.33
N GLN B 177 -15.21 -2.06 -4.78
CA GLN B 177 -14.97 -2.12 -3.34
C GLN B 177 -16.13 -1.54 -2.54
N SER B 178 -16.62 -0.37 -2.95
CA SER B 178 -17.73 0.28 -2.25
C SER B 178 -18.91 -0.68 -2.07
N SER B 179 -19.41 -1.23 -3.18
CA SER B 179 -20.53 -2.17 -3.08
C SER B 179 -20.15 -3.39 -2.26
N MET B 180 -18.89 -3.83 -2.37
CA MET B 180 -18.45 -5.05 -1.71
C MET B 180 -18.42 -4.90 -0.19
N THR B 181 -17.87 -3.78 0.28
CA THR B 181 -17.84 -3.52 1.72
C THR B 181 -19.25 -3.42 2.29
N LYS B 182 -20.14 -2.71 1.59
CA LYS B 182 -21.53 -2.61 2.03
C LYS B 182 -22.19 -3.99 2.13
N ILE B 183 -21.88 -4.89 1.19
CA ILE B 183 -22.50 -6.22 1.20
C ILE B 183 -22.00 -7.05 2.37
N LEU B 184 -20.70 -6.98 2.67
CA LEU B 184 -20.15 -7.83 3.71
C LEU B 184 -20.35 -7.26 5.12
N GLU B 185 -20.67 -5.97 5.22
CA GLU B 185 -20.84 -5.29 6.51
C GLU B 185 -21.61 -6.09 7.56
N PRO B 186 -22.81 -6.64 7.28
CA PRO B 186 -23.52 -7.40 8.32
C PRO B 186 -22.73 -8.61 8.83
N PHE B 187 -22.38 -9.50 7.90
CA PHE B 187 -21.60 -10.69 8.24
C PHE B 187 -20.37 -10.34 9.08
N LYS B 188 -19.64 -9.29 8.68
CA LYS B 188 -18.46 -8.88 9.44
C LYS B 188 -18.79 -8.53 10.88
N LYS B 189 -19.80 -7.68 11.07
CA LYS B 189 -20.19 -7.28 12.43
C LYS B 189 -20.67 -8.46 13.27
N GLN B 190 -21.46 -9.37 12.68
CA GLN B 190 -21.87 -10.57 13.40
C GLN B 190 -20.67 -11.40 13.83
N ASN B 191 -19.73 -11.65 12.91
CA ASN B 191 -18.54 -12.46 13.19
C ASN B 191 -17.28 -11.61 13.08
N PRO B 192 -17.00 -10.77 14.08
CA PRO B 192 -15.91 -9.79 13.94
C PRO B 192 -14.51 -10.41 14.02
N ASP B 193 -14.39 -11.69 14.34
CA ASP B 193 -13.07 -12.32 14.42
C ASP B 193 -12.55 -12.78 13.06
N ILE B 194 -13.42 -12.85 12.06
CA ILE B 194 -13.08 -13.41 10.76
C ILE B 194 -12.45 -12.34 9.87
N VAL B 195 -11.29 -12.67 9.28
CA VAL B 195 -10.59 -11.75 8.40
C VAL B 195 -11.06 -12.01 6.97
N ILE B 196 -11.29 -10.92 6.23
CA ILE B 196 -11.70 -11.00 4.83
C ILE B 196 -10.82 -10.08 4.00
N TYR B 197 -10.19 -10.64 2.97
CA TYR B 197 -9.32 -9.88 2.08
C TYR B 197 -9.78 -10.11 0.65
N GLN B 198 -9.86 -9.05 -0.13
CA GLN B 198 -10.25 -9.12 -1.54
C GLN B 198 -9.02 -8.95 -2.41
N TYR B 199 -8.74 -9.95 -3.26
CA TYR B 199 -7.69 -9.83 -4.27
C TYR B 199 -8.23 -10.25 -5.63
N MET B 200 -8.23 -9.32 -6.58
CA MET B 200 -8.81 -9.55 -7.90
C MET B 200 -10.22 -10.15 -7.86
N ASP B 201 -10.39 -11.33 -8.44
CA ASP B 201 -11.68 -12.00 -8.49
C ASP B 201 -11.94 -12.90 -7.28
N ASP B 202 -11.06 -12.89 -6.29
CA ASP B 202 -11.13 -13.85 -5.19
C ASP B 202 -11.38 -13.15 -3.85
N LEU B 203 -12.03 -13.88 -2.95
CA LEU B 203 -12.24 -13.44 -1.57
C LEU B 203 -11.55 -14.43 -0.65
N TYR B 204 -10.66 -13.92 0.19
CA TYR B 204 -9.91 -14.73 1.15
C TYR B 204 -10.54 -14.54 2.52
N VAL B 205 -11.15 -15.59 3.05
CA VAL B 205 -11.89 -15.53 4.31
C VAL B 205 -11.21 -16.45 5.32
N GLY B 206 -10.54 -15.85 6.29
CA GLY B 206 -9.76 -16.60 7.27
C GLY B 206 -10.41 -16.56 8.65
N SER B 207 -10.30 -17.68 9.37
CA SER B 207 -10.81 -17.73 10.74
C SER B 207 -10.01 -18.77 11.54
N ASP B 208 -10.08 -18.64 12.86
CA ASP B 208 -9.47 -19.58 13.78
C ASP B 208 -10.46 -20.63 14.28
N LEU B 209 -11.69 -20.61 13.77
CA LEU B 209 -12.71 -21.58 14.16
C LEU B 209 -12.27 -23.01 13.81
N GLU B 210 -12.93 -23.98 14.45
CA GLU B 210 -12.77 -25.36 14.06
C GLU B 210 -13.35 -25.55 12.66
N ILE B 211 -12.82 -26.54 11.94
CA ILE B 211 -13.06 -26.63 10.49
C ILE B 211 -14.56 -26.61 10.18
N GLY B 212 -15.34 -27.45 10.86
CA GLY B 212 -16.79 -27.45 10.72
C GLY B 212 -17.40 -26.06 10.79
N GLN B 213 -17.15 -25.34 11.88
CA GLN B 213 -17.73 -24.01 12.02
C GLN B 213 -17.15 -23.03 11.00
N HIS B 214 -15.92 -23.28 10.55
CA HIS B 214 -15.33 -22.44 9.50
C HIS B 214 -16.12 -22.60 8.20
N ARG B 215 -16.24 -23.84 7.71
CA ARG B 215 -16.97 -24.09 6.47
C ARG B 215 -18.41 -23.60 6.63
N THR B 216 -18.99 -23.81 7.81
CA THR B 216 -20.31 -23.27 8.11
C THR B 216 -20.35 -21.78 7.87
N LYS B 217 -19.40 -21.04 8.46
CA LYS B 217 -19.39 -19.59 8.28
C LYS B 217 -19.20 -19.23 6.81
N ILE B 218 -18.42 -20.04 6.07
CA ILE B 218 -18.26 -19.80 4.64
C ILE B 218 -19.58 -20.01 3.91
N GLU B 219 -20.32 -21.06 4.31
CA GLU B 219 -21.62 -21.31 3.73
C GLU B 219 -22.59 -20.17 4.01
N GLU B 220 -22.59 -19.68 5.25
CA GLU B 220 -23.38 -18.49 5.60
C GLU B 220 -23.05 -17.34 4.67
N LEU B 221 -21.76 -17.06 4.50
CA LEU B 221 -21.33 -15.98 3.62
C LEU B 221 -21.81 -16.20 2.18
N ARG B 222 -21.82 -17.47 1.72
CA ARG B 222 -22.26 -17.73 0.37
C ARG B 222 -23.73 -17.37 0.18
N GLN B 223 -24.56 -17.81 1.12
CA GLN B 223 -25.98 -17.51 1.03
C GLN B 223 -26.21 -16.01 1.22
N HIS B 224 -25.39 -15.39 2.06
CA HIS B 224 -25.42 -13.95 2.25
C HIS B 224 -25.16 -13.21 0.95
N LEU B 225 -24.19 -13.68 0.16
CA LEU B 225 -23.89 -13.08 -1.14
C LEU B 225 -25.04 -13.26 -2.13
N LEU B 226 -25.72 -14.43 -2.08
CA LEU B 226 -26.85 -14.67 -2.98
C LEU B 226 -27.99 -13.71 -2.70
N ARG B 227 -28.20 -13.37 -1.42
CA ARG B 227 -29.33 -12.50 -1.07
C ARG B 227 -29.15 -11.13 -1.71
N TRP B 228 -27.92 -10.61 -1.75
CA TRP B 228 -27.70 -9.41 -2.54
C TRP B 228 -27.82 -9.71 -4.03
N GLY B 229 -27.37 -10.90 -4.46
CA GLY B 229 -27.45 -11.25 -5.87
C GLY B 229 -28.88 -11.31 -6.37
N LEU B 230 -29.80 -11.77 -5.52
CA LEU B 230 -31.20 -11.83 -5.91
C LEU B 230 -31.83 -10.44 -5.93
N THR B 231 -31.35 -9.52 -5.10
CA THR B 231 -31.99 -8.22 -4.94
C THR B 231 -31.30 -7.11 -5.74
N THR B 232 -30.13 -6.68 -5.29
CA THR B 232 -29.42 -5.59 -5.97
C THR B 232 -28.31 -6.15 -6.87
N PRO B 242 -16.42 -21.54 -12.42
CA PRO B 242 -16.54 -20.10 -12.18
C PRO B 242 -17.41 -19.77 -11.00
N PHE B 243 -18.24 -20.72 -10.60
CA PHE B 243 -19.42 -20.37 -9.84
C PHE B 243 -19.09 -20.16 -8.37
N LEU B 244 -20.00 -19.46 -7.69
CA LEU B 244 -19.79 -19.04 -6.32
C LEU B 244 -19.64 -20.22 -5.36
N TRP B 245 -20.32 -21.34 -5.65
CA TRP B 245 -20.34 -22.49 -4.73
C TRP B 245 -18.96 -23.06 -4.43
N MET B 246 -18.05 -23.11 -5.42
CA MET B 246 -16.71 -23.63 -5.18
C MET B 246 -16.00 -22.92 -4.02
N GLY B 247 -15.06 -23.62 -3.38
CA GLY B 247 -14.23 -23.02 -2.34
C GLY B 247 -13.00 -23.83 -1.99
N TYR B 248 -11.85 -23.16 -1.87
CA TYR B 248 -10.56 -23.81 -1.60
C TYR B 248 -10.07 -23.46 -0.20
N GLU B 249 -9.53 -24.45 0.51
CA GLU B 249 -9.17 -24.29 1.91
C GLU B 249 -7.66 -24.33 2.14
N LEU B 250 -7.10 -23.19 2.57
CA LEU B 250 -5.70 -23.01 2.91
C LEU B 250 -5.53 -23.14 4.42
N HIS B 251 -4.30 -23.43 4.84
CA HIS B 251 -3.93 -23.37 6.26
C HIS B 251 -2.61 -22.64 6.41
N PRO B 252 -2.64 -21.29 6.36
CA PRO B 252 -1.39 -20.50 6.43
C PRO B 252 -0.56 -20.71 7.67
N ASP B 253 -1.18 -21.04 8.80
CA ASP B 253 -0.44 -21.26 10.04
C ASP B 253 0.58 -22.38 9.93
N LYS B 254 0.32 -23.39 9.10
CA LYS B 254 1.21 -24.53 8.95
C LYS B 254 2.18 -24.40 7.77
N TRP B 255 2.36 -23.21 7.19
CA TRP B 255 3.29 -23.02 6.08
C TRP B 255 4.75 -23.01 6.54
N THR B 256 5.44 -24.14 6.35
CA THR B 256 6.85 -24.30 6.70
C THR B 256 7.75 -23.39 5.86
N VAL B 257 8.96 -23.15 6.37
CA VAL B 257 10.01 -22.43 5.66
C VAL B 257 11.21 -23.37 5.51
N GLN B 258 11.83 -23.37 4.32
CA GLN B 258 12.96 -24.24 4.02
C GLN B 258 14.27 -23.45 4.04
N PRO B 259 15.07 -23.53 5.11
CA PRO B 259 16.28 -22.70 5.20
C PRO B 259 17.47 -23.36 4.54
N ILE B 260 18.64 -22.72 4.63
CA ILE B 260 19.88 -23.30 4.11
C ILE B 260 20.49 -24.17 5.20
N VAL B 261 20.85 -25.40 4.85
CA VAL B 261 21.38 -26.36 5.80
C VAL B 261 22.66 -26.97 5.26
N LEU B 262 23.66 -27.14 6.14
CA LEU B 262 24.88 -27.81 5.79
C LEU B 262 24.76 -29.30 6.10
N PRO B 263 25.37 -30.17 5.30
CA PRO B 263 25.29 -31.60 5.59
C PRO B 263 25.96 -31.93 6.91
N GLU B 264 25.63 -33.10 7.44
CA GLU B 264 26.28 -33.61 8.64
C GLU B 264 26.97 -34.91 8.30
N LYS B 265 28.28 -34.95 8.55
CA LYS B 265 29.08 -36.13 8.27
C LYS B 265 30.08 -36.30 9.40
N ASP B 266 30.45 -37.55 9.65
CA ASP B 266 31.58 -37.87 10.51
C ASP B 266 32.89 -37.97 9.73
N SER B 267 32.84 -38.47 8.50
CA SER B 267 33.98 -38.51 7.61
C SER B 267 33.68 -37.69 6.36
N TRP B 268 34.62 -36.82 6.01
CA TRP B 268 34.51 -35.95 4.85
C TRP B 268 35.54 -36.33 3.80
N THR B 269 35.10 -36.51 2.56
CA THR B 269 36.06 -36.65 1.48
C THR B 269 36.47 -35.28 0.96
N VAL B 270 37.57 -35.25 0.20
CA VAL B 270 37.99 -34.02 -0.45
C VAL B 270 36.85 -33.43 -1.27
N ASN B 271 36.14 -34.29 -2.02
CA ASN B 271 34.97 -33.83 -2.76
C ASN B 271 33.95 -33.17 -1.83
N ASP B 272 33.63 -33.83 -0.72
CA ASP B 272 32.65 -33.27 0.20
C ASP B 272 33.08 -31.88 0.69
N ILE B 273 34.36 -31.73 1.04
CA ILE B 273 34.82 -30.44 1.57
C ILE B 273 34.87 -29.37 0.48
N GLN B 274 35.20 -29.77 -0.77
CA GLN B 274 35.10 -28.81 -1.86
C GLN B 274 33.66 -28.34 -2.05
N LYS B 275 32.72 -29.28 -1.97
CA LYS B 275 31.30 -28.91 -2.09
C LYS B 275 30.91 -27.99 -0.94
N LEU B 276 31.29 -28.38 0.29
CA LEU B 276 30.95 -27.61 1.47
C LEU B 276 31.49 -26.19 1.39
N VAL B 277 32.71 -26.04 0.87
CA VAL B 277 33.33 -24.73 0.81
C VAL B 277 32.68 -23.88 -0.27
N GLY B 278 32.34 -24.49 -1.42
CA GLY B 278 31.65 -23.75 -2.45
C GLY B 278 30.28 -23.30 -1.98
N LYS B 279 29.58 -24.16 -1.24
CA LYS B 279 28.26 -23.82 -0.71
C LYS B 279 28.38 -22.67 0.29
N LEU B 280 29.35 -22.77 1.21
CA LEU B 280 29.51 -21.75 2.24
C LEU B 280 29.91 -20.42 1.61
N ASN B 281 30.71 -20.47 0.56
CA ASN B 281 31.16 -19.23 -0.05
C ASN B 281 30.00 -18.56 -0.79
N TRP B 282 29.07 -19.35 -1.33
CA TRP B 282 27.86 -18.77 -1.90
C TRP B 282 26.99 -18.17 -0.80
N ALA B 283 26.80 -18.91 0.30
CA ALA B 283 25.98 -18.44 1.41
C ALA B 283 26.50 -17.13 1.97
N SER B 284 27.82 -16.91 1.94
CA SER B 284 28.40 -15.72 2.54
C SER B 284 27.79 -14.44 1.96
N GLN B 285 27.26 -14.51 0.74
CA GLN B 285 26.52 -13.38 0.18
C GLN B 285 25.23 -13.10 0.94
N ILE B 286 24.71 -14.08 1.67
CA ILE B 286 23.49 -13.92 2.45
C ILE B 286 23.80 -13.67 3.91
N TYR B 287 24.63 -14.50 4.53
CA TYR B 287 25.16 -14.27 5.87
C TYR B 287 26.62 -13.87 5.78
N PRO B 288 26.96 -12.60 6.01
CA PRO B 288 28.35 -12.15 5.76
C PRO B 288 29.37 -12.67 6.75
N GLY B 289 28.96 -13.05 7.97
CA GLY B 289 29.92 -13.49 8.96
C GLY B 289 30.50 -14.87 8.73
N ILE B 290 30.15 -15.52 7.63
CA ILE B 290 30.55 -16.89 7.36
C ILE B 290 32.00 -16.90 6.87
N LYS B 291 32.79 -17.87 7.35
CA LYS B 291 34.20 -17.94 7.06
C LYS B 291 34.54 -19.34 6.54
N VAL B 292 35.49 -19.41 5.60
CA VAL B 292 35.92 -20.69 5.05
C VAL B 292 37.43 -20.88 5.13
N ARG B 293 38.12 -20.01 5.86
CA ARG B 293 39.58 -20.09 5.91
C ARG B 293 40.05 -21.44 6.43
N GLN B 294 39.59 -21.83 7.62
CA GLN B 294 40.02 -23.09 8.24
C GLN B 294 39.66 -24.29 7.37
N LEU B 295 38.50 -24.25 6.73
CA LEU B 295 38.08 -25.37 5.89
C LEU B 295 38.88 -25.40 4.60
N SER B 296 39.10 -24.24 3.98
CA SER B 296 39.87 -24.18 2.74
C SER B 296 41.29 -24.72 2.94
N LYS B 297 41.93 -24.37 4.06
CA LYS B 297 43.23 -24.96 4.39
C LYS B 297 43.25 -26.48 4.23
N LEU B 298 42.21 -27.17 4.69
CA LEU B 298 42.25 -28.64 4.59
C LEU B 298 42.42 -29.12 3.17
N LEU B 299 42.28 -28.23 2.18
CA LEU B 299 42.37 -28.53 0.76
C LEU B 299 43.70 -28.11 0.14
N ARG B 300 44.76 -27.92 0.92
CA ARG B 300 45.99 -27.33 0.36
C ARG B 300 46.62 -28.23 -0.70
N GLY B 301 46.75 -29.52 -0.43
CA GLY B 301 47.47 -30.37 -1.35
C GLY B 301 46.66 -30.65 -2.60
N THR B 302 47.31 -31.32 -3.56
CA THR B 302 46.62 -31.84 -4.75
C THR B 302 46.24 -33.29 -4.46
N LYS B 303 45.05 -33.47 -3.89
CA LYS B 303 44.63 -34.79 -3.43
C LYS B 303 43.49 -35.35 -4.27
N ALA B 304 43.41 -36.67 -4.28
CA ALA B 304 42.31 -37.38 -4.92
C ALA B 304 40.96 -36.97 -4.32
N LEU B 305 39.99 -36.69 -5.18
CA LEU B 305 38.67 -36.24 -4.74
C LEU B 305 38.09 -37.17 -3.69
N THR B 306 38.43 -38.46 -3.77
CA THR B 306 37.85 -39.53 -3.00
C THR B 306 38.55 -39.74 -1.66
N GLU B 307 39.67 -39.05 -1.42
CA GLU B 307 40.40 -39.23 -0.17
C GLU B 307 39.63 -38.68 1.03
N VAL B 308 39.57 -39.50 2.08
CA VAL B 308 39.01 -39.12 3.38
C VAL B 308 40.06 -38.33 4.14
N ILE B 309 39.69 -37.17 4.68
CA ILE B 309 40.61 -36.35 5.45
C ILE B 309 40.01 -35.89 6.78
N PRO B 310 40.64 -36.19 7.92
CA PRO B 310 40.13 -35.79 9.23
C PRO B 310 40.03 -34.27 9.34
N LEU B 311 38.91 -33.81 9.91
CA LEU B 311 38.76 -32.37 10.12
C LEU B 311 39.70 -31.91 11.23
N THR B 312 40.42 -30.81 10.97
CA THR B 312 41.23 -30.15 11.99
C THR B 312 40.36 -29.48 13.06
N GLU B 313 40.97 -29.31 14.24
CA GLU B 313 40.25 -28.71 15.37
C GLU B 313 39.69 -27.34 14.98
N GLU B 314 40.49 -26.53 14.29
CA GLU B 314 40.06 -25.22 13.81
C GLU B 314 38.87 -25.33 12.87
N ALA B 315 38.97 -26.26 11.91
CA ALA B 315 37.91 -26.50 10.94
C ALA B 315 36.59 -26.90 11.60
N GLU B 316 36.64 -27.78 12.60
CA GLU B 316 35.42 -28.15 13.30
C GLU B 316 34.76 -26.94 13.95
N LEU B 317 35.54 -26.07 14.61
CA LEU B 317 34.93 -24.88 15.18
C LEU B 317 34.33 -24.00 14.09
N GLU B 318 35.06 -23.81 12.99
CA GLU B 318 34.58 -22.97 11.90
C GLU B 318 33.25 -23.49 11.38
N LEU B 319 33.15 -24.81 11.18
CA LEU B 319 31.92 -25.40 10.69
C LEU B 319 30.78 -25.20 11.69
N ALA B 320 31.05 -25.44 12.97
CA ALA B 320 30.03 -25.27 14.00
C ALA B 320 29.56 -23.82 14.06
N GLU B 321 30.50 -22.88 14.02
CA GLU B 321 30.16 -21.46 14.00
C GLU B 321 29.29 -21.12 12.79
N ASN B 322 29.51 -21.78 11.65
CA ASN B 322 28.72 -21.48 10.47
C ASN B 322 27.30 -22.02 10.59
N ARG B 323 27.14 -23.20 11.20
CA ARG B 323 25.79 -23.69 11.45
C ARG B 323 25.02 -22.72 12.33
N GLU B 324 25.67 -22.21 13.37
CA GLU B 324 25.06 -21.19 14.23
C GLU B 324 24.61 -19.98 13.42
N ILE B 325 25.50 -19.43 12.60
CA ILE B 325 25.15 -18.26 11.80
C ILE B 325 23.97 -18.55 10.88
N LEU B 326 23.96 -19.71 10.23
CA LEU B 326 22.84 -20.09 9.39
C LEU B 326 21.55 -20.32 10.17
N LYS B 327 21.65 -20.59 11.48
CA LYS B 327 20.44 -20.78 12.27
C LYS B 327 19.70 -19.48 12.53
N GLU B 328 20.41 -18.35 12.61
CA GLU B 328 19.76 -17.10 12.93
C GLU B 328 19.23 -16.43 11.67
N PRO B 329 18.27 -15.52 11.79
CA PRO B 329 17.72 -14.87 10.60
C PRO B 329 18.67 -13.83 10.04
N VAL B 330 18.54 -13.57 8.73
CA VAL B 330 19.38 -12.59 8.09
C VAL B 330 19.05 -11.21 8.64
N HIS B 331 20.06 -10.34 8.71
CA HIS B 331 19.89 -9.02 9.29
C HIS B 331 19.40 -8.04 8.23
N GLY B 332 18.45 -7.20 8.62
CA GLY B 332 17.94 -6.14 7.76
C GLY B 332 17.20 -6.62 6.52
N VAL B 333 16.30 -7.58 6.72
CA VAL B 333 15.47 -8.14 5.65
C VAL B 333 14.03 -7.96 6.08
N TYR B 334 13.27 -7.21 5.29
CA TYR B 334 11.89 -6.93 5.65
C TYR B 334 11.14 -6.54 4.38
N TYR B 335 9.81 -6.58 4.48
CA TYR B 335 8.98 -6.28 3.33
C TYR B 335 8.86 -4.77 3.15
N ASP B 336 9.16 -4.31 1.93
CA ASP B 336 8.93 -2.93 1.53
C ASP B 336 7.70 -2.86 0.64
N PRO B 337 6.62 -2.21 1.05
CA PRO B 337 5.39 -2.27 0.25
C PRO B 337 5.52 -1.61 -1.11
N SER B 338 6.56 -0.81 -1.33
CA SER B 338 6.71 -0.14 -2.62
C SER B 338 7.54 -0.94 -3.62
N LYS B 339 8.20 -2.01 -3.20
CA LYS B 339 9.05 -2.79 -4.09
C LYS B 339 8.31 -4.04 -4.55
N ASP B 340 8.67 -4.52 -5.75
CA ASP B 340 8.04 -5.71 -6.28
C ASP B 340 8.60 -6.96 -5.61
N LEU B 341 7.79 -8.02 -5.61
CA LEU B 341 8.28 -9.33 -5.19
C LEU B 341 8.80 -10.12 -6.39
N ILE B 342 9.90 -10.83 -6.17
CA ILE B 342 10.50 -11.72 -7.16
C ILE B 342 10.56 -13.11 -6.59
N ALA B 343 10.23 -14.12 -7.41
CA ALA B 343 10.32 -15.52 -7.01
C ALA B 343 11.21 -16.29 -7.97
N GLU B 344 12.16 -17.05 -7.41
CA GLU B 344 12.98 -17.99 -8.16
C GLU B 344 12.59 -19.41 -7.78
N ILE B 345 12.55 -20.30 -8.76
CA ILE B 345 12.24 -21.72 -8.56
C ILE B 345 13.37 -22.56 -9.13
N GLN B 346 13.85 -23.54 -8.35
CA GLN B 346 14.79 -24.52 -8.89
C GLN B 346 14.16 -25.91 -8.92
N LYS B 347 14.41 -26.63 -10.01
CA LYS B 347 14.06 -28.05 -10.12
C LYS B 347 15.14 -28.90 -9.47
N GLN B 348 14.79 -29.63 -8.40
CA GLN B 348 15.75 -30.43 -7.68
C GLN B 348 15.73 -31.91 -8.07
N GLY B 349 14.78 -32.34 -8.88
CA GLY B 349 14.68 -33.73 -9.23
C GLY B 349 13.82 -34.51 -8.26
N GLN B 350 13.32 -35.65 -8.72
CA GLN B 350 12.48 -36.54 -7.91
C GLN B 350 11.24 -35.83 -7.39
N GLY B 351 10.70 -34.90 -8.20
CA GLY B 351 9.50 -34.18 -7.84
C GLY B 351 9.66 -33.12 -6.77
N GLN B 352 10.90 -32.68 -6.51
CA GLN B 352 11.15 -31.68 -5.48
C GLN B 352 11.51 -30.35 -6.14
N TRP B 353 10.85 -29.28 -5.67
CA TRP B 353 11.07 -27.93 -6.20
C TRP B 353 11.31 -26.98 -5.03
N THR B 354 12.35 -26.15 -5.15
CA THR B 354 12.67 -25.15 -4.15
C THR B 354 12.39 -23.76 -4.70
N TYR B 355 12.09 -22.82 -3.81
CA TYR B 355 11.83 -21.46 -4.23
C TYR B 355 12.25 -20.47 -3.14
N GLN B 356 12.54 -19.25 -3.58
CA GLN B 356 12.81 -18.12 -2.71
C GLN B 356 12.02 -16.91 -3.20
N ILE B 357 11.48 -16.15 -2.26
CA ILE B 357 10.77 -14.90 -2.53
C ILE B 357 11.53 -13.74 -1.92
N TYR B 358 11.87 -12.75 -2.74
CA TYR B 358 12.68 -11.63 -2.27
C TYR B 358 12.31 -10.38 -3.05
N GLN B 359 12.72 -9.23 -2.49
CA GLN B 359 12.62 -7.95 -3.17
C GLN B 359 13.97 -7.40 -3.58
N GLU B 360 15.00 -7.72 -2.81
CA GLU B 360 16.38 -7.35 -3.11
C GLU B 360 17.22 -8.61 -3.07
N PRO B 361 18.14 -8.76 -4.02
CA PRO B 361 19.02 -9.94 -4.06
C PRO B 361 19.63 -10.26 -2.70
N PHE B 362 19.59 -11.54 -2.33
CA PHE B 362 20.20 -12.06 -1.11
C PHE B 362 19.51 -11.58 0.16
N LYS B 363 18.38 -10.89 0.02
CA LYS B 363 17.52 -10.57 1.15
C LYS B 363 16.18 -11.28 0.97
N ASN B 364 16.20 -12.61 1.15
CA ASN B 364 15.02 -13.43 0.94
C ASN B 364 13.98 -13.20 2.03
N LEU B 365 12.76 -12.84 1.62
CA LEU B 365 11.64 -12.77 2.56
C LEU B 365 11.12 -14.14 2.94
N LYS B 366 11.22 -15.13 2.04
CA LYS B 366 10.76 -16.48 2.34
C LYS B 366 11.48 -17.47 1.44
N THR B 367 11.73 -18.66 1.98
CA THR B 367 12.31 -19.77 1.25
C THR B 367 11.44 -21.00 1.51
N GLY B 368 11.42 -21.93 0.56
CA GLY B 368 10.57 -23.09 0.74
C GLY B 368 10.89 -24.20 -0.25
N LYS B 369 10.17 -25.31 -0.08
CA LYS B 369 10.33 -26.49 -0.91
C LYS B 369 8.99 -27.18 -1.07
N TYR B 370 8.68 -27.59 -2.31
CA TYR B 370 7.53 -28.42 -2.60
C TYR B 370 7.96 -29.80 -3.08
N ALA B 371 7.18 -30.81 -2.71
CA ALA B 371 7.41 -32.19 -3.14
C ALA B 371 6.06 -32.84 -3.41
N ARG B 372 6.07 -33.84 -4.31
CA ARG B 372 4.92 -34.73 -4.51
C ARG B 372 3.67 -33.97 -4.94
N MET B 373 3.85 -33.00 -5.82
CA MET B 373 2.73 -32.25 -6.37
C MET B 373 2.13 -33.05 -7.54
N ARG B 374 0.98 -32.60 -8.02
CA ARG B 374 0.40 -33.20 -9.22
C ARG B 374 1.40 -33.21 -10.36
N GLY B 375 1.52 -34.34 -11.03
CA GLY B 375 2.49 -34.44 -12.11
C GLY B 375 3.86 -34.97 -11.72
N ALA B 376 4.10 -35.28 -10.45
CA ALA B 376 5.41 -35.75 -10.04
C ALA B 376 5.80 -37.01 -10.80
N HIS B 377 7.04 -37.04 -11.30
CA HIS B 377 7.62 -38.12 -12.08
C HIS B 377 7.02 -38.31 -13.46
N THR B 378 6.13 -37.45 -13.91
CA THR B 378 5.74 -37.61 -15.30
C THR B 378 5.72 -36.29 -16.06
N ASN B 379 5.42 -35.19 -15.40
CA ASN B 379 5.23 -33.92 -16.12
C ASN B 379 5.86 -32.77 -15.35
N ASP B 380 7.09 -32.39 -15.75
CA ASP B 380 7.75 -31.24 -15.14
C ASP B 380 6.91 -29.99 -15.25
N VAL B 381 6.25 -29.79 -16.39
CA VAL B 381 5.57 -28.53 -16.66
C VAL B 381 4.35 -28.39 -15.76
N LYS B 382 3.61 -29.49 -15.55
CA LYS B 382 2.48 -29.43 -14.64
C LYS B 382 2.95 -29.11 -13.22
N GLN B 383 3.99 -29.81 -12.77
CA GLN B 383 4.58 -29.54 -11.46
C GLN B 383 4.96 -28.07 -11.33
N LEU B 384 5.64 -27.53 -12.34
CA LEU B 384 6.07 -26.14 -12.22
C LEU B 384 4.87 -25.21 -12.21
N THR B 385 3.85 -25.53 -13.00
CA THR B 385 2.64 -24.71 -13.02
C THR B 385 2.01 -24.69 -11.64
N GLU B 386 1.88 -25.86 -11.00
CA GLU B 386 1.39 -25.92 -9.63
C GLU B 386 2.25 -25.09 -8.70
N ALA B 387 3.58 -25.27 -8.79
CA ALA B 387 4.51 -24.50 -7.96
C ALA B 387 4.24 -23.00 -8.09
N VAL B 388 4.16 -22.51 -9.33
CA VAL B 388 3.92 -21.09 -9.56
C VAL B 388 2.59 -20.67 -8.93
N GLN B 389 1.56 -21.51 -9.06
CA GLN B 389 0.27 -21.19 -8.46
C GLN B 389 0.35 -21.21 -6.93
N LYS B 390 1.05 -22.20 -6.37
CA LYS B 390 1.22 -22.26 -4.92
C LYS B 390 1.95 -21.03 -4.39
N ILE B 391 3.05 -20.66 -5.05
CA ILE B 391 3.84 -19.53 -4.58
C ILE B 391 3.04 -18.23 -4.66
N THR B 392 2.36 -18.02 -5.79
CA THR B 392 1.53 -16.83 -5.93
C THR B 392 0.48 -16.76 -4.82
N THR B 393 -0.13 -17.90 -4.48
CA THR B 393 -1.16 -17.91 -3.45
C THR B 393 -0.56 -17.52 -2.10
N GLU B 394 0.61 -18.05 -1.78
CA GLU B 394 1.28 -17.69 -0.53
C GLU B 394 1.61 -16.20 -0.50
N SER B 395 2.08 -15.65 -1.63
CA SER B 395 2.43 -14.24 -1.67
C SER B 395 1.20 -13.35 -1.48
N ILE B 396 0.05 -13.76 -2.01
CA ILE B 396 -1.16 -12.95 -1.85
C ILE B 396 -1.57 -12.92 -0.39
N VAL B 397 -1.59 -14.08 0.25
CA VAL B 397 -1.98 -14.17 1.66
C VAL B 397 -1.01 -13.41 2.56
N ILE B 398 0.31 -13.63 2.36
CA ILE B 398 1.31 -13.00 3.22
C ILE B 398 1.47 -11.50 2.95
N TRP B 399 1.55 -11.09 1.68
CA TRP B 399 1.81 -9.68 1.37
C TRP B 399 0.75 -8.98 0.53
N GLY B 400 -0.25 -9.69 0.00
CA GLY B 400 -1.20 -9.05 -0.88
C GLY B 400 -0.65 -8.68 -2.25
N LYS B 401 0.39 -9.38 -2.70
CA LYS B 401 1.01 -9.11 -3.99
C LYS B 401 1.34 -10.43 -4.66
N THR B 402 1.46 -10.40 -5.99
CA THR B 402 1.92 -11.59 -6.70
C THR B 402 3.32 -11.34 -7.22
N PRO B 403 4.25 -12.28 -7.03
CA PRO B 403 5.62 -12.05 -7.49
C PRO B 403 5.76 -12.21 -8.99
N LYS B 404 6.86 -11.65 -9.51
CA LYS B 404 7.30 -11.93 -10.87
C LYS B 404 8.23 -13.13 -10.82
N PHE B 405 7.93 -14.16 -11.61
CA PHE B 405 8.67 -15.41 -11.53
C PHE B 405 9.83 -15.47 -12.53
N LYS B 406 10.94 -16.04 -12.06
CA LYS B 406 12.03 -16.48 -12.90
C LYS B 406 11.84 -17.98 -13.09
N LEU B 407 11.38 -18.38 -14.28
CA LEU B 407 11.01 -19.79 -14.45
C LEU B 407 12.15 -20.60 -15.03
N PRO B 408 12.53 -21.81 -14.37
CA PRO B 408 13.62 -22.67 -14.88
C PRO B 408 13.15 -23.56 -16.02
N ILE B 409 12.94 -22.94 -17.18
CA ILE B 409 12.34 -23.63 -18.31
C ILE B 409 12.49 -22.78 -19.57
N GLN B 410 12.64 -23.44 -20.71
CA GLN B 410 12.66 -22.72 -21.97
C GLN B 410 11.32 -22.04 -22.22
N LYS B 411 11.40 -20.86 -22.86
CA LYS B 411 10.20 -20.10 -23.20
C LYS B 411 9.23 -20.93 -24.04
N GLU B 412 9.72 -21.49 -25.15
CA GLU B 412 8.88 -22.29 -26.03
C GLU B 412 8.20 -23.43 -25.30
N THR B 413 8.94 -24.13 -24.43
CA THR B 413 8.36 -25.23 -23.67
C THR B 413 7.23 -24.74 -22.75
N TRP B 414 7.50 -23.68 -21.99
CA TRP B 414 6.48 -23.13 -21.10
C TRP B 414 5.24 -22.68 -21.87
N GLU B 415 5.45 -21.92 -22.94
CA GLU B 415 4.32 -21.30 -23.64
C GLU B 415 3.46 -22.34 -24.32
N THR B 416 4.05 -23.47 -24.71
CA THR B 416 3.29 -24.55 -25.35
C THR B 416 2.31 -25.21 -24.39
N TRP B 417 2.66 -25.37 -23.11
CA TRP B 417 1.87 -26.26 -22.27
C TRP B 417 1.17 -25.61 -21.07
N TRP B 418 1.60 -24.44 -20.62
CA TRP B 418 1.16 -23.95 -19.31
C TRP B 418 -0.35 -23.77 -19.19
N THR B 419 -1.04 -23.35 -20.27
CA THR B 419 -2.50 -23.17 -20.16
C THR B 419 -3.27 -24.48 -19.97
N GLU B 420 -2.68 -25.63 -20.32
CA GLU B 420 -3.29 -26.92 -20.02
C GLU B 420 -3.40 -27.20 -18.53
N TYR B 421 -2.54 -26.59 -17.71
CA TYR B 421 -2.52 -26.90 -16.29
C TYR B 421 -2.93 -25.74 -15.40
N TRP B 422 -3.21 -24.56 -15.98
CA TRP B 422 -3.53 -23.39 -15.18
C TRP B 422 -4.91 -23.52 -14.56
N GLN B 423 -4.98 -23.34 -13.24
CA GLN B 423 -6.22 -23.50 -12.50
C GLN B 423 -6.58 -22.27 -11.68
N ALA B 424 -5.88 -21.16 -11.85
CA ALA B 424 -6.09 -19.95 -11.07
C ALA B 424 -6.72 -18.87 -11.93
N THR B 425 -7.34 -17.89 -11.28
CA THR B 425 -8.08 -16.85 -12.00
C THR B 425 -7.23 -15.61 -12.24
N TRP B 426 -6.01 -15.58 -11.70
CA TRP B 426 -4.98 -14.60 -12.01
C TRP B 426 -3.83 -15.26 -12.75
N ILE B 427 -2.98 -14.43 -13.37
CA ILE B 427 -1.76 -14.90 -14.02
C ILE B 427 -0.59 -14.01 -13.60
N PRO B 428 0.42 -14.55 -12.94
CA PRO B 428 1.56 -13.71 -12.53
C PRO B 428 2.42 -13.37 -13.74
N GLU B 429 3.23 -12.33 -13.57
CA GLU B 429 4.30 -12.10 -14.53
C GLU B 429 5.39 -13.16 -14.40
N TRP B 430 6.10 -13.41 -15.50
CA TRP B 430 7.19 -14.36 -15.45
C TRP B 430 8.23 -14.02 -16.51
N GLU B 431 9.44 -14.57 -16.31
CA GLU B 431 10.52 -14.54 -17.27
C GLU B 431 11.23 -15.88 -17.21
N PHE B 432 12.12 -16.10 -18.17
CA PHE B 432 12.74 -17.41 -18.34
C PHE B 432 14.24 -17.32 -18.08
N VAL B 433 14.76 -18.27 -17.30
CA VAL B 433 16.17 -18.34 -16.95
C VAL B 433 16.70 -19.74 -17.22
N ASN B 434 18.03 -19.84 -17.37
CA ASN B 434 18.71 -21.13 -17.51
C ASN B 434 19.99 -21.12 -16.66
N THR B 435 19.88 -21.59 -15.41
CA THR B 435 20.95 -21.47 -14.42
C THR B 435 21.39 -22.87 -14.03
N PRO B 436 22.43 -23.41 -14.66
CA PRO B 436 22.94 -24.74 -14.26
C PRO B 436 23.30 -24.76 -12.79
N PRO B 437 22.87 -25.80 -12.06
CA PRO B 437 23.17 -25.88 -10.63
C PRO B 437 24.60 -26.33 -10.35
N LEU B 438 25.47 -25.38 -10.03
CA LEU B 438 26.86 -25.73 -9.75
C LEU B 438 27.08 -26.09 -8.29
N VAL B 439 26.34 -25.46 -7.39
CA VAL B 439 26.27 -25.82 -5.98
C VAL B 439 24.85 -26.30 -5.67
N LYS B 440 24.73 -27.42 -4.96
CA LYS B 440 23.42 -27.90 -4.54
C LYS B 440 23.11 -27.08 -3.28
N LEU B 441 22.65 -25.86 -3.54
CA LEU B 441 22.55 -24.79 -2.55
C LEU B 441 21.32 -24.91 -1.66
N TRP B 442 20.14 -25.10 -2.25
CA TRP B 442 18.90 -25.14 -1.49
C TRP B 442 18.40 -26.55 -1.22
N TYR B 443 19.16 -27.57 -1.62
CA TYR B 443 18.75 -28.96 -1.47
C TYR B 443 19.99 -29.82 -1.43
N GLN B 444 20.04 -30.75 -0.47
CA GLN B 444 21.24 -31.56 -0.28
C GLN B 444 21.19 -32.87 -1.06
N PRO C 1 -30.12 56.35 6.24
CA PRO C 1 -30.11 56.20 7.70
C PRO C 1 -29.50 54.89 8.16
N ILE C 2 -28.23 54.91 8.55
CA ILE C 2 -27.56 53.66 8.91
C ILE C 2 -28.08 53.21 10.27
N SER C 3 -28.19 51.89 10.42
CA SER C 3 -28.57 51.21 11.65
C SER C 3 -27.39 51.00 12.59
N PRO C 4 -27.38 51.65 13.75
CA PRO C 4 -26.16 51.68 14.55
C PRO C 4 -25.98 50.38 15.32
N ILE C 5 -24.72 50.02 15.50
CA ILE C 5 -24.38 48.78 16.18
C ILE C 5 -24.65 48.95 17.67
N GLU C 6 -25.56 48.12 18.20
CA GLU C 6 -25.86 48.17 19.63
C GLU C 6 -24.58 48.00 20.45
N THR C 7 -24.54 48.68 21.59
CA THR C 7 -23.34 48.76 22.40
C THR C 7 -23.17 47.48 23.21
N VAL C 8 -21.97 47.27 23.72
CA VAL C 8 -21.69 46.12 24.59
C VAL C 8 -21.42 46.63 26.00
N PRO C 9 -22.27 46.29 26.98
CA PRO C 9 -22.11 46.77 28.36
C PRO C 9 -20.78 46.34 28.98
N VAL C 10 -19.95 47.32 29.34
CA VAL C 10 -18.62 47.03 29.88
C VAL C 10 -18.45 47.78 31.18
N LYS C 11 -17.98 47.08 32.21
CA LYS C 11 -17.76 47.60 33.56
C LYS C 11 -16.29 47.54 33.93
N LEU C 12 -15.95 48.22 35.03
CA LEU C 12 -14.62 48.07 35.59
C LEU C 12 -14.62 46.97 36.64
N LYS C 13 -13.42 46.48 36.94
CA LYS C 13 -13.22 45.50 38.00
C LYS C 13 -13.71 46.03 39.35
N PRO C 14 -14.53 45.25 40.07
CA PRO C 14 -15.07 45.68 41.38
C PRO C 14 -14.14 46.51 42.24
N GLY C 15 -14.57 47.69 42.66
CA GLY C 15 -13.76 48.53 43.54
C GLY C 15 -12.50 49.06 42.91
N MET C 16 -12.47 49.21 41.59
CA MET C 16 -11.40 49.90 40.91
C MET C 16 -11.92 51.11 40.13
N ASP C 17 -11.05 52.09 39.94
CA ASP C 17 -11.36 53.37 39.33
C ASP C 17 -10.55 53.53 38.05
N GLY C 18 -10.93 54.51 37.24
CA GLY C 18 -10.33 54.73 35.95
C GLY C 18 -8.85 55.07 35.97
N PRO C 19 -8.24 55.13 34.79
CA PRO C 19 -6.80 55.40 34.70
C PRO C 19 -6.46 56.86 34.91
N LYS C 20 -5.35 57.10 35.62
CA LYS C 20 -4.81 58.45 35.86
C LYS C 20 -3.29 58.38 35.74
N VAL C 21 -2.80 58.37 34.49
CA VAL C 21 -1.37 58.26 34.20
C VAL C 21 -0.94 59.47 33.38
N LYS C 22 0.34 59.86 33.52
CA LYS C 22 0.85 61.09 32.95
C LYS C 22 1.15 60.88 31.46
N GLN C 23 1.93 61.79 30.86
CA GLN C 23 2.22 61.80 29.43
C GLN C 23 3.71 62.00 29.21
N TRP C 24 4.33 61.12 28.42
CA TRP C 24 5.75 61.35 28.15
C TRP C 24 5.90 62.58 27.26
N PRO C 25 7.05 63.26 27.31
CA PRO C 25 7.23 64.42 26.43
C PRO C 25 7.13 64.01 24.97
N LEU C 26 6.42 64.80 24.17
CA LEU C 26 6.23 64.47 22.75
C LEU C 26 7.10 65.39 21.90
N THR C 27 7.94 64.82 21.04
CA THR C 27 8.67 65.66 20.11
C THR C 27 7.70 66.27 19.10
N GLU C 28 8.03 67.49 18.66
CA GLU C 28 7.11 68.30 17.85
C GLU C 28 6.51 67.50 16.69
N GLU C 29 7.38 66.90 15.87
CA GLU C 29 6.99 66.15 14.67
C GLU C 29 5.81 65.23 14.93
N LYS C 30 5.82 64.58 16.10
CA LYS C 30 4.75 63.67 16.47
C LYS C 30 3.49 64.42 16.84
N ILE C 31 3.62 65.46 17.66
CA ILE C 31 2.48 66.23 18.15
C ILE C 31 1.58 66.64 16.98
N LYS C 32 2.19 67.20 15.93
CA LYS C 32 1.41 67.72 14.80
C LYS C 32 0.57 66.62 14.14
N ALA C 33 1.21 65.55 13.67
CA ALA C 33 0.45 64.47 13.06
C ALA C 33 -0.63 63.95 14.02
N LEU C 34 -0.30 63.87 15.31
CA LEU C 34 -1.29 63.54 16.34
C LEU C 34 -2.49 64.48 16.27
N VAL C 35 -2.23 65.79 16.26
CA VAL C 35 -3.32 66.77 16.25
C VAL C 35 -4.17 66.61 15.00
N GLU C 36 -3.54 66.41 13.84
CA GLU C 36 -4.30 66.29 12.60
C GLU C 36 -5.20 65.06 12.59
N ILE C 37 -4.72 63.90 13.06
CA ILE C 37 -5.59 62.73 13.13
C ILE C 37 -6.76 62.98 14.09
N CYS C 38 -6.49 63.61 15.24
CA CYS C 38 -7.54 64.00 16.18
C CYS C 38 -8.63 64.81 15.49
N THR C 39 -8.25 65.90 14.82
CA THR C 39 -9.23 66.76 14.17
C THR C 39 -10.06 65.97 13.18
N GLU C 40 -9.41 65.08 12.42
CA GLU C 40 -10.12 64.18 11.54
C GLU C 40 -11.19 63.42 12.31
N MET C 41 -10.78 62.73 13.39
CA MET C 41 -11.71 61.97 14.21
C MET C 41 -12.89 62.80 14.68
N GLU C 42 -12.68 64.06 15.05
CA GLU C 42 -13.83 64.86 15.47
C GLU C 42 -14.80 65.07 14.33
N LYS C 43 -14.29 65.34 13.12
CA LYS C 43 -15.19 65.43 11.99
C LYS C 43 -15.89 64.10 11.78
N GLU C 44 -15.14 63.01 11.92
CA GLU C 44 -15.72 61.69 11.71
C GLU C 44 -16.67 61.34 12.84
N GLY C 45 -16.52 62.00 14.00
CA GLY C 45 -17.30 61.68 15.17
C GLY C 45 -16.65 60.69 16.10
N LYS C 46 -15.42 60.26 15.81
CA LYS C 46 -14.76 59.24 16.62
C LYS C 46 -14.33 59.70 18.02
N ILE C 47 -14.13 60.99 18.28
CA ILE C 47 -13.72 61.40 19.62
C ILE C 47 -14.33 62.76 19.95
N SER C 48 -14.97 62.86 21.12
CA SER C 48 -15.55 64.10 21.61
C SER C 48 -14.64 64.84 22.60
N LYS C 49 -14.73 66.16 22.59
CA LYS C 49 -13.78 67.00 23.30
C LYS C 49 -14.15 67.05 24.79
N ILE C 50 -13.16 67.29 25.64
CA ILE C 50 -13.33 67.17 27.08
C ILE C 50 -12.59 68.31 27.78
N GLY C 51 -13.25 68.89 28.79
CA GLY C 51 -12.64 69.89 29.64
C GLY C 51 -12.03 69.32 30.90
N PRO C 52 -12.00 70.13 31.96
CA PRO C 52 -11.43 69.68 33.24
C PRO C 52 -12.28 68.72 34.05
N GLU C 53 -13.39 68.19 33.52
CA GLU C 53 -14.35 67.56 34.40
C GLU C 53 -14.18 66.05 34.44
N ASN C 54 -13.32 65.50 33.60
CA ASN C 54 -13.12 64.07 33.52
C ASN C 54 -11.73 63.80 34.10
N PRO C 55 -11.62 63.17 35.27
CA PRO C 55 -10.29 63.08 35.91
C PRO C 55 -9.28 62.19 35.19
N TYR C 56 -9.69 61.44 34.19
CA TYR C 56 -8.86 60.37 33.65
C TYR C 56 -7.99 60.84 32.50
N ASN C 57 -6.77 60.31 32.40
CA ASN C 57 -5.93 60.47 31.22
C ASN C 57 -5.11 59.21 30.99
N THR C 58 -4.91 58.82 29.72
CA THR C 58 -3.98 57.77 29.33
C THR C 58 -2.95 58.25 28.30
N PRO C 59 -1.68 57.90 28.45
CA PRO C 59 -0.66 58.30 27.47
C PRO C 59 -0.91 57.79 26.06
N VAL C 60 -0.59 58.63 25.07
CA VAL C 60 -0.64 58.27 23.66
C VAL C 60 0.74 58.44 23.02
N PHE C 61 0.98 57.69 21.93
CA PHE C 61 2.16 57.85 21.08
C PHE C 61 1.77 57.45 19.67
N ALA C 62 2.73 57.47 18.74
CA ALA C 62 2.42 57.21 17.34
C ALA C 62 3.59 56.50 16.65
N ILE C 63 3.27 55.48 15.86
CA ILE C 63 4.25 54.76 15.05
C ILE C 63 3.67 54.53 13.65
N LYS C 64 4.57 54.20 12.73
CA LYS C 64 4.23 54.17 11.30
C LYS C 64 3.43 52.93 10.93
N LYS C 65 2.40 53.13 10.12
CA LYS C 65 1.64 52.02 9.56
C LYS C 65 2.46 51.32 8.49
N LYS C 66 2.40 49.98 8.50
CA LYS C 66 3.24 49.19 7.60
C LYS C 66 2.80 49.37 6.15
N ASP C 67 3.72 49.84 5.31
CA ASP C 67 3.53 49.92 3.86
C ASP C 67 2.24 50.65 3.49
N SER C 68 2.01 51.78 4.15
CA SER C 68 0.80 52.57 3.94
C SER C 68 1.13 54.05 4.07
N THR C 69 0.24 54.88 3.50
CA THR C 69 0.47 56.32 3.52
C THR C 69 0.15 56.94 4.87
N LYS C 70 -0.98 56.55 5.48
CA LYS C 70 -1.35 57.11 6.77
C LYS C 70 -0.57 56.44 7.90
N TRP C 71 -0.51 57.13 9.04
CA TRP C 71 0.21 56.69 10.23
C TRP C 71 -0.75 56.01 11.20
N ARG C 72 -0.20 55.50 12.30
CA ARG C 72 -0.99 54.84 13.34
C ARG C 72 -0.73 55.49 14.70
N LYS C 73 -1.76 56.14 15.21
CA LYS C 73 -1.87 56.60 16.59
C LYS C 73 -1.98 55.42 17.56
N LEU C 74 -1.15 55.39 18.60
CA LEU C 74 -1.25 54.34 19.60
C LEU C 74 -1.45 54.93 20.99
N VAL C 75 -2.37 54.33 21.74
CA VAL C 75 -2.70 54.72 23.10
C VAL C 75 -2.19 53.67 24.08
N ASP C 76 -1.48 54.13 25.12
CA ASP C 76 -1.00 53.25 26.19
C ASP C 76 -2.12 53.09 27.21
N PHE C 77 -2.83 51.97 27.14
CA PHE C 77 -4.02 51.74 27.93
C PHE C 77 -3.81 50.68 29.00
N ARG C 78 -2.55 50.27 29.23
CA ARG C 78 -2.30 49.13 30.12
C ARG C 78 -2.88 49.36 31.51
N GLU C 79 -2.96 50.60 31.96
CA GLU C 79 -3.56 50.86 33.26
C GLU C 79 -5.07 50.63 33.23
N LEU C 80 -5.76 51.28 32.29
CA LEU C 80 -7.17 50.97 32.04
C LEU C 80 -7.38 49.48 31.83
N ASN C 81 -6.49 48.85 31.06
CA ASN C 81 -6.55 47.42 30.80
C ASN C 81 -6.59 46.61 32.10
N LYS C 82 -5.68 46.93 33.03
CA LYS C 82 -5.66 46.25 34.33
C LYS C 82 -6.96 46.46 35.09
N ARG C 83 -7.55 47.65 34.99
CA ARG C 83 -8.75 47.98 35.76
C ARG C 83 -10.04 47.51 35.07
N THR C 84 -9.99 47.21 33.78
CA THR C 84 -11.18 46.78 33.05
C THR C 84 -11.48 45.30 33.26
N GLN C 85 -12.78 44.98 33.28
CA GLN C 85 -13.27 43.61 33.30
C GLN C 85 -12.56 42.74 32.26
N ASP C 86 -12.36 41.48 32.60
CA ASP C 86 -11.87 40.49 31.65
C ASP C 86 -12.90 40.21 30.56
N PHE C 87 -12.41 39.77 29.40
CA PHE C 87 -13.25 39.36 28.29
C PHE C 87 -12.95 37.92 27.91
N TRP C 88 -13.93 37.22 27.34
CA TRP C 88 -13.71 35.92 26.74
C TRP C 88 -13.50 36.07 25.23
N GLU C 89 -12.33 35.64 24.76
CA GLU C 89 -11.95 35.86 23.36
C GLU C 89 -12.67 34.90 22.43
N VAL C 90 -13.27 35.43 21.36
CA VAL C 90 -13.98 34.61 20.39
C VAL C 90 -13.09 34.17 19.23
N GLN C 91 -11.87 34.68 19.16
CA GLN C 91 -10.89 34.28 18.15
C GLN C 91 -10.13 33.03 18.63
N LEU C 92 -10.50 31.86 18.11
CA LEU C 92 -10.04 30.61 18.69
C LEU C 92 -8.78 30.08 17.99
N GLY C 93 -8.58 30.43 16.72
CA GLY C 93 -7.45 29.93 15.95
C GLY C 93 -7.29 30.80 14.72
N ILE C 94 -6.33 30.43 13.88
CA ILE C 94 -6.00 31.17 12.67
C ILE C 94 -6.38 30.34 11.45
N PRO C 95 -7.18 30.87 10.52
CA PRO C 95 -7.48 30.16 9.28
C PRO C 95 -6.20 29.80 8.51
N HIS C 96 -6.23 28.63 7.85
CA HIS C 96 -5.07 28.18 7.10
C HIS C 96 -5.48 27.88 5.66
N PRO C 97 -4.71 28.34 4.68
CA PRO C 97 -5.08 28.15 3.26
C PRO C 97 -5.44 26.73 2.88
N ALA C 98 -4.86 25.73 3.53
CA ALA C 98 -5.09 24.35 3.13
C ALA C 98 -6.44 23.82 3.62
N GLY C 99 -7.17 24.61 4.40
CA GLY C 99 -8.52 24.24 4.79
C GLY C 99 -9.57 24.76 3.83
N LEU C 100 -9.21 25.77 3.04
CA LEU C 100 -10.08 26.28 1.99
C LEU C 100 -10.27 25.23 0.90
N LYS C 101 -11.49 25.13 0.39
CA LYS C 101 -11.63 24.41 -0.86
C LYS C 101 -11.25 25.31 -2.02
N LYS C 102 -11.01 24.71 -3.17
CA LYS C 102 -10.61 25.49 -4.34
C LYS C 102 -11.85 26.15 -4.92
N LYS C 103 -11.75 27.45 -5.21
CA LYS C 103 -12.86 28.20 -5.79
C LYS C 103 -12.50 28.82 -7.14
N LYS C 104 -13.44 28.74 -8.08
CA LYS C 104 -13.33 29.47 -9.34
C LYS C 104 -13.17 30.98 -9.11
N SER C 105 -14.02 31.57 -8.27
CA SER C 105 -13.99 33.01 -8.05
C SER C 105 -13.76 33.32 -6.58
N VAL C 106 -12.83 34.25 -6.34
CA VAL C 106 -12.37 34.63 -5.01
C VAL C 106 -12.26 36.15 -4.92
N THR C 107 -12.65 36.71 -3.77
CA THR C 107 -12.41 38.12 -3.50
C THR C 107 -11.79 38.24 -2.11
N VAL C 108 -10.91 39.23 -1.95
CA VAL C 108 -10.35 39.62 -0.67
C VAL C 108 -10.53 41.12 -0.45
N LEU C 109 -11.31 41.50 0.56
CA LEU C 109 -11.51 42.90 0.87
C LEU C 109 -11.38 43.12 2.37
N ASP C 110 -11.00 44.34 2.74
CA ASP C 110 -10.83 44.74 4.13
C ASP C 110 -11.82 45.81 4.57
N VAL C 111 -12.35 45.67 5.78
CA VAL C 111 -13.14 46.73 6.39
C VAL C 111 -12.23 47.91 6.73
N GLY C 112 -12.69 49.12 6.45
CA GLY C 112 -11.90 50.32 6.67
C GLY C 112 -12.26 50.98 7.98
N ASP C 113 -11.22 51.35 8.75
CA ASP C 113 -11.36 51.86 10.11
C ASP C 113 -12.31 51.00 10.94
N ALA C 114 -11.84 49.79 11.26
CA ALA C 114 -12.71 48.79 11.89
C ALA C 114 -13.15 49.24 13.28
N TYR C 115 -12.21 49.44 14.21
CA TYR C 115 -12.56 49.76 15.58
C TYR C 115 -13.39 51.03 15.69
N PHE C 116 -13.13 52.00 14.82
CA PHE C 116 -13.77 53.31 14.88
C PHE C 116 -15.15 53.34 14.26
N SER C 117 -15.63 52.21 13.73
CA SER C 117 -16.99 52.10 13.21
C SER C 117 -17.93 51.39 14.18
N VAL C 118 -17.46 51.09 15.40
CA VAL C 118 -18.26 50.39 16.39
C VAL C 118 -18.33 51.26 17.65
N PRO C 119 -19.51 51.75 18.02
CA PRO C 119 -19.63 52.70 19.14
C PRO C 119 -19.26 52.08 20.49
N LEU C 120 -18.27 52.68 21.15
CA LEU C 120 -17.92 52.30 22.50
C LEU C 120 -19.13 52.44 23.43
N ASP C 121 -19.11 51.71 24.54
CA ASP C 121 -20.14 51.92 25.56
C ASP C 121 -20.07 53.35 26.08
N GLU C 122 -21.22 54.02 26.09
CA GLU C 122 -21.28 55.43 26.46
C GLU C 122 -20.57 55.72 27.80
N ASP C 123 -20.94 55.00 28.85
CA ASP C 123 -20.41 55.31 30.18
C ASP C 123 -18.91 55.01 30.29
N PHE C 124 -18.40 54.03 29.56
CA PHE C 124 -16.99 53.68 29.71
C PHE C 124 -16.09 54.70 29.03
N ARG C 125 -16.66 55.50 28.11
CA ARG C 125 -15.91 56.40 27.25
C ARG C 125 -14.99 57.34 28.04
N LYS C 126 -15.50 57.88 29.16
CA LYS C 126 -14.76 58.82 29.98
C LYS C 126 -13.39 58.29 30.42
N TYR C 127 -13.24 56.96 30.53
CA TYR C 127 -11.96 56.42 30.99
C TYR C 127 -10.91 56.35 29.88
N THR C 128 -11.29 56.48 28.61
CA THR C 128 -10.35 56.49 27.50
C THR C 128 -9.62 57.82 27.33
N ALA C 129 -9.92 58.79 28.19
CA ALA C 129 -9.41 60.16 28.11
C ALA C 129 -7.89 60.21 28.00
N PHE C 130 -7.36 61.16 27.22
CA PHE C 130 -5.91 61.28 27.07
C PHE C 130 -5.49 62.74 26.86
N THR C 131 -4.17 62.95 26.98
CA THR C 131 -3.52 64.26 27.02
C THR C 131 -2.29 64.28 26.13
N ILE C 132 -2.12 65.34 25.33
CA ILE C 132 -0.92 65.51 24.52
C ILE C 132 -0.22 66.81 24.95
N PRO C 133 1.05 66.76 25.36
CA PRO C 133 1.76 67.95 25.85
C PRO C 133 1.96 69.10 24.87
N SER C 134 1.35 70.23 25.20
CA SER C 134 1.31 71.39 24.33
C SER C 134 2.72 71.90 24.02
N ILE C 135 3.56 71.98 25.08
CA ILE C 135 4.96 72.41 25.03
C ILE C 135 5.75 71.68 26.11
N ASN C 136 5.99 70.39 25.87
CA ASN C 136 6.81 69.52 26.73
C ASN C 136 6.26 69.51 28.15
N ASN C 137 4.94 69.30 28.24
CA ASN C 137 4.20 69.17 29.49
C ASN C 137 4.31 70.44 30.33
N GLU C 138 4.53 71.60 29.69
CA GLU C 138 4.40 72.86 30.42
C GLU C 138 2.94 73.25 30.52
N THR C 139 2.27 73.39 29.38
CA THR C 139 0.86 73.67 29.34
C THR C 139 0.14 72.43 28.82
N PRO C 140 -1.17 72.34 28.99
CA PRO C 140 -1.86 71.13 28.55
C PRO C 140 -2.58 71.18 27.21
N GLY C 141 -2.38 70.16 26.38
CA GLY C 141 -2.85 70.19 25.03
C GLY C 141 -4.32 69.82 25.13
N ILE C 142 -5.05 69.83 24.02
CA ILE C 142 -6.46 69.53 24.20
C ILE C 142 -6.60 68.10 24.69
N ARG C 143 -7.49 67.90 25.65
CA ARG C 143 -7.82 66.61 26.22
C ARG C 143 -8.95 65.98 25.42
N TYR C 144 -8.94 64.65 25.34
CA TYR C 144 -9.95 63.99 24.52
C TYR C 144 -10.27 62.61 25.09
N GLN C 145 -11.47 62.12 24.74
CA GLN C 145 -11.91 60.77 25.03
C GLN C 145 -12.43 60.09 23.78
N TYR C 146 -12.29 58.78 23.76
CA TYR C 146 -12.71 57.98 22.62
C TYR C 146 -14.21 57.71 22.63
N ASN C 147 -14.81 57.77 21.45
CA ASN C 147 -16.23 57.53 21.25
C ASN C 147 -16.49 56.15 20.64
N VAL C 148 -15.42 55.44 20.27
CA VAL C 148 -15.46 54.15 19.60
C VAL C 148 -14.36 53.30 20.21
N LEU C 149 -14.21 52.08 19.70
CA LEU C 149 -13.17 51.18 20.20
C LEU C 149 -11.79 51.79 19.93
N PRO C 150 -11.00 52.06 20.97
CA PRO C 150 -9.67 52.66 20.75
C PRO C 150 -8.57 51.62 20.60
N GLN C 151 -7.67 51.88 19.66
CA GLN C 151 -6.46 51.08 19.56
C GLN C 151 -5.69 51.14 20.88
N GLY C 152 -5.28 49.98 21.39
CA GLY C 152 -4.56 49.89 22.64
C GLY C 152 -5.37 49.37 23.82
N TRP C 153 -6.70 49.35 23.71
CA TRP C 153 -7.55 48.84 24.77
C TRP C 153 -7.73 47.34 24.61
N LYS C 154 -7.57 46.60 25.72
CA LYS C 154 -7.55 45.15 25.66
C LYS C 154 -8.88 44.56 25.22
N GLY C 155 -9.95 45.34 25.27
CA GLY C 155 -11.27 44.84 24.96
C GLY C 155 -11.74 45.17 23.56
N SER C 156 -10.92 45.84 22.76
CA SER C 156 -11.30 46.28 21.43
C SER C 156 -11.33 45.14 20.43
N PRO C 157 -10.31 44.26 20.36
CA PRO C 157 -10.39 43.14 19.41
C PRO C 157 -11.62 42.27 19.62
N ALA C 158 -11.85 41.80 20.84
CA ALA C 158 -13.00 40.94 21.13
C ALA C 158 -14.32 41.60 20.74
N ILE C 159 -14.46 42.90 21.02
CA ILE C 159 -15.72 43.58 20.77
C ILE C 159 -15.98 43.77 19.27
N PHE C 160 -14.96 44.19 18.52
CA PHE C 160 -15.14 44.32 17.08
C PHE C 160 -15.49 42.99 16.43
N GLN C 161 -14.69 41.95 16.68
CA GLN C 161 -14.95 40.63 16.10
C GLN C 161 -16.38 40.17 16.36
N SER C 162 -16.86 40.32 17.59
CA SER C 162 -18.22 39.84 17.88
C SER C 162 -19.26 40.72 17.19
N SER C 163 -19.06 42.04 17.22
CA SER C 163 -19.99 42.92 16.50
C SER C 163 -19.97 42.61 15.01
N MET C 164 -18.76 42.56 14.43
CA MET C 164 -18.57 42.21 13.03
C MET C 164 -19.30 40.93 12.66
N THR C 165 -19.22 39.91 13.51
CA THR C 165 -19.84 38.62 13.26
C THR C 165 -21.35 38.70 13.30
N LYS C 166 -21.90 39.49 14.23
CA LYS C 166 -23.34 39.66 14.30
C LYS C 166 -23.87 40.35 13.05
N ILE C 167 -23.09 41.28 12.49
CA ILE C 167 -23.47 41.92 11.23
C ILE C 167 -23.43 40.92 10.07
N LEU C 168 -22.34 40.14 9.98
CA LEU C 168 -22.20 39.15 8.91
C LEU C 168 -23.20 38.00 8.98
N GLU C 169 -23.76 37.70 10.16
CA GLU C 169 -24.61 36.53 10.34
C GLU C 169 -25.69 36.39 9.27
N PRO C 170 -26.60 37.37 9.08
CA PRO C 170 -27.69 37.12 8.12
C PRO C 170 -27.23 37.06 6.67
N PHE C 171 -26.17 37.78 6.30
CA PHE C 171 -25.69 37.73 4.92
C PHE C 171 -25.20 36.34 4.54
N LYS C 172 -24.50 35.67 5.47
CA LYS C 172 -24.02 34.31 5.23
C LYS C 172 -25.18 33.32 5.13
N LYS C 173 -26.14 33.40 6.06
CA LYS C 173 -27.24 32.43 6.09
C LYS C 173 -28.05 32.48 4.80
N GLN C 174 -28.20 33.66 4.23
CA GLN C 174 -29.07 33.96 3.10
C GLN C 174 -28.31 34.01 1.78
N ASN C 175 -27.03 33.65 1.79
CA ASN C 175 -26.25 33.44 0.56
C ASN C 175 -25.49 32.12 0.64
N PRO C 176 -26.20 30.99 0.68
CA PRO C 176 -25.55 29.70 0.98
C PRO C 176 -24.54 29.24 -0.07
N ASP C 177 -24.33 29.99 -1.15
CA ASP C 177 -23.39 29.57 -2.19
C ASP C 177 -22.20 30.51 -2.22
N ILE C 178 -21.94 31.17 -1.09
CA ILE C 178 -20.73 31.94 -0.83
C ILE C 178 -20.05 31.34 0.40
N VAL C 179 -18.74 31.51 0.48
CA VAL C 179 -17.96 31.10 1.65
C VAL C 179 -17.23 32.35 2.10
N ILE C 180 -17.41 32.73 3.36
CA ILE C 180 -16.74 33.91 3.89
C ILE C 180 -15.91 33.52 5.10
N TYR C 181 -14.61 33.77 5.00
CA TYR C 181 -13.66 33.54 6.08
C TYR C 181 -13.42 34.93 6.67
N GLN C 182 -13.97 35.18 7.86
CA GLN C 182 -13.71 36.45 8.54
C GLN C 182 -12.63 36.26 9.61
N TYR C 183 -11.57 37.05 9.49
CA TYR C 183 -10.53 37.18 10.51
C TYR C 183 -10.44 38.64 10.92
N MET C 184 -11.01 39.01 12.06
CA MET C 184 -11.15 40.41 12.49
C MET C 184 -11.91 41.22 11.44
N ASP C 185 -11.22 42.06 10.68
CA ASP C 185 -11.85 42.87 9.64
C ASP C 185 -11.59 42.35 8.25
N ASP C 186 -10.66 41.40 8.11
CA ASP C 186 -10.30 40.89 6.80
C ASP C 186 -11.28 39.80 6.41
N LEU C 187 -11.89 39.96 5.25
CA LEU C 187 -12.88 39.02 4.74
C LEU C 187 -12.31 38.36 3.49
N TYR C 188 -12.44 37.05 3.42
CA TYR C 188 -12.23 36.30 2.20
C TYR C 188 -13.59 35.80 1.75
N VAL C 189 -13.88 35.93 0.46
CA VAL C 189 -15.19 35.59 -0.08
C VAL C 189 -15.01 34.77 -1.34
N GLY C 190 -15.51 33.55 -1.33
CA GLY C 190 -15.30 32.62 -2.43
C GLY C 190 -16.59 31.99 -2.89
N SER C 191 -16.69 31.77 -4.20
CA SER C 191 -17.88 31.15 -4.78
C SER C 191 -17.46 30.35 -6.01
N ASP C 192 -18.33 29.43 -6.41
CA ASP C 192 -18.22 28.77 -7.71
C ASP C 192 -19.23 29.34 -8.70
N LEU C 193 -19.47 30.64 -8.60
CA LEU C 193 -20.32 31.38 -9.53
C LEU C 193 -19.50 31.99 -10.65
N GLU C 194 -20.16 32.16 -11.80
CA GLU C 194 -19.57 32.92 -12.91
C GLU C 194 -19.22 34.32 -12.42
N ILE C 195 -18.01 34.77 -12.76
CA ILE C 195 -17.40 35.99 -12.23
C ILE C 195 -18.32 37.19 -12.31
N GLY C 196 -19.32 37.15 -13.20
CA GLY C 196 -20.30 38.21 -13.23
C GLY C 196 -21.16 38.23 -11.98
N GLN C 197 -21.95 37.17 -11.74
CA GLN C 197 -22.74 37.11 -10.52
C GLN C 197 -21.87 37.18 -9.27
N HIS C 198 -20.59 36.80 -9.36
CA HIS C 198 -19.71 36.93 -8.21
C HIS C 198 -19.44 38.40 -7.91
N ARG C 199 -19.05 39.18 -8.92
CA ARG C 199 -18.76 40.59 -8.67
C ARG C 199 -19.99 41.28 -8.07
N THR C 200 -21.17 40.87 -8.52
CA THR C 200 -22.45 41.39 -8.02
C THR C 200 -22.63 41.13 -6.53
N LYS C 201 -22.64 39.84 -6.17
CA LYS C 201 -22.78 39.41 -4.78
C LYS C 201 -21.85 40.19 -3.85
N ILE C 202 -20.59 40.34 -4.26
CA ILE C 202 -19.64 41.17 -3.50
C ILE C 202 -20.23 42.55 -3.25
N GLU C 203 -20.73 43.21 -4.30
CA GLU C 203 -21.30 44.54 -4.12
C GLU C 203 -22.48 44.52 -3.16
N GLU C 204 -23.28 43.45 -3.17
CA GLU C 204 -24.32 43.32 -2.16
C GLU C 204 -23.74 43.28 -0.76
N LEU C 205 -22.58 42.64 -0.60
CA LEU C 205 -21.94 42.52 0.71
C LEU C 205 -21.49 43.89 1.22
N ARG C 206 -20.85 44.68 0.34
CA ARG C 206 -20.34 45.98 0.77
C ARG C 206 -21.49 46.90 1.15
N GLN C 207 -22.62 46.80 0.45
CA GLN C 207 -23.77 47.64 0.77
C GLN C 207 -24.30 47.31 2.16
N HIS C 208 -24.65 46.04 2.35
CA HIS C 208 -25.00 45.50 3.67
C HIS C 208 -24.02 46.00 4.73
N LEU C 209 -22.72 45.96 4.43
CA LEU C 209 -21.71 46.40 5.38
C LEU C 209 -21.78 47.92 5.57
N LEU C 210 -22.04 48.65 4.50
CA LEU C 210 -22.10 50.11 4.56
C LEU C 210 -23.34 50.52 5.35
N ARG C 211 -24.40 49.74 5.21
CA ARG C 211 -25.59 49.87 6.03
C ARG C 211 -25.34 49.88 7.54
N TRP C 212 -24.25 49.28 8.02
CA TRP C 212 -23.92 49.32 9.43
C TRP C 212 -22.74 50.23 9.71
N GLY C 213 -22.39 51.10 8.78
CA GLY C 213 -21.33 52.05 9.03
C GLY C 213 -19.97 51.47 8.78
N LEU C 214 -19.90 50.33 8.09
CA LEU C 214 -18.66 49.62 7.81
C LEU C 214 -18.31 49.85 6.35
N THR C 215 -17.27 50.64 6.12
CA THR C 215 -16.82 50.94 4.77
C THR C 215 -15.90 49.83 4.28
N THR C 216 -15.80 49.72 2.95
CA THR C 216 -14.85 48.80 2.32
C THR C 216 -14.10 49.61 1.25
N PRO C 217 -13.03 50.31 1.66
CA PRO C 217 -12.28 51.17 0.73
C PRO C 217 -11.76 50.39 -0.49
N ASP C 218 -11.68 51.10 -1.63
CA ASP C 218 -11.25 50.47 -2.88
C ASP C 218 -9.77 50.06 -2.93
N LYS C 219 -8.87 50.78 -2.20
CA LYS C 219 -7.45 50.45 -2.26
C LYS C 219 -7.12 49.07 -1.74
N LYS C 220 -7.96 48.52 -0.89
CA LYS C 220 -7.78 47.20 -0.31
C LYS C 220 -8.70 46.15 -0.88
N HIS C 221 -9.44 46.48 -1.94
CA HIS C 221 -10.41 45.57 -2.52
C HIS C 221 -9.68 44.88 -3.67
N GLN C 222 -9.16 43.71 -3.33
CA GLN C 222 -8.47 42.88 -4.31
C GLN C 222 -9.45 42.05 -5.14
N LYS C 223 -9.26 42.07 -6.45
CA LYS C 223 -10.14 41.36 -7.38
C LYS C 223 -9.40 40.44 -8.31
N GLU C 224 -8.12 40.69 -8.61
CA GLU C 224 -7.35 39.85 -9.50
C GLU C 224 -6.25 39.15 -8.71
N PRO C 225 -6.08 37.83 -8.88
CA PRO C 225 -4.99 37.01 -8.33
C PRO C 225 -3.61 37.50 -8.78
N PRO C 226 -2.58 37.27 -7.96
CA PRO C 226 -2.64 36.53 -6.69
C PRO C 226 -3.16 37.35 -5.53
N PHE C 227 -4.20 36.83 -4.88
CA PHE C 227 -4.79 37.50 -3.74
C PHE C 227 -3.86 37.42 -2.54
N LEU C 228 -3.64 38.56 -1.89
CA LEU C 228 -2.80 38.62 -0.70
C LEU C 228 -3.70 38.46 0.52
N TRP C 229 -3.43 37.44 1.33
CA TRP C 229 -4.38 37.03 2.37
C TRP C 229 -3.64 36.29 3.46
N MET C 230 -3.65 36.86 4.67
CA MET C 230 -3.12 36.20 5.86
C MET C 230 -1.65 35.87 5.72
N GLY C 231 -0.93 36.66 4.92
CA GLY C 231 0.50 36.44 4.75
C GLY C 231 0.84 35.44 3.67
N TYR C 232 -0.15 34.96 2.92
CA TYR C 232 0.01 34.04 1.81
C TYR C 232 -0.35 34.71 0.49
N GLU C 233 -0.07 33.97 -0.59
CA GLU C 233 -0.43 34.38 -1.95
C GLU C 233 -1.33 33.28 -2.49
N LEU C 234 -2.60 33.62 -2.74
CA LEU C 234 -3.56 32.67 -3.26
C LEU C 234 -3.70 32.80 -4.78
N HIS C 235 -3.32 31.75 -5.49
CA HIS C 235 -3.55 31.58 -6.91
C HIS C 235 -4.77 30.69 -7.10
N PRO C 236 -5.24 30.49 -8.35
CA PRO C 236 -6.54 29.81 -8.50
C PRO C 236 -6.44 28.30 -8.28
N ASP C 237 -5.28 27.71 -8.51
CA ASP C 237 -5.12 26.27 -8.37
C ASP C 237 -4.01 25.90 -7.41
N LYS C 238 -3.36 26.88 -6.80
CA LYS C 238 -2.26 26.65 -5.86
C LYS C 238 -2.09 27.85 -4.94
N TRP C 239 -1.52 27.61 -3.75
CA TRP C 239 -1.23 28.68 -2.81
C TRP C 239 0.25 28.63 -2.44
N THR C 240 0.75 29.71 -1.86
CA THR C 240 2.10 29.72 -1.29
C THR C 240 2.23 30.86 -0.30
N VAL C 241 3.40 30.94 0.35
CA VAL C 241 3.69 31.94 1.38
C VAL C 241 4.24 33.18 0.72
N GLN C 242 4.07 34.33 1.35
CA GLN C 242 4.74 35.55 0.90
C GLN C 242 6.23 35.52 1.25
N PRO C 243 7.10 35.99 0.33
CA PRO C 243 8.57 35.86 0.46
C PRO C 243 9.17 35.95 1.86
N ILE C 244 10.09 35.04 2.17
CA ILE C 244 10.81 35.01 3.45
C ILE C 244 12.12 35.76 3.31
N VAL C 245 12.37 36.72 4.20
CA VAL C 245 13.60 37.49 4.21
C VAL C 245 14.51 36.93 5.30
N LEU C 246 15.58 36.26 4.87
CA LEU C 246 16.57 35.68 5.76
C LEU C 246 17.71 36.65 6.05
N PRO C 247 17.90 37.08 7.29
CA PRO C 247 19.09 37.87 7.65
C PRO C 247 20.38 37.18 7.21
N GLU C 248 21.24 37.95 6.53
CA GLU C 248 22.52 37.45 6.02
C GLU C 248 23.72 37.95 6.81
N LYS C 249 23.49 38.66 7.91
CA LYS C 249 24.54 39.17 8.79
C LYS C 249 25.69 38.19 8.95
N ASP C 250 26.92 38.72 9.06
CA ASP C 250 28.08 37.84 9.18
C ASP C 250 28.43 37.50 10.62
N SER C 251 28.24 38.44 11.55
CA SER C 251 28.39 38.18 12.98
C SER C 251 27.00 38.07 13.58
N TRP C 252 26.72 36.97 14.26
CA TRP C 252 25.40 36.72 14.83
C TRP C 252 25.43 36.96 16.33
N THR C 253 24.47 37.75 16.80
CA THR C 253 24.22 37.88 18.23
C THR C 253 23.17 36.87 18.68
N VAL C 254 22.71 37.03 19.92
CA VAL C 254 21.56 36.26 20.38
C VAL C 254 20.31 36.61 19.58
N ASN C 255 20.01 37.90 19.47
CA ASN C 255 18.78 38.36 18.82
C ASN C 255 18.70 37.92 17.36
N ASP C 256 19.84 37.86 16.66
CA ASP C 256 19.82 37.39 15.28
C ASP C 256 19.36 35.94 15.19
N ILE C 257 19.78 35.11 16.13
CA ILE C 257 19.43 33.69 16.07
C ILE C 257 17.96 33.49 16.45
N GLN C 258 17.48 34.22 17.46
CA GLN C 258 16.06 34.17 17.81
C GLN C 258 15.19 34.54 16.61
N LYS C 259 15.46 35.70 16.00
CA LYS C 259 14.76 36.09 14.78
C LYS C 259 14.87 35.00 13.72
N LEU C 260 16.08 34.50 13.49
CA LEU C 260 16.31 33.50 12.45
C LEU C 260 15.52 32.22 12.70
N VAL C 261 15.64 31.66 13.91
CA VAL C 261 14.94 30.41 14.22
C VAL C 261 13.44 30.60 14.11
N GLY C 262 12.92 31.73 14.59
CA GLY C 262 11.50 32.01 14.42
C GLY C 262 11.08 32.04 12.96
N LYS C 263 11.87 32.73 12.13
CA LYS C 263 11.52 32.85 10.72
C LYS C 263 11.51 31.49 10.02
N LEU C 264 12.48 30.64 10.36
CA LEU C 264 12.51 29.28 9.80
C LEU C 264 11.28 28.48 10.20
N ASN C 265 10.90 28.55 11.48
CA ASN C 265 9.63 28.00 11.94
C ASN C 265 8.49 28.40 11.00
N TRP C 266 8.35 29.70 10.76
CA TRP C 266 7.28 30.16 9.88
C TRP C 266 7.41 29.58 8.47
N ALA C 267 8.63 29.34 8.00
CA ALA C 267 8.81 28.75 6.68
C ALA C 267 8.49 27.26 6.66
N SER C 268 8.63 26.58 7.80
CA SER C 268 8.47 25.12 7.83
C SER C 268 7.08 24.65 7.43
N GLN C 269 6.09 25.54 7.43
CA GLN C 269 4.72 25.12 7.11
C GLN C 269 4.55 24.73 5.64
N ILE C 270 5.49 25.08 4.76
CA ILE C 270 5.35 24.69 3.37
C ILE C 270 6.69 24.26 2.78
N TYR C 271 7.81 24.81 3.30
CA TYR C 271 9.15 24.38 2.91
C TYR C 271 9.63 23.13 3.66
N PRO C 272 9.50 21.94 3.06
CA PRO C 272 9.81 20.70 3.77
C PRO C 272 11.26 20.63 4.26
N GLY C 273 11.44 20.04 5.45
CA GLY C 273 12.77 19.68 5.90
C GLY C 273 13.50 20.70 6.74
N ILE C 274 12.88 21.85 7.06
CA ILE C 274 13.53 22.86 7.87
C ILE C 274 13.93 22.26 9.22
N LYS C 275 15.17 22.52 9.63
CA LYS C 275 15.69 22.09 10.93
C LYS C 275 16.21 23.29 11.70
N VAL C 276 15.96 23.32 13.02
CA VAL C 276 16.39 24.42 13.87
C VAL C 276 17.10 23.95 15.12
N ARG C 277 17.34 22.65 15.30
CA ARG C 277 17.95 22.15 16.52
C ARG C 277 19.30 22.79 16.81
N GLN C 278 20.24 22.71 15.85
CA GLN C 278 21.57 23.27 16.05
C GLN C 278 21.51 24.78 16.31
N LEU C 279 20.73 25.50 15.50
CA LEU C 279 20.58 26.95 15.71
C LEU C 279 20.01 27.24 17.09
N SER C 280 19.04 26.45 17.53
CA SER C 280 18.40 26.64 18.82
C SER C 280 19.36 26.38 19.97
N LYS C 281 20.26 25.40 19.80
CA LYS C 281 21.26 25.10 20.82
C LYS C 281 22.11 26.34 21.12
N LEU C 282 22.58 27.01 20.06
CA LEU C 282 23.28 28.28 20.20
C LEU C 282 22.55 29.22 21.15
N LEU C 283 21.22 29.27 21.06
CA LEU C 283 20.42 30.14 21.90
C LEU C 283 20.46 29.78 23.38
N ARG C 284 20.78 28.54 23.75
CA ARG C 284 20.60 28.17 25.15
C ARG C 284 21.66 28.88 25.98
N GLY C 285 21.21 29.68 26.92
CA GLY C 285 22.02 30.43 27.86
C GLY C 285 21.21 31.68 28.15
N THR C 286 21.32 32.17 29.39
CA THR C 286 20.69 33.44 29.71
C THR C 286 21.56 34.63 29.32
N LYS C 287 22.37 34.48 28.27
CA LYS C 287 23.12 35.59 27.72
C LYS C 287 22.18 36.65 27.17
N ALA C 288 22.66 37.89 27.14
CA ALA C 288 21.78 38.98 26.75
C ALA C 288 21.70 39.10 25.23
N LEU C 289 20.70 39.86 24.79
CA LEU C 289 20.32 39.89 23.38
C LEU C 289 21.48 40.33 22.49
N THR C 290 22.38 41.15 23.02
CA THR C 290 23.43 41.77 22.22
C THR C 290 24.63 40.85 21.99
N GLU C 291 24.91 39.93 22.90
CA GLU C 291 26.14 39.16 22.85
C GLU C 291 26.29 38.40 21.53
N VAL C 292 27.46 38.50 20.93
CA VAL C 292 27.76 37.85 19.66
C VAL C 292 28.20 36.42 19.94
N ILE C 293 27.80 35.50 19.06
CA ILE C 293 27.97 34.08 19.29
C ILE C 293 28.52 33.40 18.03
N PRO C 294 29.70 32.78 18.08
CA PRO C 294 30.24 32.13 16.89
C PRO C 294 29.43 30.87 16.60
N LEU C 295 29.13 30.66 15.32
CA LEU C 295 28.30 29.52 14.96
C LEU C 295 29.10 28.22 15.02
N THR C 296 28.52 27.22 15.70
CA THR C 296 29.08 25.88 15.72
C THR C 296 29.07 25.30 14.30
N GLU C 297 30.04 24.44 14.03
CA GLU C 297 30.13 23.75 12.74
C GLU C 297 28.78 23.18 12.31
N GLU C 298 28.15 22.40 13.19
CA GLU C 298 26.84 21.83 12.85
C GLU C 298 25.75 22.88 12.76
N ALA C 299 25.88 24.00 13.48
CA ALA C 299 24.89 25.07 13.34
C ALA C 299 24.92 25.71 11.96
N GLU C 300 26.11 25.98 11.42
CA GLU C 300 26.15 26.57 10.10
C GLU C 300 26.00 25.55 8.98
N LEU C 301 26.17 24.25 9.28
CA LEU C 301 25.71 23.22 8.35
C LEU C 301 24.19 23.25 8.23
N GLU C 302 23.52 23.34 9.38
CA GLU C 302 22.06 23.47 9.42
C GLU C 302 21.60 24.70 8.66
N LEU C 303 22.15 25.86 9.00
CA LEU C 303 21.81 27.10 8.30
C LEU C 303 22.01 26.96 6.80
N ALA C 304 23.07 26.28 6.38
CA ALA C 304 23.32 26.10 4.95
C ALA C 304 22.25 25.22 4.31
N GLU C 305 21.92 24.09 4.93
CA GLU C 305 20.84 23.25 4.39
C GLU C 305 19.51 24.01 4.35
N ASN C 306 19.27 24.86 5.35
CA ASN C 306 18.06 25.69 5.36
C ASN C 306 17.99 26.63 4.15
N ARG C 307 19.04 27.44 3.95
CA ARG C 307 19.17 28.26 2.75
C ARG C 307 18.88 27.49 1.47
N GLU C 308 19.51 26.32 1.31
CA GLU C 308 19.33 25.50 0.13
C GLU C 308 17.86 25.15 -0.11
N ILE C 309 17.07 25.04 0.96
CA ILE C 309 15.65 24.74 0.79
C ILE C 309 14.89 25.97 0.35
N LEU C 310 15.15 27.14 0.95
CA LEU C 310 14.37 28.31 0.59
C LEU C 310 14.74 28.87 -0.77
N LYS C 311 15.76 28.31 -1.43
CA LYS C 311 16.14 28.73 -2.77
C LYS C 311 15.02 28.42 -3.76
N GLU C 312 14.61 27.15 -3.83
CA GLU C 312 13.54 26.74 -4.72
C GLU C 312 12.23 27.42 -4.27
N PRO C 313 11.22 27.47 -5.15
CA PRO C 313 9.88 27.88 -4.69
C PRO C 313 8.83 26.79 -4.55
N VAL C 314 8.30 26.68 -3.33
CA VAL C 314 7.33 25.65 -2.98
C VAL C 314 5.93 26.25 -3.03
N HIS C 315 4.94 25.39 -3.27
CA HIS C 315 3.54 25.80 -3.26
C HIS C 315 2.71 24.66 -2.70
N GLY C 316 1.61 25.01 -2.03
CA GLY C 316 0.66 24.03 -1.58
C GLY C 316 -0.58 24.00 -2.47
N VAL C 317 -1.31 22.90 -2.40
CA VAL C 317 -2.62 22.80 -3.03
C VAL C 317 -3.74 23.02 -2.03
N TYR C 318 -4.98 22.90 -2.50
CA TYR C 318 -6.18 23.11 -1.70
C TYR C 318 -6.85 21.78 -1.37
N TYR C 319 -7.90 21.84 -0.57
CA TYR C 319 -8.47 20.69 0.10
C TYR C 319 -9.68 20.20 -0.69
N ASP C 320 -9.76 18.89 -0.88
CA ASP C 320 -10.88 18.25 -1.56
C ASP C 320 -11.61 17.38 -0.53
N PRO C 321 -12.67 17.90 0.11
CA PRO C 321 -13.34 17.16 1.19
C PRO C 321 -13.73 15.72 0.87
N SER C 322 -13.63 15.30 -0.39
CA SER C 322 -14.10 13.97 -0.76
C SER C 322 -13.00 12.93 -0.70
N LYS C 323 -11.75 13.36 -0.72
CA LYS C 323 -10.58 12.50 -0.62
C LYS C 323 -10.03 12.47 0.80
N ASP C 324 -9.46 11.33 1.17
CA ASP C 324 -8.86 11.19 2.49
C ASP C 324 -7.70 12.16 2.65
N LEU C 325 -7.35 12.46 3.90
CA LEU C 325 -6.08 13.10 4.20
C LEU C 325 -5.01 12.08 4.55
N ILE C 326 -3.77 12.37 4.14
CA ILE C 326 -2.62 11.50 4.32
C ILE C 326 -1.50 12.28 4.98
N ALA C 327 -0.93 11.73 6.05
CA ALA C 327 0.24 12.31 6.71
C ALA C 327 1.40 11.34 6.64
N GLU C 328 2.57 11.85 6.24
CA GLU C 328 3.79 11.05 6.13
C GLU C 328 4.87 11.74 6.94
N ILE C 329 5.56 10.95 7.77
CA ILE C 329 6.58 11.45 8.68
C ILE C 329 7.93 10.83 8.33
N GLN C 330 9.00 11.62 8.41
CA GLN C 330 10.35 11.10 8.33
C GLN C 330 11.13 11.50 9.56
N LYS C 331 11.93 10.57 10.08
CA LYS C 331 12.91 10.89 11.12
C LYS C 331 14.07 11.68 10.55
N GLN C 332 14.43 12.78 11.21
CA GLN C 332 15.55 13.61 10.77
C GLN C 332 16.71 13.59 11.76
N GLY C 333 16.66 12.73 12.77
CA GLY C 333 17.76 12.65 13.72
C GLY C 333 17.77 13.68 14.82
N GLN C 334 18.29 13.29 15.98
CA GLN C 334 18.44 14.18 17.14
C GLN C 334 17.08 14.70 17.61
N GLY C 335 16.07 13.84 17.57
CA GLY C 335 14.75 14.24 18.00
C GLY C 335 14.11 15.26 17.09
N GLN C 336 14.36 15.19 15.78
CA GLN C 336 13.74 16.06 14.81
C GLN C 336 12.90 15.23 13.86
N TRP C 337 11.68 15.69 13.59
CA TRP C 337 10.77 15.00 12.69
C TRP C 337 10.13 16.04 11.78
N THR C 338 10.00 15.72 10.50
CA THR C 338 9.18 16.53 9.61
C THR C 338 8.08 15.65 9.04
N TYR C 339 7.04 16.33 8.54
CA TYR C 339 5.93 15.63 7.93
C TYR C 339 5.37 16.41 6.76
N GLN C 340 4.56 15.71 5.97
CA GLN C 340 3.80 16.27 4.87
C GLN C 340 2.37 15.78 5.03
N ILE C 341 1.41 16.66 4.81
CA ILE C 341 0.00 16.31 4.71
C ILE C 341 -0.47 16.57 3.29
N TYR C 342 -1.14 15.59 2.70
CA TYR C 342 -1.50 15.65 1.29
C TYR C 342 -2.65 14.69 1.04
N GLN C 343 -3.24 14.81 -0.14
CA GLN C 343 -4.35 13.98 -0.59
C GLN C 343 -4.05 13.29 -1.91
N GLU C 344 -3.17 13.85 -2.71
CA GLU C 344 -2.70 13.25 -3.95
C GLU C 344 -1.19 13.32 -3.94
N PRO C 345 -0.52 12.28 -4.42
CA PRO C 345 0.94 12.19 -4.35
C PRO C 345 1.67 13.45 -4.78
N PHE C 346 2.65 13.86 -3.96
CA PHE C 346 3.56 14.97 -4.24
C PHE C 346 2.88 16.33 -4.39
N LYS C 347 1.58 16.40 -4.18
CA LYS C 347 0.87 17.68 -4.08
C LYS C 347 0.49 17.90 -2.61
N ASN C 348 1.48 18.32 -1.82
CA ASN C 348 1.31 18.60 -0.41
C ASN C 348 0.36 19.78 -0.19
N LEU C 349 -0.70 19.54 0.60
CA LEU C 349 -1.44 20.63 1.21
C LEU C 349 -0.55 21.52 2.09
N LYS C 350 0.17 20.93 3.03
CA LYS C 350 1.15 21.65 3.81
C LYS C 350 2.16 20.69 4.38
N THR C 351 3.19 21.26 5.03
CA THR C 351 4.23 20.50 5.73
C THR C 351 4.31 21.01 7.16
N GLY C 352 5.18 20.37 7.94
CA GLY C 352 5.53 20.91 9.24
C GLY C 352 6.65 20.12 9.86
N LYS C 353 7.00 20.50 11.09
CA LYS C 353 8.02 19.80 11.87
C LYS C 353 7.58 19.64 13.32
N TYR C 354 7.99 18.52 13.91
CA TYR C 354 7.90 18.30 15.35
C TYR C 354 9.30 17.98 15.87
N ALA C 355 9.76 18.76 16.84
CA ALA C 355 11.11 18.59 17.38
C ALA C 355 11.14 18.74 18.89
N ARG C 356 9.97 18.89 19.53
CA ARG C 356 9.91 19.04 20.97
C ARG C 356 10.57 17.86 21.67
N MET C 357 11.47 18.15 22.60
CA MET C 357 12.11 17.13 23.42
C MET C 357 11.44 17.16 24.79
N ARG C 358 10.53 16.22 25.03
CA ARG C 358 9.87 16.11 26.32
C ARG C 358 10.40 14.91 27.08
N GLY C 359 10.73 15.11 28.35
CA GLY C 359 11.33 14.02 29.10
C GLY C 359 12.84 14.03 29.16
N ALA C 360 13.40 13.69 30.32
CA ALA C 360 14.86 13.61 30.40
C ALA C 360 15.37 12.43 29.58
N HIS C 361 14.59 11.35 29.51
CA HIS C 361 14.95 10.10 28.86
C HIS C 361 13.76 9.65 28.02
N THR C 362 13.95 9.46 26.73
CA THR C 362 12.86 9.06 25.86
C THR C 362 13.42 8.16 24.76
N ASN C 363 12.54 7.75 23.84
CA ASN C 363 12.98 7.03 22.66
C ASN C 363 12.20 7.50 21.44
N ASP C 364 12.60 6.96 20.29
CA ASP C 364 12.02 7.41 19.02
C ASP C 364 10.55 7.05 18.91
N VAL C 365 10.16 5.89 19.45
CA VAL C 365 8.76 5.48 19.39
C VAL C 365 7.87 6.46 20.14
N LYS C 366 8.25 6.84 21.37
CA LYS C 366 7.49 7.87 22.07
C LYS C 366 7.43 9.15 21.26
N GLN C 367 8.55 9.56 20.65
CA GLN C 367 8.54 10.84 19.96
C GLN C 367 7.67 10.75 18.72
N LEU C 368 7.76 9.63 17.98
CA LEU C 368 6.90 9.45 16.83
C LEU C 368 5.44 9.47 17.24
N THR C 369 5.11 8.81 18.36
CA THR C 369 3.73 8.83 18.83
C THR C 369 3.30 10.25 19.13
N GLU C 370 4.15 11.02 19.81
CA GLU C 370 3.87 12.43 20.08
C GLU C 370 3.68 13.21 18.78
N ALA C 371 4.58 13.02 17.82
CA ALA C 371 4.42 13.70 16.53
C ALA C 371 3.09 13.33 15.88
N VAL C 372 2.69 12.06 15.95
CA VAL C 372 1.39 11.65 15.43
C VAL C 372 0.28 12.42 16.13
N GLN C 373 0.39 12.57 17.45
CA GLN C 373 -0.68 13.20 18.22
C GLN C 373 -0.80 14.67 17.89
N LYS C 374 0.33 15.34 17.64
CA LYS C 374 0.31 16.74 17.24
C LYS C 374 -0.32 16.90 15.86
N ILE C 375 0.06 16.03 14.92
CA ILE C 375 -0.49 16.10 13.57
C ILE C 375 -1.99 15.83 13.60
N THR C 376 -2.43 14.90 14.45
CA THR C 376 -3.85 14.64 14.61
C THR C 376 -4.60 15.91 15.02
N THR C 377 -4.05 16.66 15.97
CA THR C 377 -4.76 17.82 16.49
C THR C 377 -4.78 18.94 15.46
N GLU C 378 -3.61 19.26 14.89
CA GLU C 378 -3.53 20.23 13.80
C GLU C 378 -4.52 19.89 12.69
N SER C 379 -4.68 18.60 12.38
CA SER C 379 -5.57 18.22 11.30
C SER C 379 -7.03 18.48 11.65
N ILE C 380 -7.43 18.16 12.89
CA ILE C 380 -8.81 18.41 13.29
C ILE C 380 -9.11 19.90 13.32
N VAL C 381 -8.10 20.73 13.61
CA VAL C 381 -8.32 22.17 13.61
C VAL C 381 -8.58 22.68 12.20
N ILE C 382 -7.83 22.18 11.23
CA ILE C 382 -7.91 22.73 9.88
C ILE C 382 -8.95 22.02 9.01
N TRP C 383 -9.18 20.72 9.24
CA TRP C 383 -10.11 19.96 8.42
C TRP C 383 -11.18 19.24 9.21
N GLY C 384 -11.08 19.17 10.53
CA GLY C 384 -12.06 18.47 11.34
C GLY C 384 -12.06 16.96 11.19
N LYS C 385 -10.94 16.36 10.81
CA LYS C 385 -10.85 14.90 10.74
C LYS C 385 -9.40 14.47 10.88
N THR C 386 -9.20 13.20 11.20
CA THR C 386 -7.89 12.58 11.39
C THR C 386 -7.38 12.04 10.07
N PRO C 387 -6.16 12.39 9.65
CA PRO C 387 -5.58 11.82 8.44
C PRO C 387 -5.08 10.38 8.64
N LYS C 388 -5.13 9.62 7.55
CA LYS C 388 -4.41 8.36 7.46
C LYS C 388 -2.91 8.61 7.52
N PHE C 389 -2.22 7.84 8.36
CA PHE C 389 -0.79 8.04 8.60
C PHE C 389 0.07 7.02 7.84
N LYS C 390 1.24 7.48 7.43
CA LYS C 390 2.29 6.65 6.82
C LYS C 390 3.53 6.89 7.66
N LEU C 391 4.00 5.85 8.34
CA LEU C 391 5.03 6.11 9.34
C LEU C 391 6.27 5.25 9.11
N PRO C 392 7.44 5.78 9.44
CA PRO C 392 8.71 5.05 9.29
C PRO C 392 8.96 4.08 10.44
N ILE C 393 7.98 3.22 10.69
CA ILE C 393 8.10 2.24 11.78
C ILE C 393 7.40 0.98 11.35
N GLN C 394 8.06 -0.16 11.56
CA GLN C 394 7.47 -1.43 11.14
C GLN C 394 6.24 -1.74 11.99
N LYS C 395 5.24 -2.35 11.37
CA LYS C 395 4.06 -2.79 12.11
C LYS C 395 4.48 -3.67 13.27
N GLU C 396 5.44 -4.56 13.00
CA GLU C 396 5.99 -5.47 13.99
C GLU C 396 6.58 -4.72 15.18
N THR C 397 7.33 -3.64 14.90
CA THR C 397 7.94 -2.84 15.97
C THR C 397 6.89 -2.29 16.92
N TRP C 398 5.89 -1.58 16.39
CA TRP C 398 4.82 -1.01 17.19
C TRP C 398 4.14 -2.06 18.06
N GLU C 399 3.82 -3.21 17.48
CA GLU C 399 3.16 -4.27 18.26
C GLU C 399 3.99 -4.66 19.47
N THR C 400 5.30 -4.84 19.28
CA THR C 400 6.17 -5.22 20.39
C THR C 400 6.16 -4.16 21.48
N TRP C 401 6.28 -2.89 21.07
CA TRP C 401 6.19 -1.75 21.97
C TRP C 401 4.89 -1.72 22.76
N TRP C 402 3.75 -1.55 22.09
CA TRP C 402 2.53 -1.23 22.82
C TRP C 402 2.05 -2.40 23.67
N THR C 403 2.29 -3.64 23.25
CA THR C 403 1.82 -4.73 24.10
C THR C 403 2.66 -4.89 25.35
N GLU C 404 3.95 -4.52 25.30
CA GLU C 404 4.77 -4.70 26.49
C GLU C 404 4.82 -3.46 27.38
N TYR C 405 4.53 -2.27 26.84
CA TYR C 405 4.63 -1.05 27.62
C TYR C 405 3.52 -0.99 28.67
N TRP C 406 3.81 -0.34 29.80
CA TRP C 406 2.88 -0.35 30.92
C TRP C 406 1.89 0.81 30.90
N GLN C 407 2.11 1.83 30.05
CA GLN C 407 1.11 2.85 29.82
C GLN C 407 0.26 2.55 28.59
N ALA C 408 -0.99 3.02 28.65
CA ALA C 408 -1.88 2.90 27.51
C ALA C 408 -1.37 3.78 26.38
N THR C 409 -1.28 3.22 25.18
CA THR C 409 -0.88 4.00 24.03
C THR C 409 -1.55 3.44 22.78
N TRP C 410 -1.65 4.28 21.76
CA TRP C 410 -2.36 3.92 20.54
C TRP C 410 -1.99 4.89 19.42
N ILE C 411 -2.13 4.40 18.19
CA ILE C 411 -1.95 5.21 16.98
C ILE C 411 -3.09 4.92 16.00
N PRO C 412 -3.75 5.94 15.45
CA PRO C 412 -4.84 5.69 14.49
C PRO C 412 -4.32 5.09 13.19
N GLU C 413 -5.24 4.83 12.24
CA GLU C 413 -4.94 4.00 11.07
C GLU C 413 -3.66 4.45 10.38
N TRP C 414 -2.74 3.50 10.18
CA TRP C 414 -1.44 3.83 9.62
C TRP C 414 -0.88 2.64 8.87
N GLU C 415 0.11 2.90 8.03
CA GLU C 415 0.83 1.88 7.29
C GLU C 415 2.31 2.20 7.25
N PHE C 416 3.12 1.14 7.12
CA PHE C 416 4.56 1.29 7.06
C PHE C 416 5.00 1.96 5.76
N VAL C 417 5.79 3.02 5.88
CA VAL C 417 6.46 3.67 4.75
C VAL C 417 7.96 3.48 4.90
N ASN C 418 8.58 2.76 3.95
CA ASN C 418 9.99 2.41 4.09
C ASN C 418 10.89 3.60 3.86
N THR C 419 10.95 4.60 4.75
CA THR C 419 11.83 5.74 4.49
C THR C 419 12.80 5.85 5.64
N PRO C 420 14.03 5.33 5.49
CA PRO C 420 15.09 5.41 6.50
C PRO C 420 15.41 6.83 6.97
N PRO C 421 15.91 6.97 8.19
CA PRO C 421 16.17 5.92 9.19
C PRO C 421 14.84 5.50 9.84
N LEU C 422 14.57 4.20 9.88
CA LEU C 422 13.33 3.70 10.47
C LEU C 422 13.37 3.81 11.98
N VAL C 423 12.21 4.03 12.57
CA VAL C 423 12.09 3.99 14.02
C VAL C 423 12.05 2.54 14.46
N LYS C 424 12.89 2.20 15.44
CA LYS C 424 12.91 0.86 15.99
C LYS C 424 13.33 0.91 17.45
N LEU C 425 13.15 -0.22 18.12
CA LEU C 425 13.60 -0.37 19.50
C LEU C 425 15.03 -0.90 19.46
N TRP C 426 15.91 -0.29 20.24
CA TRP C 426 17.34 -0.57 20.11
C TRP C 426 17.82 -1.70 21.00
N TYR C 427 16.99 -2.13 21.95
CA TYR C 427 17.33 -3.27 22.79
C TYR C 427 16.06 -3.75 23.47
N GLN C 428 16.11 -4.98 23.98
CA GLN C 428 15.00 -5.60 24.67
C GLN C 428 15.48 -6.33 25.90
N LEU C 429 14.90 -6.00 27.05
CA LEU C 429 15.27 -6.68 28.28
C LEU C 429 14.67 -8.08 28.26
N GLU C 430 15.39 -9.04 28.82
CA GLU C 430 14.85 -10.38 28.88
C GLU C 430 13.67 -10.42 29.85
N LYS C 431 12.78 -11.36 29.61
CA LYS C 431 11.63 -11.57 30.47
C LYS C 431 11.97 -12.52 31.61
N GLU C 432 12.90 -13.44 31.37
CA GLU C 432 13.33 -14.41 32.35
C GLU C 432 14.84 -14.35 32.54
N PRO C 433 15.33 -14.69 33.73
CA PRO C 433 16.78 -14.76 33.94
C PRO C 433 17.46 -15.68 32.95
N ILE C 434 18.68 -15.30 32.58
CA ILE C 434 19.44 -16.00 31.56
C ILE C 434 20.28 -17.10 32.20
N VAL C 435 19.96 -18.35 31.85
CA VAL C 435 20.74 -19.50 32.29
C VAL C 435 22.17 -19.38 31.80
N GLY C 436 23.12 -19.57 32.71
CA GLY C 436 24.54 -19.53 32.38
C GLY C 436 25.15 -18.15 32.20
N ALA C 437 24.40 -17.08 32.40
CA ALA C 437 24.98 -15.75 32.44
C ALA C 437 25.29 -15.33 33.87
N GLU C 438 26.39 -14.60 34.03
CA GLU C 438 26.81 -14.13 35.34
C GLU C 438 25.78 -13.21 35.96
N THR C 439 25.43 -13.45 37.23
CA THR C 439 24.52 -12.57 37.96
C THR C 439 25.32 -11.51 38.70
N PHE C 440 25.09 -10.23 38.35
CA PHE C 440 25.67 -9.07 39.01
C PHE C 440 24.68 -8.45 40.01
N TYR C 441 24.97 -8.54 41.30
CA TYR C 441 24.21 -7.79 42.30
C TYR C 441 24.86 -6.40 42.47
N VAL C 442 24.17 -5.35 42.00
CA VAL C 442 24.73 -3.99 41.97
C VAL C 442 24.12 -3.18 43.11
N ASP C 443 24.87 -2.19 43.59
CA ASP C 443 24.35 -1.15 44.46
C ASP C 443 25.27 0.06 44.46
N GLY C 444 24.71 1.20 44.88
CA GLY C 444 25.39 2.47 44.90
C GLY C 444 24.86 3.30 46.05
N ALA C 445 25.71 4.08 46.72
CA ALA C 445 25.23 5.02 47.73
C ALA C 445 26.07 6.29 47.71
N ALA C 446 25.44 7.40 48.10
CA ALA C 446 26.13 8.68 48.26
C ALA C 446 25.87 9.28 49.63
N ASN C 447 26.80 10.14 50.05
CA ASN C 447 26.70 10.88 51.31
C ASN C 447 26.00 12.21 51.05
N ARG C 448 24.83 12.41 51.65
CA ARG C 448 24.00 13.57 51.34
C ARG C 448 24.74 14.90 51.49
N GLU C 449 25.63 15.00 52.49
CA GLU C 449 26.36 16.24 52.73
C GLU C 449 27.65 16.38 51.91
N THR C 450 28.52 15.38 51.96
CA THR C 450 29.78 15.45 51.21
C THR C 450 29.56 15.39 49.71
N LYS C 451 28.46 14.77 49.25
CA LYS C 451 28.28 14.37 47.85
C LYS C 451 29.38 13.42 47.38
N LEU C 452 29.92 12.63 48.30
CA LEU C 452 30.86 11.58 47.95
C LEU C 452 30.12 10.26 48.03
N GLY C 453 30.44 9.34 47.12
CA GLY C 453 29.66 8.13 47.04
C GLY C 453 30.48 6.94 46.57
N LYS C 454 29.83 5.79 46.54
CA LYS C 454 30.42 4.58 45.97
C LYS C 454 29.40 3.85 45.12
N ALA C 455 29.90 3.17 44.09
CA ALA C 455 29.13 2.27 43.25
C ALA C 455 29.91 0.97 43.11
N GLY C 456 29.21 -0.16 43.16
CA GLY C 456 29.92 -1.41 42.92
C GLY C 456 28.97 -2.56 42.69
N TYR C 457 29.53 -3.77 42.73
CA TYR C 457 28.74 -4.97 42.54
C TYR C 457 29.46 -6.19 43.09
N VAL C 458 28.69 -7.24 43.35
CA VAL C 458 29.22 -8.58 43.60
C VAL C 458 28.48 -9.55 42.69
N THR C 459 29.15 -10.65 42.33
CA THR C 459 28.72 -11.56 41.28
C THR C 459 28.73 -12.99 41.85
N ASN C 460 27.98 -13.87 41.22
CA ASN C 460 27.88 -15.24 41.73
C ASN C 460 29.17 -16.02 41.55
N LYS C 461 30.15 -15.49 40.83
CA LYS C 461 31.42 -16.17 40.62
C LYS C 461 32.55 -15.62 41.50
N GLY C 462 32.24 -14.72 42.43
CA GLY C 462 33.22 -14.12 43.30
C GLY C 462 33.77 -12.78 42.84
N ARG C 463 33.47 -12.38 41.61
CA ARG C 463 33.96 -11.10 41.09
C ARG C 463 33.32 -9.94 41.85
N GLN C 464 34.11 -8.90 42.09
CA GLN C 464 33.68 -7.75 42.89
C GLN C 464 34.37 -6.50 42.39
N LYS C 465 33.73 -5.35 42.63
CA LYS C 465 34.30 -4.05 42.30
C LYS C 465 33.57 -3.00 43.11
N VAL C 466 34.29 -1.96 43.51
CA VAL C 466 33.75 -0.75 44.11
C VAL C 466 34.52 0.42 43.51
N VAL C 467 33.81 1.48 43.14
CA VAL C 467 34.42 2.63 42.51
C VAL C 467 34.08 3.86 43.33
N PRO C 468 35.08 4.67 43.72
CA PRO C 468 34.80 5.94 44.39
C PRO C 468 34.30 7.00 43.44
N LEU C 469 33.33 7.77 43.91
CA LEU C 469 32.66 8.77 43.10
C LEU C 469 32.62 10.09 43.86
N THR C 470 32.78 11.19 43.15
CA THR C 470 32.74 12.51 43.74
C THR C 470 31.58 13.32 43.16
N ASN C 471 31.01 14.18 43.99
CA ASN C 471 30.01 15.17 43.59
C ASN C 471 28.83 14.49 42.90
N THR C 472 28.12 13.69 43.70
CA THR C 472 27.21 12.68 43.17
C THR C 472 26.00 12.59 44.08
N THR C 473 25.07 11.69 43.73
CA THR C 473 23.87 11.47 44.52
C THR C 473 23.58 9.98 44.54
N ASN C 474 22.73 9.57 45.50
CA ASN C 474 22.21 8.21 45.53
C ASN C 474 21.82 7.75 44.14
N GLN C 475 21.00 8.56 43.45
CA GLN C 475 20.42 8.10 42.20
C GLN C 475 21.49 7.93 41.14
N LYS C 476 22.43 8.88 41.08
CA LYS C 476 23.58 8.71 40.19
C LYS C 476 24.34 7.43 40.50
N THR C 477 24.56 7.12 41.78
CA THR C 477 25.38 5.95 42.09
C THR C 477 24.62 4.69 41.69
N GLU C 478 23.30 4.70 41.88
CA GLU C 478 22.46 3.58 41.47
C GLU C 478 22.58 3.32 39.97
N LEU C 479 22.51 4.39 39.17
CA LEU C 479 22.78 4.25 37.73
C LEU C 479 24.21 3.79 37.50
N GLN C 480 25.15 4.33 38.28
CA GLN C 480 26.55 4.01 38.10
C GLN C 480 26.81 2.52 38.30
N ALA C 481 26.28 1.95 39.39
CA ALA C 481 26.45 0.53 39.66
C ALA C 481 25.96 -0.34 38.50
N ILE C 482 24.80 -0.01 37.92
CA ILE C 482 24.32 -0.76 36.77
C ILE C 482 25.28 -0.61 35.59
N TYR C 483 25.80 0.61 35.37
CA TYR C 483 26.81 0.84 34.35
C TYR C 483 28.02 -0.08 34.53
N LEU C 484 28.53 -0.18 35.76
CA LEU C 484 29.67 -1.05 36.02
C LEU C 484 29.35 -2.49 35.65
N ALA C 485 28.17 -2.99 36.05
CA ALA C 485 27.82 -4.36 35.72
C ALA C 485 27.85 -4.56 34.21
N LEU C 486 27.39 -3.57 33.45
CA LEU C 486 27.27 -3.75 32.01
C LEU C 486 28.64 -3.69 31.37
N GLN C 487 29.49 -2.79 31.84
CA GLN C 487 30.86 -2.65 31.35
C GLN C 487 31.66 -3.93 31.51
N ASP C 488 31.47 -4.64 32.62
CA ASP C 488 32.33 -5.75 33.03
C ASP C 488 31.73 -7.12 32.77
N SER C 489 30.59 -7.20 32.09
CA SER C 489 29.93 -8.47 31.85
C SER C 489 30.14 -8.91 30.41
N GLY C 490 29.90 -10.20 30.16
CA GLY C 490 29.85 -10.68 28.80
C GLY C 490 28.61 -10.20 28.05
N LEU C 491 28.39 -10.84 26.90
CA LEU C 491 27.29 -10.49 26.02
C LEU C 491 25.93 -10.81 26.64
N GLU C 492 25.90 -11.65 27.67
CA GLU C 492 24.69 -12.02 28.38
C GLU C 492 24.89 -11.83 29.88
N VAL C 493 23.96 -11.14 30.54
CA VAL C 493 24.17 -10.79 31.93
C VAL C 493 22.84 -10.64 32.64
N ASN C 494 22.81 -11.15 33.88
CA ASN C 494 21.72 -10.93 34.82
C ASN C 494 22.14 -9.85 35.79
N ILE C 495 21.28 -8.86 36.01
CA ILE C 495 21.60 -7.76 36.91
C ILE C 495 20.45 -7.62 37.90
N VAL C 496 20.80 -7.55 39.19
CA VAL C 496 19.83 -7.41 40.27
C VAL C 496 20.09 -6.08 40.96
N THR C 497 19.13 -5.18 40.89
CA THR C 497 19.25 -3.90 41.56
C THR C 497 18.14 -3.73 42.58
N ASP C 498 18.31 -2.73 43.45
CA ASP C 498 17.24 -2.26 44.33
C ASP C 498 16.82 -0.83 44.02
N SER C 499 17.25 -0.28 42.89
CA SER C 499 16.91 1.09 42.53
C SER C 499 15.62 1.18 41.71
N GLN C 500 14.53 1.57 42.37
CA GLN C 500 13.29 1.84 41.64
C GLN C 500 13.52 2.92 40.59
N TYR C 501 14.23 3.99 40.98
CA TYR C 501 14.62 5.06 40.06
C TYR C 501 15.28 4.53 38.79
N ALA C 502 16.27 3.65 38.94
CA ALA C 502 17.02 3.20 37.78
C ALA C 502 16.16 2.32 36.89
N LEU C 503 15.42 1.38 37.49
CA LEU C 503 14.62 0.46 36.69
C LEU C 503 13.52 1.19 35.94
N GLY C 504 12.93 2.21 36.56
CA GLY C 504 11.98 3.05 35.85
C GLY C 504 12.53 3.56 34.54
N ILE C 505 13.73 4.17 34.60
CA ILE C 505 14.34 4.74 33.40
C ILE C 505 14.65 3.65 32.38
N ILE C 506 15.40 2.61 32.79
CA ILE C 506 15.87 1.64 31.81
C ILE C 506 14.72 0.82 31.21
N GLN C 507 13.66 0.58 31.98
CA GLN C 507 12.61 -0.31 31.51
C GLN C 507 11.73 0.32 30.44
N ALA C 508 11.77 1.63 30.28
CA ALA C 508 11.06 2.29 29.20
C ALA C 508 11.84 2.30 27.90
N GLN C 509 12.91 1.49 27.81
CA GLN C 509 13.74 1.37 26.61
C GLN C 509 14.12 2.71 25.98
N PRO C 510 14.66 3.65 26.76
CA PRO C 510 15.10 4.90 26.15
C PRO C 510 16.23 4.65 25.16
N ASP C 511 16.33 5.51 24.16
CA ASP C 511 17.39 5.44 23.16
C ASP C 511 18.20 6.73 23.11
N LYS C 512 17.81 7.72 23.91
CA LYS C 512 18.45 9.02 23.93
C LYS C 512 18.14 9.65 25.29
N SER C 513 19.10 10.39 25.83
CA SER C 513 18.89 11.03 27.12
C SER C 513 19.72 12.29 27.21
N GLU C 514 19.22 13.24 28.01
CA GLU C 514 19.94 14.45 28.37
C GLU C 514 21.04 14.19 29.39
N SER C 515 21.09 12.99 29.97
CA SER C 515 22.11 12.63 30.95
C SER C 515 23.15 11.74 30.28
N GLU C 516 24.41 12.20 30.32
CA GLU C 516 25.50 11.48 29.66
C GLU C 516 25.61 10.06 30.16
N LEU C 517 25.44 9.86 31.47
CA LEU C 517 25.59 8.52 32.02
C LEU C 517 24.51 7.58 31.48
N VAL C 518 23.26 8.05 31.44
CA VAL C 518 22.19 7.24 30.85
C VAL C 518 22.50 6.91 29.39
N ASN C 519 22.99 7.88 28.61
CA ASN C 519 23.41 7.61 27.24
C ASN C 519 24.47 6.53 27.22
N GLN C 520 25.39 6.53 28.19
CA GLN C 520 26.45 5.54 28.21
C GLN C 520 25.88 4.16 28.47
N ILE C 521 24.92 4.08 29.39
CA ILE C 521 24.27 2.81 29.70
C ILE C 521 23.52 2.29 28.49
N ILE C 522 22.79 3.19 27.80
CA ILE C 522 22.07 2.81 26.59
C ILE C 522 23.01 2.18 25.56
N GLU C 523 24.16 2.82 25.34
CA GLU C 523 25.15 2.29 24.40
C GLU C 523 25.62 0.89 24.81
N GLN C 524 25.86 0.67 26.11
CA GLN C 524 26.19 -0.67 26.59
C GLN C 524 25.05 -1.64 26.36
N LEU C 525 23.81 -1.24 26.66
CA LEU C 525 22.67 -2.13 26.45
C LEU C 525 22.54 -2.54 25.00
N ILE C 526 22.80 -1.62 24.08
CA ILE C 526 22.72 -1.94 22.66
C ILE C 526 23.79 -2.96 22.27
N LYS C 527 24.97 -2.90 22.89
CA LYS C 527 26.02 -3.88 22.56
C LYS C 527 25.74 -5.27 23.09
N LYS C 528 24.83 -5.43 24.04
CA LYS C 528 24.68 -6.74 24.67
C LYS C 528 23.84 -7.65 23.78
N GLU C 529 23.83 -8.93 24.13
CA GLU C 529 22.98 -9.88 23.43
C GLU C 529 21.75 -10.29 24.22
N LYS C 530 21.86 -10.33 25.55
CA LYS C 530 20.74 -10.65 26.43
C LYS C 530 20.98 -9.98 27.77
N VAL C 531 20.00 -9.22 28.25
CA VAL C 531 20.11 -8.53 29.52
C VAL C 531 18.82 -8.76 30.28
N TYR C 532 18.94 -9.21 31.53
CA TYR C 532 17.79 -9.42 32.40
C TYR C 532 17.97 -8.58 33.66
N LEU C 533 17.08 -7.61 33.84
CA LEU C 533 17.03 -6.75 35.02
C LEU C 533 15.99 -7.28 35.99
N ALA C 534 16.32 -7.28 37.28
CA ALA C 534 15.42 -7.77 38.30
C ALA C 534 15.50 -6.86 39.51
N TRP C 535 14.35 -6.55 40.10
CA TRP C 535 14.32 -5.66 41.26
C TRP C 535 14.13 -6.47 42.53
N VAL C 536 14.81 -6.05 43.59
CA VAL C 536 14.60 -6.63 44.91
C VAL C 536 14.51 -5.50 45.93
N PRO C 537 13.71 -5.64 46.99
CA PRO C 537 13.66 -4.59 48.00
C PRO C 537 15.00 -4.51 48.73
N ALA C 538 15.42 -3.30 49.08
CA ALA C 538 16.64 -3.14 49.84
C ALA C 538 16.43 -3.49 51.31
N HIS C 539 17.54 -3.78 52.00
CA HIS C 539 17.58 -3.95 53.44
C HIS C 539 16.80 -5.17 53.94
N LYS C 540 16.42 -6.08 53.05
CA LYS C 540 15.69 -7.28 53.44
C LYS C 540 16.59 -8.50 53.54
N GLY C 541 17.91 -8.32 53.52
CA GLY C 541 18.87 -9.39 53.54
C GLY C 541 18.60 -10.42 52.45
N ILE C 542 18.70 -9.96 51.22
CA ILE C 542 18.52 -10.79 50.03
C ILE C 542 19.87 -10.95 49.34
N GLY C 543 20.22 -12.20 49.02
CA GLY C 543 21.21 -12.43 47.99
C GLY C 543 22.51 -11.72 48.25
N GLY C 544 23.23 -11.43 47.16
CA GLY C 544 24.33 -10.50 47.24
C GLY C 544 23.94 -9.05 47.40
N ASN C 545 22.64 -8.73 47.33
CA ASN C 545 22.23 -7.34 47.54
C ASN C 545 22.58 -6.86 48.94
N GLU C 546 22.39 -7.72 49.94
CA GLU C 546 22.84 -7.40 51.29
C GLU C 546 24.37 -7.34 51.38
N GLN C 547 25.07 -8.06 50.51
CA GLN C 547 26.52 -8.05 50.54
C GLN C 547 27.11 -6.83 49.84
N VAL C 548 26.47 -6.36 48.76
CA VAL C 548 26.97 -5.18 48.06
C VAL C 548 26.50 -3.90 48.73
N ASP C 549 25.42 -3.94 49.51
CA ASP C 549 25.03 -2.76 50.29
C ASP C 549 26.07 -2.45 51.34
N LYS C 550 26.80 -3.46 51.82
CA LYS C 550 27.83 -3.23 52.83
C LYS C 550 29.08 -2.65 52.21
N LEU C 551 29.34 -2.96 50.93
CA LEU C 551 30.51 -2.43 50.25
C LEU C 551 30.41 -0.92 50.05
N VAL C 552 29.23 -0.42 49.69
CA VAL C 552 29.07 0.96 49.28
C VAL C 552 28.50 1.83 50.38
N SER C 553 28.22 1.28 51.56
CA SER C 553 27.67 2.01 52.69
C SER C 553 26.34 2.67 52.35
N1 OMC D 7 -1.83 -7.56 -45.98
C2 OMC D 7 -2.08 -8.80 -46.73
N3 OMC D 7 -1.15 -9.22 -47.79
C4 OMC D 7 0.02 -8.41 -48.09
C5 OMC D 7 0.28 -7.19 -47.35
C6 OMC D 7 -0.66 -6.75 -46.28
O2 OMC D 7 -3.07 -9.49 -46.48
N4 OMC D 7 0.91 -8.83 -49.12
C1' OMC D 7 -2.77 -7.16 -44.90
C2' OMC D 7 -2.48 -7.92 -43.62
O2' OMC D 7 -3.70 -8.04 -42.88
CM2 OMC D 7 -4.72 -8.79 -43.53
C3' OMC D 7 -1.54 -6.95 -42.93
C4' OMC D 7 -2.18 -5.61 -43.25
O4' OMC D 7 -2.61 -5.78 -44.63
O3' OMC D 7 -1.37 -7.20 -41.55
C5' OMC D 7 -1.29 -4.40 -43.14
O5' OMC D 7 -0.27 -4.40 -44.13
P OMC D 7 0.56 -3.09 -44.46
OP1 OMC D 7 0.58 -2.24 -43.24
OP2 OMC D 7 1.86 -3.49 -45.12
N1 OMC D 9 1.98 -16.15 -43.15
C2 OMC D 9 2.68 -16.56 -44.38
N3 OMC D 9 3.47 -15.56 -45.14
C4 OMC D 9 3.55 -14.19 -44.70
C5 OMC D 9 2.84 -13.78 -43.48
C6 OMC D 9 2.05 -14.76 -42.70
O2 OMC D 9 2.62 -17.72 -44.77
N4 OMC D 9 4.30 -13.26 -45.44
C1' OMC D 9 1.18 -17.13 -42.38
C2' OMC D 9 2.06 -18.01 -41.49
O2' OMC D 9 1.51 -19.33 -41.47
CM2 OMC D 9 1.38 -19.96 -42.74
C3' OMC D 9 1.90 -17.35 -40.14
C4' OMC D 9 0.46 -16.86 -40.17
O4' OMC D 9 0.27 -16.46 -41.55
O3' OMC D 9 2.15 -18.23 -39.05
C5' OMC D 9 0.16 -15.69 -39.26
O5' OMC D 9 1.17 -14.70 -39.32
P OMC D 9 0.88 -13.19 -38.92
OP1 OMC D 9 0.67 -13.13 -37.44
OP2 OMC D 9 1.91 -12.30 -39.56
N GLU E 22 -40.01 31.39 38.89
CA GLU E 22 -39.92 30.67 40.15
C GLU E 22 -38.53 30.02 40.29
N THR E 23 -37.49 30.75 39.91
CA THR E 23 -36.15 30.20 39.88
C THR E 23 -35.53 30.19 41.28
N VAL E 24 -34.88 29.07 41.61
CA VAL E 24 -34.15 28.92 42.86
C VAL E 24 -32.83 29.67 42.77
N PRO E 25 -32.61 30.71 43.57
CA PRO E 25 -31.32 31.41 43.57
C PRO E 25 -30.16 30.45 43.81
N VAL E 26 -29.03 30.73 43.15
CA VAL E 26 -27.82 29.92 43.26
C VAL E 26 -26.62 30.86 43.30
N LYS E 27 -25.68 30.56 44.19
CA LYS E 27 -24.45 31.32 44.38
C LYS E 27 -23.25 30.40 44.28
N LEU E 28 -22.17 30.88 43.66
CA LEU E 28 -20.93 30.14 43.72
C LEU E 28 -20.37 30.13 45.14
N LYS E 29 -19.46 29.20 45.38
CA LYS E 29 -18.75 29.17 46.66
C LYS E 29 -18.06 30.50 46.90
N PRO E 30 -18.23 31.11 48.08
CA PRO E 30 -17.57 32.39 48.36
C PRO E 30 -16.08 32.38 48.07
N GLY E 31 -15.64 33.40 47.34
CA GLY E 31 -14.24 33.52 46.98
C GLY E 31 -13.84 32.74 45.75
N MET E 32 -14.77 32.47 44.85
CA MET E 32 -14.44 31.78 43.61
C MET E 32 -15.16 32.39 42.42
N ASP E 33 -14.42 32.57 41.32
CA ASP E 33 -14.98 33.07 40.08
C ASP E 33 -15.57 31.89 39.31
N GLY E 34 -16.33 32.19 38.26
CA GLY E 34 -16.80 31.16 37.39
C GLY E 34 -15.70 30.49 36.57
N PRO E 35 -16.08 29.47 35.80
CA PRO E 35 -15.10 28.73 34.99
C PRO E 35 -14.61 29.53 33.80
N LYS E 36 -13.31 29.42 33.52
CA LYS E 36 -12.73 30.01 32.32
C LYS E 36 -11.87 28.98 31.58
N VAL E 37 -12.50 27.91 31.10
CA VAL E 37 -11.80 26.81 30.44
C VAL E 37 -11.95 26.94 28.93
N LYS E 38 -10.84 26.87 28.21
CA LYS E 38 -10.88 27.05 26.75
C LYS E 38 -11.55 25.88 26.05
N GLN E 39 -12.35 26.19 25.03
CA GLN E 39 -12.95 25.17 24.17
C GLN E 39 -11.87 24.45 23.36
N TRP E 40 -11.92 23.11 23.33
CA TRP E 40 -10.96 22.34 22.55
C TRP E 40 -11.49 22.01 21.16
N PRO E 41 -10.58 21.68 20.22
CA PRO E 41 -11.01 21.40 18.83
C PRO E 41 -11.98 20.24 18.71
N LEU E 42 -12.95 20.40 17.81
CA LEU E 42 -14.00 19.41 17.57
C LEU E 42 -13.91 18.92 16.13
N THR E 43 -14.16 17.62 15.95
CA THR E 43 -14.26 17.03 14.63
C THR E 43 -15.47 17.55 13.86
N GLU E 44 -15.42 17.39 12.54
CA GLU E 44 -16.52 17.87 11.67
C GLU E 44 -17.87 17.31 12.08
N GLU E 45 -17.95 16.00 12.34
CA GLU E 45 -19.22 15.43 12.72
C GLU E 45 -19.71 15.99 14.05
N LYS E 46 -18.79 16.30 14.97
CA LYS E 46 -19.18 16.85 16.26
C LYS E 46 -19.70 18.28 16.15
N ILE E 47 -19.04 19.12 15.35
CA ILE E 47 -19.53 20.48 15.12
C ILE E 47 -20.89 20.47 14.45
N LYS E 48 -21.09 19.59 13.45
CA LYS E 48 -22.39 19.53 12.80
C LYS E 48 -23.50 19.15 13.79
N ALA E 49 -23.23 18.15 14.63
CA ALA E 49 -24.20 17.75 15.63
C ALA E 49 -24.52 18.87 16.60
N LEU E 50 -23.50 19.61 17.05
CA LEU E 50 -23.73 20.66 18.03
C LEU E 50 -24.50 21.84 17.42
N VAL E 51 -24.18 22.20 16.18
CA VAL E 51 -24.86 23.34 15.57
C VAL E 51 -26.35 23.04 15.40
N GLU E 52 -26.69 21.86 14.89
CA GLU E 52 -28.10 21.49 14.78
C GLU E 52 -28.78 21.45 16.14
N ILE E 53 -28.16 20.79 17.11
CA ILE E 53 -28.74 20.68 18.46
C ILE E 53 -28.92 22.07 19.07
N CYS E 54 -27.90 22.93 18.95
CA CYS E 54 -27.98 24.27 19.54
C CYS E 54 -29.01 25.14 18.83
N THR E 55 -29.16 24.95 17.52
CA THR E 55 -30.21 25.68 16.81
C THR E 55 -31.57 25.36 17.40
N GLU E 56 -31.88 24.07 17.52
CA GLU E 56 -33.16 23.66 18.08
C GLU E 56 -33.31 24.16 19.51
N MET E 57 -32.22 24.17 20.29
CA MET E 57 -32.35 24.59 21.68
C MET E 57 -32.58 26.09 21.76
N GLU E 58 -31.98 26.86 20.84
CA GLU E 58 -32.16 28.30 20.87
C GLU E 58 -33.57 28.69 20.49
N LYS E 59 -34.13 27.99 19.48
CA LYS E 59 -35.52 28.18 19.09
C LYS E 59 -36.48 27.90 20.26
N GLU E 60 -36.09 27.06 21.21
CA GLU E 60 -36.97 26.67 22.30
C GLU E 60 -36.68 27.43 23.58
N GLY E 61 -35.76 28.41 23.52
CA GLY E 61 -35.45 29.25 24.64
C GLY E 61 -34.52 28.63 25.66
N LYS E 62 -34.10 27.38 25.45
CA LYS E 62 -33.27 26.69 26.43
C LYS E 62 -31.93 27.39 26.60
N ILE E 63 -31.40 27.95 25.51
CA ILE E 63 -30.18 28.74 25.53
C ILE E 63 -30.43 30.00 24.72
N SER E 64 -29.53 30.97 24.85
CA SER E 64 -29.60 32.17 24.02
C SER E 64 -28.19 32.67 23.76
N LYS E 65 -28.04 33.34 22.63
CA LYS E 65 -26.74 33.81 22.18
C LYS E 65 -26.22 34.90 23.11
N ILE E 66 -24.91 34.94 23.30
CA ILE E 66 -24.27 35.90 24.20
C ILE E 66 -22.97 36.37 23.55
N GLY E 67 -22.36 37.37 24.17
CA GLY E 67 -21.16 37.97 23.60
C GLY E 67 -19.89 37.75 24.40
N PRO E 68 -18.85 38.51 24.04
CA PRO E 68 -17.55 38.40 24.71
C PRO E 68 -17.48 39.12 26.04
N GLU E 69 -18.53 39.83 26.43
CA GLU E 69 -18.53 40.57 27.69
C GLU E 69 -18.85 39.67 28.88
N ASN E 70 -19.46 38.51 28.64
CA ASN E 70 -19.46 37.45 29.62
C ASN E 70 -18.09 36.76 29.60
N PRO E 71 -17.32 36.82 30.68
CA PRO E 71 -15.94 36.33 30.67
C PRO E 71 -15.77 34.84 30.92
N TYR E 72 -16.86 34.09 31.06
CA TYR E 72 -16.81 32.69 31.46
C TYR E 72 -16.96 31.78 30.23
N ASN E 73 -16.42 30.56 30.35
CA ASN E 73 -16.61 29.56 29.31
C ASN E 73 -16.37 28.17 29.87
N THR E 74 -17.15 27.22 29.36
CA THR E 74 -17.06 25.81 29.73
C THR E 74 -17.05 24.99 28.45
N PRO E 75 -16.12 24.05 28.28
CA PRO E 75 -16.05 23.30 27.02
C PRO E 75 -17.29 22.44 26.78
N VAL E 76 -17.68 22.33 25.52
CA VAL E 76 -18.75 21.46 25.08
C VAL E 76 -18.29 20.56 23.93
N PHE E 77 -18.87 19.38 23.84
CA PHE E 77 -18.66 18.51 22.68
C PHE E 77 -19.89 17.61 22.53
N ALA E 78 -19.74 16.51 21.78
CA ALA E 78 -20.87 15.65 21.47
C ALA E 78 -20.47 14.18 21.44
N ILE E 79 -21.43 13.32 21.80
CA ILE E 79 -21.24 11.87 21.87
C ILE E 79 -22.49 11.17 21.33
N LYS E 80 -22.33 9.89 20.99
CA LYS E 80 -23.47 9.02 20.73
C LYS E 80 -23.49 7.91 21.78
N LYS E 81 -24.62 7.75 22.46
CA LYS E 81 -24.72 6.70 23.47
C LYS E 81 -24.74 5.31 22.83
N LYS E 82 -24.65 4.29 23.69
CA LYS E 82 -24.62 2.90 23.23
C LYS E 82 -25.84 2.54 22.38
N ASP E 83 -25.59 2.03 21.18
CA ASP E 83 -26.61 1.58 20.24
C ASP E 83 -27.58 2.71 19.89
N SER E 84 -27.04 3.92 19.77
CA SER E 84 -27.83 5.09 19.44
C SER E 84 -27.29 5.73 18.17
N THR E 85 -28.18 6.27 17.34
CA THR E 85 -27.75 6.86 16.09
C THR E 85 -27.82 8.38 16.18
N LYS E 86 -28.32 8.90 17.29
CA LYS E 86 -28.52 10.33 17.48
C LYS E 86 -27.48 10.93 18.43
N TRP E 87 -26.81 11.97 17.95
CA TRP E 87 -25.83 12.75 18.70
C TRP E 87 -26.42 13.35 19.96
N ARG E 88 -25.60 13.47 21.01
CA ARG E 88 -26.06 13.96 22.30
C ARG E 88 -25.02 14.95 22.81
N LYS E 89 -25.49 16.15 23.15
CA LYS E 89 -24.60 17.18 23.66
C LYS E 89 -24.13 16.84 25.07
N LEU E 90 -22.86 17.10 25.34
CA LEU E 90 -22.27 16.88 26.67
C LEU E 90 -21.43 18.10 27.00
N VAL E 91 -21.74 18.74 28.13
CA VAL E 91 -20.94 19.85 28.63
C VAL E 91 -20.02 19.35 29.73
N ASP E 92 -18.75 19.75 29.66
CA ASP E 92 -17.74 19.42 30.66
C ASP E 92 -17.89 20.44 31.79
N PHE E 93 -18.89 20.23 32.63
CA PHE E 93 -19.14 21.14 33.74
C PHE E 93 -18.29 20.86 34.97
N ARG E 94 -17.15 20.16 34.81
CA ARG E 94 -16.36 19.77 35.97
C ARG E 94 -15.92 21.00 36.76
N GLU E 95 -15.41 22.01 36.08
CA GLU E 95 -14.99 23.25 36.75
C GLU E 95 -16.17 23.93 37.46
N LEU E 96 -17.27 24.14 36.73
CA LEU E 96 -18.46 24.74 37.34
C LEU E 96 -18.97 23.92 38.52
N ASN E 97 -19.02 22.60 38.39
CA ASN E 97 -19.49 21.76 39.49
C ASN E 97 -18.62 21.93 40.74
N LYS E 98 -17.31 22.04 40.58
CA LYS E 98 -16.47 22.21 41.76
C LYS E 98 -16.43 23.65 42.26
N ARG E 99 -17.03 24.60 41.53
CA ARG E 99 -17.15 25.97 41.97
C ARG E 99 -18.55 26.34 42.42
N THR E 100 -19.50 25.42 42.34
CA THR E 100 -20.88 25.69 42.68
C THR E 100 -21.18 25.26 44.11
N GLN E 101 -21.94 26.11 44.80
CA GLN E 101 -22.34 25.89 46.19
C GLN E 101 -22.73 24.44 46.46
N ASP E 102 -22.19 23.88 47.54
CA ASP E 102 -22.61 22.56 47.95
C ASP E 102 -24.06 22.64 48.40
N PHE E 103 -24.89 21.74 47.88
CA PHE E 103 -26.30 21.77 48.22
C PHE E 103 -26.64 20.98 49.47
N TRP E 104 -25.64 20.32 50.09
CA TRP E 104 -25.86 19.84 51.45
C TRP E 104 -26.04 21.01 52.40
N GLU E 105 -25.23 22.06 52.22
CA GLU E 105 -25.40 23.27 53.00
C GLU E 105 -26.79 23.86 52.76
N VAL E 106 -27.23 23.83 51.50
CA VAL E 106 -28.56 24.31 51.14
C VAL E 106 -29.59 23.37 51.75
N GLN E 107 -29.23 22.10 51.91
CA GLN E 107 -29.99 20.93 52.35
C GLN E 107 -30.69 20.25 51.16
N LEU E 108 -30.44 20.73 49.94
CA LEU E 108 -30.91 20.10 48.71
C LEU E 108 -30.27 18.74 48.41
N GLY E 109 -29.04 18.49 48.84
CA GLY E 109 -28.33 17.31 48.34
C GLY E 109 -29.04 15.99 48.61
N ILE E 110 -28.91 15.08 47.65
CA ILE E 110 -29.54 13.76 47.64
C ILE E 110 -28.83 12.81 48.59
N PRO E 111 -29.57 12.06 49.42
CA PRO E 111 -28.97 11.04 50.28
C PRO E 111 -28.71 9.77 49.47
N HIS E 112 -27.75 8.94 49.92
CA HIS E 112 -27.39 7.74 49.17
C HIS E 112 -27.86 6.45 49.82
N PRO E 113 -28.62 5.63 49.08
CA PRO E 113 -29.18 4.37 49.60
C PRO E 113 -28.18 3.22 49.55
N ALA E 114 -27.78 2.74 50.72
CA ALA E 114 -26.90 1.57 50.84
C ALA E 114 -27.47 0.31 50.19
N GLY E 115 -28.77 0.25 49.92
CA GLY E 115 -29.40 -0.95 49.38
C GLY E 115 -29.29 -1.14 47.88
N LEU E 116 -29.10 -0.06 47.12
CA LEU E 116 -28.97 -0.12 45.67
C LEU E 116 -27.97 -1.20 45.24
N LYS E 117 -26.78 -1.21 45.83
CA LYS E 117 -25.76 -2.19 45.47
C LYS E 117 -26.17 -3.63 45.80
N LYS E 118 -27.15 -3.84 46.68
CA LYS E 118 -27.55 -5.19 47.06
C LYS E 118 -28.60 -5.78 46.14
N LYS E 119 -29.22 -4.99 45.28
CA LYS E 119 -30.27 -5.47 44.37
C LYS E 119 -29.70 -6.32 43.24
N LYS E 120 -30.55 -7.23 42.74
CA LYS E 120 -30.12 -8.18 41.72
C LYS E 120 -29.98 -7.52 40.34
N SER E 121 -30.82 -6.54 40.03
CA SER E 121 -30.73 -5.82 38.77
C SER E 121 -30.88 -4.33 39.04
N VAL E 122 -30.05 -3.53 38.40
CA VAL E 122 -30.13 -2.08 38.49
C VAL E 122 -30.09 -1.50 37.07
N THR E 123 -31.13 -0.78 36.70
CA THR E 123 -31.22 -0.18 35.37
C THR E 123 -30.95 1.32 35.46
N VAL E 124 -30.19 1.83 34.51
CA VAL E 124 -29.80 3.25 34.48
C VAL E 124 -30.60 3.95 33.39
N LEU E 125 -31.31 5.00 33.78
CA LEU E 125 -32.19 5.74 32.88
C LEU E 125 -31.69 7.17 32.76
N ASP E 126 -31.62 7.67 31.53
CA ASP E 126 -31.24 9.05 31.29
C ASP E 126 -32.51 9.90 31.42
N VAL E 127 -32.49 10.86 32.34
CA VAL E 127 -33.67 11.69 32.59
C VAL E 127 -33.28 13.16 32.50
N GLY E 128 -32.07 13.42 31.98
CA GLY E 128 -31.60 14.79 31.86
C GLY E 128 -32.55 15.70 31.12
N ASP E 129 -33.34 15.13 30.20
CA ASP E 129 -34.23 15.92 29.36
C ASP E 129 -35.20 16.74 30.21
N ALA E 130 -35.76 16.12 31.24
CA ALA E 130 -36.58 16.80 32.25
C ALA E 130 -36.02 18.16 32.65
N TYR E 131 -34.70 18.27 32.86
CA TYR E 131 -34.19 19.49 33.47
C TYR E 131 -34.38 20.72 32.58
N PHE E 132 -34.64 20.52 31.28
CA PHE E 132 -34.80 21.69 30.43
C PHE E 132 -36.14 22.37 30.64
N SER E 133 -37.04 21.76 31.42
CA SER E 133 -38.34 22.33 31.73
C SER E 133 -38.28 23.45 32.76
N VAL E 134 -37.18 23.58 33.50
CA VAL E 134 -37.13 24.41 34.70
C VAL E 134 -36.21 25.60 34.44
N PRO E 135 -36.70 26.82 34.64
CA PRO E 135 -35.87 28.02 34.45
C PRO E 135 -34.67 28.04 35.39
N LEU E 136 -33.58 28.61 34.91
CA LEU E 136 -32.36 28.79 35.69
C LEU E 136 -32.27 30.23 36.17
N ASP E 137 -31.90 30.40 37.43
CA ASP E 137 -31.70 31.71 38.05
C ASP E 137 -30.89 32.65 37.18
N GLU E 138 -31.52 33.77 36.81
CA GLU E 138 -30.91 34.82 35.99
C GLU E 138 -29.48 35.17 36.37
N ASP E 139 -29.20 35.32 37.67
CA ASP E 139 -27.87 35.75 38.07
C ASP E 139 -26.82 34.67 37.88
N PHE E 140 -27.23 33.42 37.69
CA PHE E 140 -26.29 32.32 37.58
C PHE E 140 -26.00 31.93 36.13
N ARG E 141 -26.90 32.30 35.21
CA ARG E 141 -26.81 31.89 33.81
C ARG E 141 -25.45 32.21 33.21
N LYS E 142 -24.87 33.38 33.54
CA LYS E 142 -23.63 33.79 32.89
C LYS E 142 -22.53 32.76 33.07
N TYR E 143 -22.61 31.95 34.14
CA TYR E 143 -21.57 30.97 34.43
C TYR E 143 -21.64 29.74 33.54
N THR E 144 -22.72 29.57 32.77
CA THR E 144 -22.93 28.39 31.93
C THR E 144 -22.53 28.63 30.47
N ALA E 145 -21.66 29.60 30.22
CA ALA E 145 -21.26 29.99 28.87
C ALA E 145 -20.44 28.90 28.18
N PHE E 146 -20.77 28.59 26.92
CA PHE E 146 -19.92 27.75 26.10
C PHE E 146 -19.79 28.33 24.70
N THR E 147 -18.76 27.87 23.98
CA THR E 147 -18.41 28.37 22.64
C THR E 147 -18.36 27.23 21.63
N ILE E 148 -19.28 27.22 20.67
CA ILE E 148 -19.15 26.30 19.53
C ILE E 148 -18.03 26.79 18.60
N PRO E 149 -17.06 25.95 18.26
CA PRO E 149 -15.97 26.37 17.36
C PRO E 149 -16.32 26.07 15.90
N SER E 150 -15.45 26.44 14.96
CA SER E 150 -15.71 26.15 13.56
C SER E 150 -14.43 25.63 12.91
N ILE E 151 -14.61 24.73 11.94
CA ILE E 151 -13.49 24.17 11.19
C ILE E 151 -12.63 25.26 10.55
N ASN E 152 -11.31 25.12 10.68
CA ASN E 152 -10.32 26.05 10.12
C ASN E 152 -10.56 27.50 10.54
N ASN E 153 -11.31 27.71 11.60
CA ASN E 153 -11.60 29.04 12.13
C ASN E 153 -12.18 29.95 11.03
N GLU E 154 -13.15 29.40 10.29
CA GLU E 154 -13.81 30.20 9.26
C GLU E 154 -14.52 31.39 9.90
N THR E 155 -15.04 31.20 11.11
CA THR E 155 -15.85 32.14 11.86
C THR E 155 -15.28 32.20 13.27
N PRO E 156 -15.40 33.33 13.97
CA PRO E 156 -15.17 33.32 15.41
C PRO E 156 -16.17 32.43 16.13
N GLY E 157 -15.85 32.11 17.38
CA GLY E 157 -16.68 31.19 18.13
C GLY E 157 -18.06 31.78 18.39
N ILE E 158 -19.06 30.91 18.48
CA ILE E 158 -20.42 31.35 18.74
C ILE E 158 -20.80 30.98 20.17
N ARG E 159 -20.99 32.00 21.01
CA ARG E 159 -21.19 31.82 22.44
C ARG E 159 -22.68 31.77 22.79
N TYR E 160 -23.08 30.76 23.56
CA TYR E 160 -24.40 30.69 24.15
C TYR E 160 -24.29 30.64 25.67
N GLN E 161 -25.41 30.88 26.34
CA GLN E 161 -25.53 30.56 27.77
C GLN E 161 -26.88 29.90 27.99
N TYR E 162 -27.03 29.27 29.15
CA TYR E 162 -28.24 28.53 29.48
C TYR E 162 -29.29 29.40 30.14
N ASN E 163 -30.55 29.15 29.77
CA ASN E 163 -31.71 29.73 30.44
C ASN E 163 -32.38 28.73 31.37
N VAL E 164 -32.22 27.44 31.11
CA VAL E 164 -32.82 26.39 31.92
C VAL E 164 -31.71 25.62 32.64
N LEU E 165 -32.12 24.71 33.53
CA LEU E 165 -31.21 23.78 34.17
C LEU E 165 -30.43 22.97 33.14
N PRO E 166 -29.11 23.09 33.07
CA PRO E 166 -28.35 22.35 32.06
C PRO E 166 -28.01 20.94 32.52
N GLN E 167 -28.09 19.99 31.57
CA GLN E 167 -27.52 18.67 31.75
C GLN E 167 -26.05 18.74 32.14
N GLY E 168 -25.64 17.85 33.04
CA GLY E 168 -24.24 17.77 33.43
C GLY E 168 -23.82 18.65 34.59
N TRP E 169 -24.69 19.55 35.03
CA TRP E 169 -24.39 20.41 36.17
C TRP E 169 -24.94 19.82 37.46
N LYS E 170 -24.09 19.79 38.50
CA LYS E 170 -24.46 19.16 39.77
C LYS E 170 -25.59 19.90 40.47
N GLY E 171 -25.82 21.16 40.10
CA GLY E 171 -26.95 21.92 40.63
C GLY E 171 -28.30 21.43 40.14
N SER E 172 -28.36 20.87 38.92
CA SER E 172 -29.65 20.55 38.34
C SER E 172 -30.38 19.42 39.05
N PRO E 173 -29.77 18.29 39.40
CA PRO E 173 -30.55 17.29 40.16
C PRO E 173 -30.98 17.78 41.53
N ALA E 174 -30.10 18.50 42.22
CA ALA E 174 -30.43 19.16 43.48
C ALA E 174 -31.73 19.95 43.37
N ILE E 175 -31.76 20.92 42.45
CA ILE E 175 -32.91 21.81 42.31
C ILE E 175 -34.14 21.07 41.79
N PHE E 176 -33.94 20.02 41.00
CA PHE E 176 -35.09 19.31 40.46
C PHE E 176 -35.62 18.25 41.41
N GLN E 177 -34.87 17.94 42.49
CA GLN E 177 -35.24 16.84 43.39
C GLN E 177 -36.69 16.94 43.83
N SER E 178 -37.13 18.14 44.22
CA SER E 178 -38.51 18.36 44.65
C SER E 178 -39.48 17.81 43.62
N SER E 179 -39.35 18.28 42.37
CA SER E 179 -40.23 17.81 41.31
C SER E 179 -40.06 16.32 41.09
N MET E 180 -38.85 15.80 41.26
CA MET E 180 -38.56 14.40 40.99
C MET E 180 -39.26 13.48 41.98
N THR E 181 -39.20 13.82 43.27
CA THR E 181 -39.88 13.02 44.28
C THR E 181 -41.39 13.01 44.05
N LYS E 182 -41.97 14.17 43.75
CA LYS E 182 -43.40 14.23 43.45
C LYS E 182 -43.75 13.33 42.27
N ILE E 183 -42.89 13.28 41.25
CA ILE E 183 -43.19 12.48 40.06
C ILE E 183 -43.12 11.00 40.39
N LEU E 184 -42.11 10.59 41.17
CA LEU E 184 -41.94 9.18 41.45
C LEU E 184 -42.85 8.68 42.56
N GLU E 185 -43.41 9.60 43.36
CA GLU E 185 -44.26 9.24 44.50
C GLU E 185 -45.24 8.12 44.22
N PRO E 186 -46.08 8.15 43.16
CA PRO E 186 -47.01 7.03 42.92
C PRO E 186 -46.31 5.70 42.73
N PHE E 187 -45.43 5.66 41.72
CA PHE E 187 -44.65 4.45 41.40
C PHE E 187 -44.00 3.84 42.64
N LYS E 188 -43.38 4.69 43.48
CA LYS E 188 -42.74 4.18 44.69
C LYS E 188 -43.74 3.46 45.59
N LYS E 189 -44.87 4.10 45.88
CA LYS E 189 -45.88 3.47 46.73
C LYS E 189 -46.43 2.19 46.13
N GLN E 190 -46.70 2.19 44.81
CA GLN E 190 -47.14 0.96 44.17
C GLN E 190 -46.09 -0.15 44.31
N ASN E 191 -44.82 0.15 44.02
CA ASN E 191 -43.73 -0.82 44.11
C ASN E 191 -42.74 -0.39 45.19
N PRO E 192 -43.08 -0.55 46.47
CA PRO E 192 -42.24 0.00 47.53
C PRO E 192 -40.94 -0.76 47.73
N ASP E 193 -40.76 -1.89 47.06
CA ASP E 193 -39.54 -2.66 47.19
C ASP E 193 -38.42 -2.17 46.29
N ILE E 194 -38.74 -1.33 45.31
CA ILE E 194 -37.79 -0.89 44.30
C ILE E 194 -37.02 0.33 44.80
N VAL E 195 -35.69 0.27 44.70
CA VAL E 195 -34.83 1.37 45.12
C VAL E 195 -34.59 2.28 43.91
N ILE E 196 -34.63 3.59 44.13
CA ILE E 196 -34.38 4.57 43.08
C ILE E 196 -33.38 5.60 43.59
N TYR E 197 -32.29 5.80 42.85
CA TYR E 197 -31.26 6.76 43.21
C TYR E 197 -31.00 7.69 42.03
N GLN E 198 -30.92 8.99 42.31
CA GLN E 198 -30.65 9.99 41.30
C GLN E 198 -29.22 10.50 41.42
N TYR E 199 -28.44 10.36 40.35
CA TYR E 199 -27.11 10.96 40.27
C TYR E 199 -26.98 11.73 38.97
N MET E 200 -26.77 13.04 39.07
CA MET E 200 -26.72 13.92 37.90
C MET E 200 -27.90 13.72 36.96
N ASP E 201 -27.62 13.35 35.71
CA ASP E 201 -28.63 13.16 34.68
C ASP E 201 -29.19 11.74 34.64
N ASP E 202 -28.82 10.88 35.59
CA ASP E 202 -29.18 9.47 35.52
C ASP E 202 -30.09 9.07 36.67
N LEU E 203 -30.94 8.08 36.43
CA LEU E 203 -31.79 7.48 37.44
C LEU E 203 -31.40 6.02 37.59
N TYR E 204 -31.05 5.60 38.80
CA TYR E 204 -30.65 4.23 39.07
C TYR E 204 -31.82 3.51 39.74
N VAL E 205 -32.40 2.54 39.04
CA VAL E 205 -33.60 1.84 39.50
C VAL E 205 -33.28 0.36 39.71
N GLY E 206 -33.19 -0.06 40.96
CA GLY E 206 -32.79 -1.42 41.32
C GLY E 206 -33.95 -2.24 41.85
N SER E 207 -33.97 -3.53 41.52
CA SER E 207 -34.97 -4.44 42.06
C SER E 207 -34.41 -5.86 42.11
N ASP E 208 -35.05 -6.70 42.94
CA ASP E 208 -34.70 -8.11 43.04
C ASP E 208 -35.60 -9.00 42.19
N LEU E 209 -36.50 -8.42 41.40
CA LEU E 209 -37.39 -9.18 40.54
C LEU E 209 -36.58 -10.00 39.52
N GLU E 210 -37.24 -10.99 38.95
CA GLU E 210 -36.67 -11.70 37.81
C GLU E 210 -36.60 -10.75 36.61
N ILE E 211 -35.65 -11.02 35.72
CA ILE E 211 -35.25 -10.05 34.70
C ILE E 211 -36.46 -9.54 33.91
N GLY E 212 -37.29 -10.46 33.40
CA GLY E 212 -38.50 -10.08 32.69
C GLY E 212 -39.35 -9.04 33.40
N GLN E 213 -39.70 -9.32 34.66
CA GLN E 213 -40.53 -8.39 35.43
C GLN E 213 -39.78 -7.10 35.73
N HIS E 214 -38.45 -7.15 35.79
CA HIS E 214 -37.65 -5.95 35.99
C HIS E 214 -37.82 -5.01 34.80
N ARG E 215 -37.53 -5.49 33.59
CA ARG E 215 -37.65 -4.66 32.41
C ARG E 215 -39.08 -4.15 32.27
N THR E 216 -40.06 -5.00 32.59
CA THR E 216 -41.46 -4.59 32.64
C THR E 216 -41.64 -3.38 33.57
N LYS E 217 -41.16 -3.51 34.81
CA LYS E 217 -41.28 -2.43 35.79
C LYS E 217 -40.57 -1.17 35.35
N ILE E 218 -39.44 -1.31 34.64
CA ILE E 218 -38.72 -0.13 34.13
C ILE E 218 -39.58 0.59 33.11
N GLU E 219 -40.28 -0.16 32.26
CA GLU E 219 -41.18 0.44 31.30
C GLU E 219 -42.30 1.21 31.99
N GLU E 220 -42.88 0.62 33.04
CA GLU E 220 -43.86 1.36 33.83
C GLU E 220 -43.30 2.69 34.32
N LEU E 221 -42.11 2.67 34.93
CA LEU E 221 -41.52 3.91 35.40
C LEU E 221 -41.26 4.90 34.26
N ARG E 222 -40.83 4.39 33.11
CA ARG E 222 -40.57 5.28 31.98
C ARG E 222 -41.84 5.97 31.50
N GLN E 223 -42.92 5.20 31.31
CA GLN E 223 -44.15 5.84 30.86
C GLN E 223 -44.70 6.76 31.94
N HIS E 224 -44.52 6.38 33.21
CA HIS E 224 -44.94 7.24 34.31
C HIS E 224 -44.20 8.57 34.25
N LEU E 225 -42.90 8.54 33.95
CA LEU E 225 -42.15 9.78 33.78
C LEU E 225 -42.66 10.55 32.56
N LEU E 226 -43.01 9.80 31.52
CA LEU E 226 -43.54 10.36 30.28
C LEU E 226 -44.90 11.04 30.51
N ARG E 227 -45.74 10.46 31.36
CA ARG E 227 -47.07 11.00 31.58
C ARG E 227 -47.02 12.39 32.19
N TRP E 228 -46.08 12.65 33.11
CA TRP E 228 -45.89 14.01 33.55
C TRP E 228 -45.29 14.86 32.44
N GLY E 229 -44.37 14.28 31.67
CA GLY E 229 -43.70 14.99 30.58
C GLY E 229 -44.61 15.44 29.45
N PRO E 242 -29.82 9.94 23.72
CA PRO E 242 -30.32 10.82 24.77
C PRO E 242 -31.69 10.40 25.29
N PHE E 243 -32.39 9.56 24.53
CA PHE E 243 -33.82 9.47 24.69
C PHE E 243 -34.17 8.58 25.88
N LEU E 244 -35.41 8.76 26.35
CA LEU E 244 -35.87 8.09 27.56
C LEU E 244 -35.90 6.57 27.41
N TRP E 245 -36.17 6.08 26.20
CA TRP E 245 -36.34 4.64 25.98
C TRP E 245 -35.11 3.82 26.37
N MET E 246 -33.91 4.34 26.12
CA MET E 246 -32.70 3.59 26.50
C MET E 246 -32.70 3.22 27.99
N GLY E 247 -31.99 2.13 28.30
CA GLY E 247 -31.76 1.67 29.66
C GLY E 247 -30.62 0.68 29.74
N TYR E 248 -29.72 0.83 30.72
CA TYR E 248 -28.55 -0.03 30.84
C TYR E 248 -28.69 -0.90 32.09
N GLU E 249 -28.33 -2.19 31.99
CA GLU E 249 -28.60 -3.13 33.08
C GLU E 249 -27.35 -3.62 33.81
N LEU E 250 -27.22 -3.23 35.08
CA LEU E 250 -26.17 -3.60 36.01
C LEU E 250 -26.65 -4.75 36.88
N HIS E 251 -25.71 -5.51 37.47
CA HIS E 251 -26.06 -6.50 38.50
C HIS E 251 -25.09 -6.37 39.67
N PRO E 252 -25.34 -5.39 40.54
CA PRO E 252 -24.44 -5.11 41.69
C PRO E 252 -24.23 -6.25 42.68
N ASP E 253 -25.22 -7.12 42.88
CA ASP E 253 -25.09 -8.24 43.82
C ASP E 253 -23.93 -9.17 43.49
N LYS E 254 -23.60 -9.34 42.22
CA LYS E 254 -22.54 -10.24 41.80
C LYS E 254 -21.19 -9.56 41.61
N TRP E 255 -21.00 -8.33 42.08
CA TRP E 255 -19.72 -7.66 41.92
C TRP E 255 -18.66 -8.22 42.89
N THR E 256 -17.81 -9.08 42.33
CA THR E 256 -16.70 -9.78 42.96
C THR E 256 -15.60 -8.81 43.43
N VAL E 257 -14.76 -9.32 44.34
CA VAL E 257 -13.56 -8.62 44.80
C VAL E 257 -12.38 -9.52 44.46
N GLN E 258 -11.30 -8.90 43.96
CA GLN E 258 -10.09 -9.57 43.50
C GLN E 258 -8.92 -9.46 44.48
N PRO E 259 -8.61 -10.51 45.26
CA PRO E 259 -7.56 -10.36 46.28
C PRO E 259 -6.18 -10.65 45.71
N ILE E 260 -5.17 -10.59 46.57
CA ILE E 260 -3.79 -10.95 46.24
C ILE E 260 -3.57 -12.44 46.46
N VAL E 261 -3.01 -13.13 45.46
CA VAL E 261 -2.82 -14.57 45.62
C VAL E 261 -1.37 -14.87 45.26
N LEU E 262 -0.67 -15.79 46.11
CA LEU E 262 0.63 -16.02 45.49
C LEU E 262 0.58 -17.24 44.57
N PRO E 263 1.26 -17.32 43.43
CA PRO E 263 1.22 -18.58 42.67
C PRO E 263 1.91 -19.64 43.51
N GLU E 264 1.69 -20.91 43.21
CA GLU E 264 2.44 -21.96 43.89
C GLU E 264 3.24 -22.81 42.91
N LYS E 265 4.54 -22.88 43.11
CA LYS E 265 5.47 -23.63 42.29
C LYS E 265 5.88 -24.90 43.01
N ASP E 266 6.19 -25.92 42.23
CA ASP E 266 6.82 -27.10 42.78
C ASP E 266 8.34 -27.00 42.82
N SER E 267 8.97 -26.35 41.85
CA SER E 267 10.41 -26.09 41.90
C SER E 267 10.60 -24.58 41.90
N TRP E 268 11.40 -24.06 42.83
CA TRP E 268 11.65 -22.62 42.92
C TRP E 268 13.10 -22.27 42.56
N THR E 269 13.28 -21.32 41.63
CA THR E 269 14.60 -20.74 41.39
C THR E 269 14.86 -19.57 42.34
N VAL E 270 16.14 -19.18 42.42
CA VAL E 270 16.53 -17.98 43.17
C VAL E 270 15.71 -16.77 42.71
N ASN E 271 15.55 -16.64 41.39
CA ASN E 271 14.72 -15.59 40.82
C ASN E 271 13.30 -15.65 41.37
N ASP E 272 12.69 -16.85 41.38
CA ASP E 272 11.32 -16.96 41.88
C ASP E 272 11.20 -16.46 43.31
N ILE E 273 12.13 -16.81 44.19
CA ILE E 273 12.00 -16.38 45.59
C ILE E 273 12.24 -14.88 45.73
N GLN E 274 13.14 -14.29 44.92
CA GLN E 274 13.26 -12.84 44.94
C GLN E 274 11.96 -12.17 44.51
N LYS E 275 11.29 -12.70 43.48
CA LYS E 275 10.03 -12.11 43.07
C LYS E 275 9.01 -12.27 44.20
N LEU E 276 8.94 -13.48 44.76
CA LEU E 276 7.99 -13.77 45.82
C LEU E 276 8.23 -12.86 47.02
N VAL E 277 9.49 -12.60 47.35
CA VAL E 277 9.80 -11.79 48.52
C VAL E 277 9.47 -10.33 48.24
N GLY E 278 9.76 -9.86 47.02
CA GLY E 278 9.38 -8.51 46.68
C GLY E 278 7.88 -8.34 46.71
N LYS E 279 7.14 -9.33 46.21
CA LYS E 279 5.68 -9.25 46.24
C LYS E 279 5.13 -9.24 47.65
N LEU E 280 5.62 -10.15 48.51
CA LEU E 280 5.09 -10.21 49.87
C LEU E 280 5.44 -8.97 50.65
N ASN E 281 6.63 -8.43 50.41
CA ASN E 281 7.08 -7.25 51.15
C ASN E 281 6.35 -5.99 50.72
N TRP E 282 5.93 -5.92 49.46
CA TRP E 282 5.08 -4.81 49.04
C TRP E 282 3.71 -4.92 49.71
N ALA E 283 3.15 -6.14 49.71
CA ALA E 283 1.85 -6.42 50.32
C ALA E 283 1.83 -6.06 51.80
N SER E 284 2.98 -6.23 52.47
CA SER E 284 3.05 -6.02 53.92
C SER E 284 2.56 -4.63 54.32
N GLN E 285 2.62 -3.66 53.41
CA GLN E 285 2.03 -2.35 53.67
C GLN E 285 0.53 -2.42 53.80
N ILE E 286 -0.09 -3.47 53.26
CA ILE E 286 -1.53 -3.67 53.32
C ILE E 286 -1.90 -4.63 54.44
N TYR E 287 -1.26 -5.79 54.47
CA TYR E 287 -1.39 -6.73 55.59
C TYR E 287 -0.10 -6.72 56.41
N PRO E 288 -0.09 -6.12 57.60
CA PRO E 288 1.18 -5.95 58.32
C PRO E 288 1.76 -7.23 58.88
N GLY E 289 0.96 -8.27 59.11
CA GLY E 289 1.51 -9.47 59.70
C GLY E 289 2.35 -10.32 58.78
N ILE E 290 2.57 -9.88 57.54
CA ILE E 290 3.28 -10.67 56.55
C ILE E 290 4.77 -10.60 56.84
N LYS E 291 5.46 -11.73 56.71
CA LYS E 291 6.86 -11.84 57.06
C LYS E 291 7.62 -12.46 55.88
N VAL E 292 8.87 -12.03 55.70
CA VAL E 292 9.69 -12.57 54.62
C VAL E 292 11.02 -13.07 55.17
N ARG E 293 11.13 -13.14 56.49
CA ARG E 293 12.40 -13.54 57.12
C ARG E 293 12.84 -14.93 56.66
N GLN E 294 11.96 -15.92 56.85
CA GLN E 294 12.28 -17.29 56.51
C GLN E 294 12.58 -17.47 55.04
N LEU E 295 11.87 -16.74 54.18
CA LEU E 295 12.09 -16.86 52.74
C LEU E 295 13.39 -16.18 52.34
N SER E 296 13.66 -15.00 52.89
CA SER E 296 14.89 -14.27 52.59
C SER E 296 16.14 -15.06 52.96
N LYS E 297 16.14 -15.73 54.12
CA LYS E 297 17.23 -16.63 54.49
C LYS E 297 17.61 -17.58 53.36
N LEU E 298 16.62 -18.16 52.68
CA LEU E 298 16.96 -19.13 51.64
C LEU E 298 17.84 -18.52 50.54
N LEU E 299 18.00 -17.20 50.51
CA LEU E 299 18.78 -16.54 49.48
C LEU E 299 20.16 -16.13 49.99
N ARG E 300 20.60 -16.66 51.13
CA ARG E 300 21.87 -16.21 51.69
C ARG E 300 23.03 -16.64 50.79
N GLY E 301 23.93 -15.70 50.55
CA GLY E 301 25.00 -15.86 49.59
C GLY E 301 24.73 -15.05 48.33
N THR E 302 25.73 -15.05 47.46
CA THR E 302 25.67 -14.51 46.10
C THR E 302 25.33 -15.62 45.10
N LYS E 303 24.06 -15.87 44.83
CA LYS E 303 23.74 -17.03 44.00
C LYS E 303 23.21 -16.63 42.63
N ALA E 304 23.40 -17.54 41.67
CA ALA E 304 22.84 -17.42 40.33
C ALA E 304 21.31 -17.34 40.33
N LEU E 305 20.76 -16.38 39.57
CA LEU E 305 19.31 -16.20 39.55
C LEU E 305 18.56 -17.50 39.23
N THR E 306 19.17 -18.37 38.43
CA THR E 306 18.57 -19.56 37.86
C THR E 306 18.68 -20.79 38.76
N GLU E 307 19.42 -20.69 39.86
CA GLU E 307 19.60 -21.84 40.75
C GLU E 307 18.31 -22.22 41.45
N VAL E 308 18.02 -23.52 41.43
CA VAL E 308 16.90 -24.12 42.15
C VAL E 308 17.30 -24.30 43.61
N ILE E 309 16.45 -23.85 44.54
CA ILE E 309 16.71 -24.01 45.96
C ILE E 309 15.52 -24.54 46.73
N PRO E 310 15.67 -25.67 47.44
CA PRO E 310 14.58 -26.25 48.22
C PRO E 310 14.09 -25.32 49.30
N LEU E 311 12.77 -25.21 49.45
CA LEU E 311 12.27 -24.37 50.53
C LEU E 311 12.54 -25.07 51.87
N THR E 312 13.07 -24.32 52.84
CA THR E 312 13.17 -24.79 54.22
C THR E 312 11.81 -24.92 54.89
N GLU E 313 11.74 -25.77 55.92
CA GLU E 313 10.48 -26.00 56.64
C GLU E 313 9.90 -24.68 57.16
N GLU E 314 10.76 -23.83 57.71
CA GLU E 314 10.36 -22.51 58.21
C GLU E 314 9.76 -21.70 57.07
N ALA E 315 10.44 -21.68 55.93
CA ALA E 315 9.95 -20.97 54.77
C ALA E 315 8.58 -21.51 54.36
N GLU E 316 8.42 -22.83 54.36
CA GLU E 316 7.10 -23.39 54.06
C GLU E 316 6.08 -22.91 55.09
N LEU E 317 6.45 -22.93 56.38
CA LEU E 317 5.53 -22.42 57.39
C LEU E 317 5.28 -20.93 57.14
N GLU E 318 6.33 -20.18 56.86
CA GLU E 318 6.18 -18.75 56.63
C GLU E 318 5.21 -18.50 55.49
N LEU E 319 5.38 -19.25 54.39
CA LEU E 319 4.51 -19.10 53.24
C LEU E 319 3.07 -19.42 53.60
N ALA E 320 2.86 -20.53 54.31
CA ALA E 320 1.51 -20.90 54.70
C ALA E 320 0.90 -19.83 55.59
N GLU E 321 1.68 -19.33 56.56
CA GLU E 321 1.24 -18.24 57.41
C GLU E 321 0.88 -17.00 56.60
N ASN E 322 1.62 -16.74 55.51
CA ASN E 322 1.34 -15.57 54.70
C ASN E 322 0.06 -15.76 53.89
N ARG E 323 -0.15 -16.98 53.39
CA ARG E 323 -1.39 -17.33 52.70
C ARG E 323 -2.61 -17.14 53.60
N GLU E 324 -2.52 -17.55 54.87
CA GLU E 324 -3.64 -17.31 55.79
C GLU E 324 -4.00 -15.83 55.84
N ILE E 325 -3.00 -14.99 56.04
CA ILE E 325 -3.21 -13.54 56.13
C ILE E 325 -3.84 -12.96 54.86
N LEU E 326 -3.36 -13.37 53.68
CA LEU E 326 -3.96 -12.85 52.45
C LEU E 326 -5.41 -13.26 52.20
N LYS E 327 -5.89 -14.34 52.79
CA LYS E 327 -7.29 -14.75 52.63
C LYS E 327 -8.28 -13.85 53.37
N GLU E 328 -7.87 -13.27 54.45
CA GLU E 328 -8.81 -12.50 55.25
C GLU E 328 -8.93 -11.06 54.75
N PRO E 329 -10.01 -10.38 55.11
CA PRO E 329 -10.21 -9.01 54.63
C PRO E 329 -9.32 -8.05 55.39
N VAL E 330 -9.02 -6.92 54.75
CA VAL E 330 -8.16 -5.95 55.42
C VAL E 330 -8.84 -5.38 56.65
N HIS E 331 -8.02 -5.08 57.64
CA HIS E 331 -8.41 -4.58 58.95
C HIS E 331 -8.56 -3.06 58.97
N GLY E 332 -9.60 -2.56 59.61
CA GLY E 332 -9.68 -1.11 59.70
C GLY E 332 -9.85 -0.32 58.43
N VAL E 333 -10.79 -0.71 57.59
CA VAL E 333 -11.06 -0.01 56.33
C VAL E 333 -12.52 0.41 56.35
N TYR E 334 -12.72 1.72 56.38
CA TYR E 334 -13.97 2.38 56.75
C TYR E 334 -14.25 3.41 55.67
N TYR E 335 -15.49 3.48 55.21
CA TYR E 335 -15.82 4.53 54.25
C TYR E 335 -16.14 5.80 55.03
N ASP E 336 -15.48 6.90 54.67
CA ASP E 336 -15.81 8.22 55.20
C ASP E 336 -16.56 9.03 54.17
N PRO E 337 -17.84 9.34 54.40
CA PRO E 337 -18.64 10.00 53.35
C PRO E 337 -18.15 11.39 52.98
N SER E 338 -17.29 12.02 53.79
CA SER E 338 -16.82 13.37 53.48
C SER E 338 -15.53 13.41 52.67
N LYS E 339 -14.84 12.30 52.50
CA LYS E 339 -13.56 12.30 51.78
C LYS E 339 -13.78 11.78 50.35
N ASP E 340 -12.91 12.22 49.45
CA ASP E 340 -13.03 11.82 48.06
C ASP E 340 -12.56 10.38 47.86
N LEU E 341 -13.07 9.77 46.79
CA LEU E 341 -12.61 8.47 46.33
C LEU E 341 -11.53 8.65 45.29
N ILE E 342 -10.53 7.77 45.35
CA ILE E 342 -9.43 7.73 44.39
C ILE E 342 -9.43 6.35 43.75
N ALA E 343 -9.21 6.32 42.43
CA ALA E 343 -9.08 5.07 41.70
C ALA E 343 -7.76 5.04 40.96
N GLU E 344 -7.04 3.93 41.12
CA GLU E 344 -5.82 3.63 40.36
C GLU E 344 -6.14 2.49 39.42
N ILE E 345 -5.60 2.57 38.20
CA ILE E 345 -5.76 1.54 37.18
C ILE E 345 -4.39 1.08 36.71
N GLN E 346 -4.19 -0.24 36.63
CA GLN E 346 -2.99 -0.77 36.00
C GLN E 346 -3.37 -1.52 34.73
N LYS E 347 -2.58 -1.32 33.69
CA LYS E 347 -2.66 -2.11 32.46
C LYS E 347 -1.90 -3.41 32.63
N GLN E 348 -2.61 -4.54 32.56
CA GLN E 348 -1.99 -5.84 32.76
C GLN E 348 -1.65 -6.55 31.46
N GLY E 349 -2.07 -6.02 30.31
CA GLY E 349 -1.81 -6.72 29.07
C GLY E 349 -2.91 -7.71 28.72
N GLN E 350 -2.97 -8.04 27.43
CA GLN E 350 -3.96 -9.00 26.91
C GLN E 350 -5.38 -8.51 27.19
N GLY E 351 -5.56 -7.20 27.17
CA GLY E 351 -6.88 -6.65 27.40
C GLY E 351 -7.31 -6.74 28.85
N GLN E 352 -6.36 -6.92 29.77
CA GLN E 352 -6.68 -7.04 31.18
C GLN E 352 -6.26 -5.78 31.92
N TRP E 353 -7.17 -5.24 32.73
CA TRP E 353 -6.93 -4.04 33.52
C TRP E 353 -7.34 -4.30 34.96
N THR E 354 -6.49 -3.91 35.90
CA THR E 354 -6.81 -4.06 37.32
C THR E 354 -7.04 -2.67 37.91
N TYR E 355 -7.84 -2.59 38.96
CA TYR E 355 -8.09 -1.30 39.58
C TYR E 355 -8.34 -1.46 41.08
N GLN E 356 -8.07 -0.39 41.81
CA GLN E 356 -8.38 -0.29 43.23
C GLN E 356 -9.05 1.04 43.52
N ILE E 357 -10.05 1.03 44.40
CA ILE E 357 -10.73 2.24 44.86
C ILE E 357 -10.45 2.39 46.34
N TYR E 358 -9.91 3.54 46.73
CA TYR E 358 -9.53 3.77 48.12
C TYR E 358 -9.67 5.24 48.47
N GLN E 359 -9.68 5.52 49.78
CA GLN E 359 -9.62 6.88 50.27
C GLN E 359 -8.30 7.18 50.96
N GLU E 360 -7.69 6.17 51.56
CA GLU E 360 -6.38 6.28 52.19
C GLU E 360 -5.50 5.17 51.61
N PRO E 361 -4.24 5.47 51.30
CA PRO E 361 -3.33 4.45 50.77
C PRO E 361 -3.37 3.16 51.56
N PHE E 362 -3.43 2.04 50.83
CA PHE E 362 -3.38 0.68 51.37
C PHE E 362 -4.61 0.30 52.19
N LYS E 363 -5.63 1.15 52.23
CA LYS E 363 -6.93 0.80 52.79
C LYS E 363 -7.97 0.83 51.66
N ASN E 364 -7.88 -0.17 50.79
CA ASN E 364 -8.74 -0.24 49.61
C ASN E 364 -10.18 -0.56 50.00
N LEU E 365 -11.10 0.29 49.55
CA LEU E 365 -12.51 -0.01 49.71
C LEU E 365 -12.98 -1.07 48.72
N LYS E 366 -12.36 -1.13 47.54
CA LYS E 366 -12.73 -2.14 46.56
C LYS E 366 -11.56 -2.39 45.62
N THR E 367 -11.44 -3.63 45.17
CA THR E 367 -10.46 -4.03 44.18
C THR E 367 -11.19 -4.80 43.09
N GLY E 368 -10.66 -4.76 41.89
CA GLY E 368 -11.32 -5.42 40.79
C GLY E 368 -10.43 -5.54 39.58
N LYS E 369 -10.98 -6.21 38.56
CA LYS E 369 -10.26 -6.45 37.31
C LYS E 369 -11.27 -6.45 36.17
N TYR E 370 -10.91 -5.79 35.08
CA TYR E 370 -11.67 -5.78 33.84
C TYR E 370 -10.91 -6.49 32.72
N ALA E 371 -11.65 -7.19 31.84
CA ALA E 371 -11.07 -7.86 30.69
C ALA E 371 -11.96 -7.81 29.45
N ARG E 372 -11.33 -7.86 28.26
CA ARG E 372 -12.06 -8.12 27.00
C ARG E 372 -13.15 -7.11 26.68
N MET E 373 -12.88 -5.84 26.89
CA MET E 373 -13.86 -4.84 26.52
C MET E 373 -13.75 -4.54 25.03
N ARG E 374 -14.71 -3.77 24.53
CA ARG E 374 -14.65 -3.32 23.13
C ARG E 374 -13.33 -2.60 22.87
N GLY E 375 -12.70 -2.96 21.76
CA GLY E 375 -11.40 -2.41 21.43
C GLY E 375 -10.22 -3.23 21.91
N ALA E 376 -10.48 -4.34 22.62
CA ALA E 376 -9.42 -5.19 23.16
C ALA E 376 -8.51 -5.71 22.05
N HIS E 377 -7.19 -5.64 22.30
CA HIS E 377 -6.18 -6.05 21.32
C HIS E 377 -6.12 -5.15 20.09
N THR E 378 -6.86 -4.04 20.08
CA THR E 378 -6.65 -3.11 18.97
C THR E 378 -6.52 -1.68 19.48
N ASN E 379 -7.20 -1.29 20.57
CA ASN E 379 -7.17 0.12 20.97
C ASN E 379 -7.04 0.19 22.51
N ASP E 380 -5.81 0.37 23.00
CA ASP E 380 -5.57 0.52 24.43
C ASP E 380 -6.38 1.67 25.02
N VAL E 381 -6.47 2.79 24.30
CA VAL E 381 -7.06 4.00 24.86
C VAL E 381 -8.57 3.83 24.99
N LYS E 382 -9.19 3.16 24.02
CA LYS E 382 -10.62 2.88 24.10
C LYS E 382 -10.92 1.99 25.28
N GLN E 383 -10.14 0.91 25.45
CA GLN E 383 -10.28 0.03 26.61
C GLN E 383 -10.23 0.82 27.91
N LEU E 384 -9.24 1.71 28.04
CA LEU E 384 -9.10 2.45 29.29
C LEU E 384 -10.28 3.37 29.52
N THR E 385 -10.80 4.00 28.46
CA THR E 385 -11.96 4.88 28.60
C THR E 385 -13.14 4.11 29.14
N GLU E 386 -13.39 2.92 28.58
CA GLU E 386 -14.45 2.04 29.08
C GLU E 386 -14.20 1.65 30.53
N ALA E 387 -12.96 1.27 30.86
CA ALA E 387 -12.61 0.92 32.24
C ALA E 387 -13.01 2.04 33.20
N VAL E 388 -12.62 3.27 32.88
CA VAL E 388 -12.95 4.43 33.72
C VAL E 388 -14.46 4.58 33.89
N GLN E 389 -15.23 4.40 32.81
CA GLN E 389 -16.68 4.51 32.92
C GLN E 389 -17.28 3.41 33.80
N LYS E 390 -16.83 2.16 33.66
CA LYS E 390 -17.35 1.09 34.53
C LYS E 390 -17.04 1.37 36.00
N ILE E 391 -15.81 1.78 36.29
CA ILE E 391 -15.43 1.99 37.68
C ILE E 391 -16.25 3.13 38.26
N THR E 392 -16.39 4.24 37.50
CA THR E 392 -17.21 5.35 37.97
C THR E 392 -18.64 4.88 38.24
N THR E 393 -19.18 4.03 37.35
CA THR E 393 -20.54 3.54 37.52
C THR E 393 -20.67 2.71 38.79
N GLU E 394 -19.69 1.84 39.04
CA GLU E 394 -19.69 1.04 40.27
C GLU E 394 -19.62 1.93 41.50
N SER E 395 -18.78 2.97 41.46
CA SER E 395 -18.63 3.87 42.59
C SER E 395 -19.92 4.62 42.86
N ILE E 396 -20.65 4.99 41.80
CA ILE E 396 -21.91 5.70 42.00
C ILE E 396 -22.91 4.79 42.69
N VAL E 397 -23.04 3.56 42.19
CA VAL E 397 -23.97 2.61 42.78
C VAL E 397 -23.58 2.28 44.22
N ILE E 398 -22.30 1.99 44.45
CA ILE E 398 -21.89 1.61 45.80
C ILE E 398 -21.86 2.80 46.75
N TRP E 399 -21.31 3.95 46.33
CA TRP E 399 -21.18 5.07 47.24
C TRP E 399 -21.87 6.37 46.82
N GLY E 400 -22.40 6.46 45.61
CA GLY E 400 -22.97 7.73 45.18
C GLY E 400 -21.93 8.80 44.91
N LYS E 401 -20.70 8.42 44.59
CA LYS E 401 -19.63 9.36 44.33
C LYS E 401 -18.82 8.88 43.14
N THR E 402 -18.13 9.82 42.50
CA THR E 402 -17.22 9.42 41.45
C THR E 402 -15.79 9.60 41.94
N PRO E 403 -14.93 8.61 41.73
CA PRO E 403 -13.55 8.73 42.20
C PRO E 403 -12.72 9.65 41.32
N LYS E 404 -11.60 10.09 41.87
CA LYS E 404 -10.58 10.75 41.08
C LYS E 404 -9.60 9.69 40.58
N PHE E 405 -9.38 9.66 39.27
CA PHE E 405 -8.59 8.59 38.68
C PHE E 405 -7.12 8.98 38.56
N LYS E 406 -6.25 8.02 38.86
CA LYS E 406 -4.84 8.08 38.48
C LYS E 406 -4.71 7.22 37.21
N LEU E 407 -4.56 7.89 36.07
CA LEU E 407 -4.62 7.14 34.81
C LEU E 407 -3.25 6.74 34.31
N PRO E 408 -3.06 5.45 33.98
CA PRO E 408 -1.78 4.94 33.43
C PRO E 408 -1.65 5.24 31.95
N ILE E 409 -1.41 6.51 31.64
CA ILE E 409 -1.41 6.98 30.26
C ILE E 409 -0.83 8.38 30.22
N GLN E 410 -0.11 8.70 29.13
CA GLN E 410 0.38 10.05 28.96
CA GLN E 410 0.38 10.05 28.95
C GLN E 410 -0.78 11.01 28.75
N LYS E 411 -0.65 12.22 29.28
CA LYS E 411 -1.71 13.21 29.22
C LYS E 411 -2.13 13.50 27.78
N GLU E 412 -1.16 13.85 26.93
CA GLU E 412 -1.44 14.17 25.53
C GLU E 412 -2.18 13.02 24.82
N THR E 413 -1.76 11.78 25.06
CA THR E 413 -2.42 10.65 24.45
C THR E 413 -3.88 10.56 24.88
N TRP E 414 -4.13 10.65 26.19
CA TRP E 414 -5.51 10.62 26.70
C TRP E 414 -6.33 11.76 26.12
N GLU E 415 -5.80 12.98 26.19
CA GLU E 415 -6.56 14.16 25.84
C GLU E 415 -6.88 14.21 24.35
N THR E 416 -6.01 13.62 23.52
CA THR E 416 -6.25 13.59 22.08
C THR E 416 -7.44 12.72 21.71
N TRP E 417 -7.64 11.59 22.41
CA TRP E 417 -8.57 10.58 21.92
C TRP E 417 -9.79 10.28 22.81
N TRP E 418 -9.76 10.62 24.10
CA TRP E 418 -10.79 10.07 25.00
C TRP E 418 -12.21 10.45 24.61
N THR E 419 -12.44 11.64 24.06
CA THR E 419 -13.79 12.04 23.67
C THR E 419 -14.36 11.23 22.51
N GLU E 420 -13.50 10.59 21.71
CA GLU E 420 -14.02 9.68 20.68
C GLU E 420 -14.73 8.47 21.26
N TYR E 421 -14.43 8.07 22.49
CA TYR E 421 -15.01 6.85 23.05
C TYR E 421 -15.93 7.11 24.24
N TRP E 422 -16.04 8.36 24.69
CA TRP E 422 -16.84 8.68 25.86
C TRP E 422 -18.34 8.56 25.57
N GLN E 423 -19.05 7.77 26.37
CA GLN E 423 -20.48 7.52 26.15
C GLN E 423 -21.36 7.85 27.35
N ALA E 424 -20.82 8.48 28.39
CA ALA E 424 -21.53 8.77 29.63
C ALA E 424 -21.78 10.27 29.73
N THR E 425 -22.75 10.65 30.55
CA THR E 425 -23.17 12.04 30.65
C THR E 425 -22.47 12.81 31.76
N TRP E 426 -21.64 12.13 32.56
CA TRP E 426 -20.74 12.76 33.51
C TRP E 426 -19.30 12.55 33.07
N ILE E 427 -18.40 13.35 33.64
CA ILE E 427 -16.96 13.20 33.43
C ILE E 427 -16.25 13.27 34.78
N PRO E 428 -15.56 12.21 35.20
CA PRO E 428 -14.85 12.23 36.48
C PRO E 428 -13.62 13.10 36.42
N GLU E 429 -13.13 13.50 37.59
CA GLU E 429 -11.79 14.08 37.62
C GLU E 429 -10.76 12.99 37.37
N TRP E 430 -9.62 13.41 36.84
CA TRP E 430 -8.53 12.47 36.61
C TRP E 430 -7.19 13.20 36.65
N GLU E 431 -6.15 12.41 36.85
CA GLU E 431 -4.78 12.87 36.75
C GLU E 431 -3.97 11.75 36.10
N PHE E 432 -2.74 12.05 35.74
CA PHE E 432 -1.93 11.15 34.95
C PHE E 432 -0.73 10.69 35.75
N VAL E 433 -0.47 9.38 35.73
CA VAL E 433 0.67 8.80 36.42
C VAL E 433 1.43 7.93 35.45
N ASN E 434 2.71 7.67 35.77
CA ASN E 434 3.55 6.76 35.01
C ASN E 434 4.33 5.90 36.01
N THR E 435 3.77 4.75 36.34
CA THR E 435 4.26 3.90 37.43
C THR E 435 4.73 2.56 36.86
N PRO E 436 6.02 2.42 36.56
CA PRO E 436 6.52 1.12 36.08
C PRO E 436 6.18 0.03 37.08
N PRO E 437 5.67 -1.10 36.60
CA PRO E 437 5.30 -2.18 37.52
C PRO E 437 6.52 -2.94 38.00
N LEU E 438 7.00 -2.67 39.21
CA LEU E 438 8.16 -3.42 39.65
C LEU E 438 7.74 -4.71 40.34
N VAL E 439 6.61 -4.71 41.04
CA VAL E 439 6.00 -5.94 41.52
C VAL E 439 4.68 -6.10 40.81
N LYS E 440 4.42 -7.30 40.29
CA LYS E 440 3.12 -7.60 39.68
C LYS E 440 2.15 -8.00 40.79
N LEU E 441 1.60 -6.98 41.45
CA LEU E 441 0.88 -7.20 42.69
C LEU E 441 -0.53 -7.68 42.42
N TRP E 442 -1.24 -7.01 41.52
CA TRP E 442 -2.63 -7.34 41.28
C TRP E 442 -2.78 -8.21 40.05
N TYR E 443 -1.66 -8.57 39.42
CA TYR E 443 -1.56 -9.67 38.46
C TYR E 443 -2.62 -9.64 37.36
N1 OMC F 7 -4.80 40.64 20.44
C2 OMC F 7 -4.40 40.43 19.03
N3 OMC F 7 -3.00 40.67 18.63
C4 OMC F 7 -2.02 41.12 19.59
C5 OMC F 7 -2.41 41.33 20.99
C6 OMC F 7 -3.81 41.09 21.41
O2 OMC F 7 -5.23 40.06 18.21
N4 OMC F 7 -0.69 41.35 19.18
C1' OMC F 7 -6.21 40.38 20.83
C2' OMC F 7 -6.43 38.90 21.12
O2' OMC F 7 -7.79 38.60 20.89
CM2 OMC F 7 -8.13 38.40 19.50
C3' OMC F 7 -6.12 38.85 22.61
C4' OMC F 7 -6.77 40.13 23.09
O4' OMC F 7 -6.50 41.09 22.03
O3' OMC F 7 -6.55 37.68 23.26
C5' OMC F 7 -6.30 40.67 24.42
O5' OMC F 7 -4.97 41.17 24.31
P OMC F 7 -4.32 42.07 25.45
OP1 OMC F 7 -5.00 41.75 26.74
OP2 OMC F 7 -2.82 41.98 25.34
N1 OMC F 9 -1.23 32.12 17.50
C2 OMC F 9 0.03 32.58 16.87
N3 OMC F 9 0.85 33.60 17.55
C4 OMC F 9 0.45 34.15 18.82
C5 OMC F 9 -0.80 33.69 19.46
C6 OMC F 9 -1.64 32.68 18.78
O2 OMC F 9 0.39 32.12 15.80
N4 OMC F 9 1.25 35.13 19.45
C1' OMC F 9 -2.05 31.09 16.83
C2' OMC F 9 -1.50 29.69 17.03
O2' OMC F 9 -1.80 28.92 15.87
CM2 OMC F 9 -1.28 29.43 14.65
C3' OMC F 9 -2.32 29.21 18.22
C4' OMC F 9 -3.68 29.83 17.94
O4' OMC F 9 -3.36 31.12 17.38
O3' OMC F 9 -2.37 27.80 18.31
C5' OMC F 9 -4.57 30.02 19.15
O5' OMC F 9 -3.85 30.54 20.26
P OMC F 9 -4.60 31.32 21.43
OP1 OMC F 9 -5.44 30.34 22.18
OP2 OMC F 9 -3.59 32.17 22.15
C1 GLC G . 2.51 -11.64 -21.71
C2 GLC G . 1.86 -10.37 -21.18
C3 GLC G . 2.92 -9.40 -20.65
C4 GLC G . 3.79 -10.11 -19.63
C5 GLC G . 4.40 -11.35 -20.27
C6 GLC G . 5.28 -12.09 -19.27
O2 GLC G . 1.10 -9.75 -22.19
O3 GLC G . 2.34 -8.26 -20.07
O4 GLC G . 4.79 -9.25 -19.17
O5 GLC G . 3.37 -12.20 -20.73
O6 GLC G . 4.69 -12.00 -17.99
C1 FRU G . 2.25 -12.53 -24.77
C2 FRU G . 3.42 -12.40 -23.80
C3 FRU G . 4.71 -12.12 -24.56
C4 FRU G . 5.75 -12.91 -23.80
C5 FRU G . 4.95 -14.07 -23.21
C6 FRU G . 5.51 -14.52 -21.86
O1 FRU G . 1.14 -13.17 -24.17
O2 FRU G . 3.21 -11.31 -22.90
O3 FRU G . 5.01 -10.75 -24.55
O4 FRU G . 6.78 -13.37 -24.64
O5 FRU G . 3.61 -13.61 -23.10
O6 FRU G . 5.25 -15.89 -21.68
C1 GLC H . -10.48 19.58 33.06
C2 GLC H . -11.61 20.26 33.83
C3 GLC H . -11.07 20.69 35.19
C4 GLC H . -10.49 19.48 35.92
C5 GLC H . -9.49 18.75 35.03
C6 GLC H . -9.04 17.46 35.71
O2 GLC H . -12.09 21.36 33.10
O3 GLC H . -12.10 21.25 35.97
O4 GLC H . -9.84 19.90 37.09
O5 GLC H . -10.07 18.43 33.79
O6 GLC H . -10.12 16.55 35.74
C1 FRU H . -9.63 21.16 30.67
C2 FRU H . -8.77 20.46 31.71
C3 FRU H . -7.41 21.13 31.89
C4 FRU H . -6.49 19.99 32.24
C5 FRU H . -7.13 18.79 31.55
C6 FRU H . -7.00 17.51 32.37
O1 FRU H . -8.92 21.32 29.46
O2 FRU H . -9.41 20.49 32.96
O3 FRU H . -7.48 22.07 32.94
O4 FRU H . -5.20 20.21 31.75
O5 FRU H . -8.50 19.11 31.33
O6 FRU H . -6.71 16.43 31.52
MG MG I . 42.38 -19.01 -12.37
C1 PPF J . -10.45 -10.62 -58.37
O1 PPF J . -9.88 -8.54 -56.74
O2 PPF J . -12.23 -9.30 -56.79
O3 PPF J . -11.29 -8.05 -58.71
O4 PPF J . -11.00 -11.69 -58.04
O5 PPF J . -9.50 -10.60 -59.21
P1 PPF J . -10.99 -9.05 -57.62
MG MG K . -10.20 -13.61 -54.19
MG MG L . -11.73 -11.37 -55.97
MG MG M . 39.61 -20.54 -14.29
S SO4 N . 24.98 -36.22 -37.01
O1 SO4 N . 23.61 -36.22 -36.49
O2 SO4 N . 25.28 -34.90 -37.58
O3 SO4 N . 25.91 -36.51 -35.93
O4 SO4 N . 25.09 -37.24 -38.05
C1 GOL O . 16.12 -2.70 2.29
O1 GOL O . 17.11 -3.53 1.74
C2 GOL O . 14.77 -3.42 2.31
O2 GOL O . 13.99 -2.98 1.21
C3 GOL O . 14.98 -4.92 2.22
O3 GOL O . 15.70 -5.38 3.34
C1 GOL P . 1.74 -16.90 -24.04
O1 GOL P . 1.84 -17.28 -22.68
C2 GOL P . 1.20 -18.05 -24.90
O2 GOL P . 2.24 -18.65 -25.64
C3 GOL P . 0.48 -19.09 -24.05
O3 GOL P . 0.69 -20.38 -24.61
C1 PPF Q . -6.53 49.16 7.39
O1 PPF Q . -6.82 49.82 10.01
O2 PPF Q . -8.88 49.33 8.73
O3 PPF Q . -7.67 51.44 8.36
O4 PPF Q . -6.92 48.07 6.89
O5 PPF Q . -5.46 49.67 6.99
P1 PPF Q . -7.51 49.97 8.68
MG MG R . 21.70 -0.02 49.39
MG MG S . -7.71 44.34 8.15
MG MG T . -8.86 47.41 8.17
S SO4 U . 19.90 9.81 16.05
O1 SO4 U . 18.69 10.29 16.74
O2 SO4 U . 21.07 10.47 16.61
O3 SO4 U . 20.01 8.36 16.25
O4 SO4 U . 19.80 10.10 14.63
MG MG V . 20.62 0.96 46.17
P ATM W . -8.24 -11.96 -54.61
OP1 ATM W . -7.24 -12.34 -55.64
OP2 ATM W . -9.41 -12.20 -55.50
O5' ATM W . -8.09 -10.38 -54.29
C5' ATM W . -9.01 -9.78 -53.37
C4' ATM W . -8.61 -8.37 -52.91
O4' ATM W . -7.30 -8.39 -52.29
C3' ATM W . -8.53 -7.41 -54.08
N3' ATM W . -9.83 -6.76 -54.23
N4' ATM W . -10.09 -5.99 -55.18
N5' ATM W . -10.36 -5.21 -56.12
C2' ATM W . -7.51 -6.39 -53.62
C1' ATM W . -6.62 -7.14 -52.61
N1 ATM W . -5.27 -7.35 -53.18
C2 ATM W . -4.33 -6.34 -52.97
O2 ATM W . -4.63 -5.32 -52.34
N3 ATM W . -3.03 -6.47 -53.48
C4 ATM W . -2.69 -7.62 -54.19
O4 ATM W . -1.54 -7.74 -54.63
C5 ATM W . -3.62 -8.63 -54.40
C5A ATM W . -3.23 -9.88 -55.18
C6 ATM W . -4.92 -8.50 -53.88
P ATM X . -6.18 45.35 9.84
OP1 ATM X . -4.84 45.90 9.48
OP2 ATM X . -6.79 46.05 8.69
O5' ATM X . -6.69 46.12 11.18
C5' ATM X . -8.02 45.90 11.67
C4' ATM X . -8.25 46.46 13.07
O4' ATM X . -7.32 45.80 13.96
C3' ATM X . -7.88 47.94 13.09
N3' ATM X . -9.10 48.74 12.88
N4' ATM X . -9.03 49.98 12.72
N5' ATM X . -8.96 51.22 12.58
C2' ATM X . -7.39 48.15 14.50
C1' ATM X . -6.86 46.77 14.92
N1 ATM X . -5.39 46.83 14.91
C2 ATM X . -4.72 47.13 16.09
O2 ATM X . -5.35 47.35 17.13
N3 ATM X . -3.32 47.19 16.10
C4 ATM X . -2.61 46.94 14.91
O4 ATM X . -1.38 46.99 14.92
C5 ATM X . -3.29 46.63 13.74
C5A ATM X . -2.52 46.36 12.45
C6 ATM X . -4.69 46.58 13.73
#